data_2J89
# 
_entry.id   2J89 
# 
_audit_conform.dict_name       mmcif_pdbx.dic 
_audit_conform.dict_version    5.403 
_audit_conform.dict_location   http://mmcif.pdb.org/dictionaries/ascii/mmcif_pdbx.dic 
# 
loop_
_database_2.database_id 
_database_2.database_code 
_database_2.pdbx_database_accession 
_database_2.pdbx_DOI 
PDB   2J89         pdb_00002j89 10.2210/pdb2j89/pdb 
PDBE  EBI-30311    ?            ?                   
WWPDB D_1290030311 ?            ?                   
# 
loop_
_pdbx_audit_revision_history.ordinal 
_pdbx_audit_revision_history.data_content_type 
_pdbx_audit_revision_history.major_revision 
_pdbx_audit_revision_history.minor_revision 
_pdbx_audit_revision_history.revision_date 
_pdbx_audit_revision_history.part_number 
1 'Structure model' 1 0 2006-11-23 ? 
2 'Structure model' 1 1 2011-05-08 ? 
3 'Structure model' 1 2 2011-07-13 ? 
4 'Structure model' 1 3 2025-04-09 ? 
# 
_pdbx_audit_revision_details.ordinal             1 
_pdbx_audit_revision_details.revision_ordinal    1 
_pdbx_audit_revision_details.data_content_type   'Structure model' 
_pdbx_audit_revision_details.provider            repository 
_pdbx_audit_revision_details.type                'Initial release' 
_pdbx_audit_revision_details.description         ? 
_pdbx_audit_revision_details.details             ? 
# 
loop_
_pdbx_audit_revision_group.ordinal 
_pdbx_audit_revision_group.revision_ordinal 
_pdbx_audit_revision_group.data_content_type 
_pdbx_audit_revision_group.group 
1 2 'Structure model' 'Version format compliance' 
2 3 'Structure model' 'Version format compliance' 
3 4 'Structure model' 'Data collection'           
4 4 'Structure model' 'Database references'       
5 4 'Structure model' 'Derived calculations'      
6 4 'Structure model' Other                       
7 4 'Structure model' 'Structure summary'         
# 
loop_
_pdbx_audit_revision_category.ordinal 
_pdbx_audit_revision_category.revision_ordinal 
_pdbx_audit_revision_category.data_content_type 
_pdbx_audit_revision_category.category 
1 4 'Structure model' chem_comp_atom            
2 4 'Structure model' chem_comp_bond            
3 4 'Structure model' database_2                
4 4 'Structure model' pdbx_database_status      
5 4 'Structure model' pdbx_entry_details        
6 4 'Structure model' pdbx_modification_feature 
7 4 'Structure model' struct_conn               
8 4 'Structure model' struct_site               
# 
loop_
_pdbx_audit_revision_item.ordinal 
_pdbx_audit_revision_item.revision_ordinal 
_pdbx_audit_revision_item.data_content_type 
_pdbx_audit_revision_item.item 
1 4 'Structure model' '_database_2.pdbx_DOI'                 
2 4 'Structure model' '_database_2.pdbx_database_accession'  
3 4 'Structure model' '_pdbx_database_status.status_code_sf' 
4 4 'Structure model' '_struct_conn.pdbx_leaving_atom_flag'  
5 4 'Structure model' '_struct_site.pdbx_auth_asym_id'       
6 4 'Structure model' '_struct_site.pdbx_auth_comp_id'       
7 4 'Structure model' '_struct_site.pdbx_auth_seq_id'        
# 
_pdbx_database_status.status_code                     REL 
_pdbx_database_status.entry_id                        2J89 
_pdbx_database_status.deposit_site                    PDBE 
_pdbx_database_status.process_site                    PDBE 
_pdbx_database_status.SG_entry                        . 
_pdbx_database_status.recvd_initial_deposition_date   2006-10-23 
_pdbx_database_status.pdb_format_compatible           Y 
_pdbx_database_status.status_code_sf                  REL 
_pdbx_database_status.status_code_mr                  ? 
_pdbx_database_status.status_code_cs                  ? 
_pdbx_database_status.methods_development_category    ? 
_pdbx_database_status.status_code_nmr_data            ? 
# 
loop_
_audit_author.name 
_audit_author.pdbx_ordinal 
'Rouhier, N.'       1 
'Kauffmann, B.'     2 
'Tete-Favier, F.'   3 
'Palladino, P.'     4 
'Gans, P.'          5 
'Branlant, G.'      6 
'Jacquot, J.P.'     7 
'Boschi-Muller, S.' 8 
# 
_citation.id                        primary 
_citation.title                     
'Functional and Structural Aspects of Poplar Cytosolic and Plastidial Type a Methionine Sulfoxide Reductases' 
_citation.journal_abbrev            J.Biol.Chem. 
_citation.journal_volume            282 
_citation.page_first                3367 
_citation.page_last                 ? 
_citation.year                      2007 
_citation.journal_id_ASTM           JBCHA3 
_citation.country                   US 
_citation.journal_id_ISSN           0021-9258 
_citation.journal_id_CSD            0071 
_citation.book_publisher            ? 
_citation.pdbx_database_id_PubMed   17135266 
_citation.pdbx_database_id_DOI      10.1074/JBC.M605007200 
# 
loop_
_citation_author.citation_id 
_citation_author.name 
_citation_author.ordinal 
_citation_author.identifier_ORCID 
primary 'Rouhier, N.'       1 ? 
primary 'Kauffmann, B.'     2 ? 
primary 'Tete-Favier, F.'   3 ? 
primary 'Palladino, P.'     4 ? 
primary 'Gans, P.'          5 ? 
primary 'Branlant, G.'      6 ? 
primary 'Jacquot, J.P.'     7 ? 
primary 'Boschi-Muller, S.' 8 ? 
# 
loop_
_entity.id 
_entity.type 
_entity.src_method 
_entity.pdbx_description 
_entity.formula_weight 
_entity.pdbx_number_of_molecules 
_entity.pdbx_ec 
_entity.pdbx_mutation 
_entity.pdbx_fragment 
_entity.details 
1 polymer     man 'METHIONINE SULFOXIDE REDUCTASE A' 29318.014 1   ? ? ? ? 
2 non-polymer syn BETA-MERCAPTOETHANOL               78.133    3   ? ? ? ? 
3 water       nat water                              18.015    171 ? ? ? ? 
# 
_entity_name_com.entity_id   1 
_entity_name_com.name        'METHIONINE SULFOXIDE REDUCTASE' 
# 
_entity_poly.entity_id                      1 
_entity_poly.type                           'polypeptide(L)' 
_entity_poly.nstd_linkage                   no 
_entity_poly.nstd_monomer                   yes 
_entity_poly.pdbx_seq_one_letter_code       
;MLQTLSTHLSSTSTSTTTPLLLLSKPFLSPSAKSQLSHSKPFNFPRTLKPISYYKPPMANILSKLGFGTRSPDPSTMDPT
IPQGPDDDLPAPGQQFAQFGAGCFWGVELAFQRVPGVTKTEVGYTQGLLHNPTYEDV(CSO)TGTTNHNEVVRVQYDPKE
CSFDTLIDVLWARHDPTTLNRQGNDVGTQYRSGIYYYTPEQEKAAKESLERQQKLLNRKIVTEILPAKKFYRAEEYHQQY
LAKGGRFGFMQSAEKGCNDPIRCYG
;
_entity_poly.pdbx_seq_one_letter_code_can   
;MLQTLSTHLSSTSTSTTTPLLLLSKPFLSPSAKSQLSHSKPFNFPRTLKPISYYKPPMANILSKLGFGTRSPDPSTMDPT
IPQGPDDDLPAPGQQFAQFGAGCFWGVELAFQRVPGVTKTEVGYTQGLLHNPTYEDVCTGTTNHNEVVRVQYDPKECSFD
TLIDVLWARHDPTTLNRQGNDVGTQYRSGIYYYTPEQEKAAKESLERQQKLLNRKIVTEILPAKKFYRAEEYHQQYLAKG
GRFGFMQSAEKGCNDPIRCYG
;
_entity_poly.pdbx_strand_id                 A 
_entity_poly.pdbx_target_identifier         ? 
# 
loop_
_pdbx_entity_nonpoly.entity_id 
_pdbx_entity_nonpoly.name 
_pdbx_entity_nonpoly.comp_id 
2 BETA-MERCAPTOETHANOL BME 
3 water                HOH 
# 
loop_
_entity_poly_seq.entity_id 
_entity_poly_seq.num 
_entity_poly_seq.mon_id 
_entity_poly_seq.hetero 
1 1   MET n 
1 2   LEU n 
1 3   GLN n 
1 4   THR n 
1 5   LEU n 
1 6   SER n 
1 7   THR n 
1 8   HIS n 
1 9   LEU n 
1 10  SER n 
1 11  SER n 
1 12  THR n 
1 13  SER n 
1 14  THR n 
1 15  SER n 
1 16  THR n 
1 17  THR n 
1 18  THR n 
1 19  PRO n 
1 20  LEU n 
1 21  LEU n 
1 22  LEU n 
1 23  LEU n 
1 24  SER n 
1 25  LYS n 
1 26  PRO n 
1 27  PHE n 
1 28  LEU n 
1 29  SER n 
1 30  PRO n 
1 31  SER n 
1 32  ALA n 
1 33  LYS n 
1 34  SER n 
1 35  GLN n 
1 36  LEU n 
1 37  SER n 
1 38  HIS n 
1 39  SER n 
1 40  LYS n 
1 41  PRO n 
1 42  PHE n 
1 43  ASN n 
1 44  PHE n 
1 45  PRO n 
1 46  ARG n 
1 47  THR n 
1 48  LEU n 
1 49  LYS n 
1 50  PRO n 
1 51  ILE n 
1 52  SER n 
1 53  TYR n 
1 54  TYR n 
1 55  LYS n 
1 56  PRO n 
1 57  PRO n 
1 58  MET n 
1 59  ALA n 
1 60  ASN n 
1 61  ILE n 
1 62  LEU n 
1 63  SER n 
1 64  LYS n 
1 65  LEU n 
1 66  GLY n 
1 67  PHE n 
1 68  GLY n 
1 69  THR n 
1 70  ARG n 
1 71  SER n 
1 72  PRO n 
1 73  ASP n 
1 74  PRO n 
1 75  SER n 
1 76  THR n 
1 77  MET n 
1 78  ASP n 
1 79  PRO n 
1 80  THR n 
1 81  ILE n 
1 82  PRO n 
1 83  GLN n 
1 84  GLY n 
1 85  PRO n 
1 86  ASP n 
1 87  ASP n 
1 88  ASP n 
1 89  LEU n 
1 90  PRO n 
1 91  ALA n 
1 92  PRO n 
1 93  GLY n 
1 94  GLN n 
1 95  GLN n 
1 96  PHE n 
1 97  ALA n 
1 98  GLN n 
1 99  PHE n 
1 100 GLY n 
1 101 ALA n 
1 102 GLY n 
1 103 CYS n 
1 104 PHE n 
1 105 TRP n 
1 106 GLY n 
1 107 VAL n 
1 108 GLU n 
1 109 LEU n 
1 110 ALA n 
1 111 PHE n 
1 112 GLN n 
1 113 ARG n 
1 114 VAL n 
1 115 PRO n 
1 116 GLY n 
1 117 VAL n 
1 118 THR n 
1 119 LYS n 
1 120 THR n 
1 121 GLU n 
1 122 VAL n 
1 123 GLY n 
1 124 TYR n 
1 125 THR n 
1 126 GLN n 
1 127 GLY n 
1 128 LEU n 
1 129 LEU n 
1 130 HIS n 
1 131 ASN n 
1 132 PRO n 
1 133 THR n 
1 134 TYR n 
1 135 GLU n 
1 136 ASP n 
1 137 VAL n 
1 138 CSO n 
1 139 THR n 
1 140 GLY n 
1 141 THR n 
1 142 THR n 
1 143 ASN n 
1 144 HIS n 
1 145 ASN n 
1 146 GLU n 
1 147 VAL n 
1 148 VAL n 
1 149 ARG n 
1 150 VAL n 
1 151 GLN n 
1 152 TYR n 
1 153 ASP n 
1 154 PRO n 
1 155 LYS n 
1 156 GLU n 
1 157 CYS n 
1 158 SER n 
1 159 PHE n 
1 160 ASP n 
1 161 THR n 
1 162 LEU n 
1 163 ILE n 
1 164 ASP n 
1 165 VAL n 
1 166 LEU n 
1 167 TRP n 
1 168 ALA n 
1 169 ARG n 
1 170 HIS n 
1 171 ASP n 
1 172 PRO n 
1 173 THR n 
1 174 THR n 
1 175 LEU n 
1 176 ASN n 
1 177 ARG n 
1 178 GLN n 
1 179 GLY n 
1 180 ASN n 
1 181 ASP n 
1 182 VAL n 
1 183 GLY n 
1 184 THR n 
1 185 GLN n 
1 186 TYR n 
1 187 ARG n 
1 188 SER n 
1 189 GLY n 
1 190 ILE n 
1 191 TYR n 
1 192 TYR n 
1 193 TYR n 
1 194 THR n 
1 195 PRO n 
1 196 GLU n 
1 197 GLN n 
1 198 GLU n 
1 199 LYS n 
1 200 ALA n 
1 201 ALA n 
1 202 LYS n 
1 203 GLU n 
1 204 SER n 
1 205 LEU n 
1 206 GLU n 
1 207 ARG n 
1 208 GLN n 
1 209 GLN n 
1 210 LYS n 
1 211 LEU n 
1 212 LEU n 
1 213 ASN n 
1 214 ARG n 
1 215 LYS n 
1 216 ILE n 
1 217 VAL n 
1 218 THR n 
1 219 GLU n 
1 220 ILE n 
1 221 LEU n 
1 222 PRO n 
1 223 ALA n 
1 224 LYS n 
1 225 LYS n 
1 226 PHE n 
1 227 TYR n 
1 228 ARG n 
1 229 ALA n 
1 230 GLU n 
1 231 GLU n 
1 232 TYR n 
1 233 HIS n 
1 234 GLN n 
1 235 GLN n 
1 236 TYR n 
1 237 LEU n 
1 238 ALA n 
1 239 LYS n 
1 240 GLY n 
1 241 GLY n 
1 242 ARG n 
1 243 PHE n 
1 244 GLY n 
1 245 PHE n 
1 246 MET n 
1 247 GLN n 
1 248 SER n 
1 249 ALA n 
1 250 GLU n 
1 251 LYS n 
1 252 GLY n 
1 253 CYS n 
1 254 ASN n 
1 255 ASP n 
1 256 PRO n 
1 257 ILE n 
1 258 ARG n 
1 259 CYS n 
1 260 TYR n 
1 261 GLY n 
# 
_entity_src_gen.entity_id                          1 
_entity_src_gen.pdbx_src_id                        1 
_entity_src_gen.pdbx_alt_source_flag               sample 
_entity_src_gen.pdbx_seq_type                      ? 
_entity_src_gen.pdbx_beg_seq_num                   ? 
_entity_src_gen.pdbx_end_seq_num                   ? 
_entity_src_gen.gene_src_common_name               'WESTERN BALSAM POPLAR' 
_entity_src_gen.gene_src_genus                     ? 
_entity_src_gen.pdbx_gene_src_gene                 ? 
_entity_src_gen.gene_src_species                   ? 
_entity_src_gen.gene_src_strain                    ? 
_entity_src_gen.gene_src_tissue                    ? 
_entity_src_gen.gene_src_tissue_fraction           ? 
_entity_src_gen.gene_src_details                   ? 
_entity_src_gen.pdbx_gene_src_fragment             ? 
_entity_src_gen.pdbx_gene_src_scientific_name      'POPULUS TRICHOCARPA' 
_entity_src_gen.pdbx_gene_src_ncbi_taxonomy_id     3694 
_entity_src_gen.pdbx_gene_src_variant              ? 
_entity_src_gen.pdbx_gene_src_cell_line            ? 
_entity_src_gen.pdbx_gene_src_atcc                 ? 
_entity_src_gen.pdbx_gene_src_organ                ? 
_entity_src_gen.pdbx_gene_src_organelle            ? 
_entity_src_gen.pdbx_gene_src_cell                 ? 
_entity_src_gen.pdbx_gene_src_cellular_location    ? 
_entity_src_gen.host_org_common_name               ? 
_entity_src_gen.pdbx_host_org_scientific_name      'ESCHERICHIA COLI' 
_entity_src_gen.pdbx_host_org_ncbi_taxonomy_id     562 
_entity_src_gen.host_org_genus                     ? 
_entity_src_gen.pdbx_host_org_gene                 ? 
_entity_src_gen.pdbx_host_org_organ                ? 
_entity_src_gen.host_org_species                   ? 
_entity_src_gen.pdbx_host_org_tissue               ? 
_entity_src_gen.pdbx_host_org_tissue_fraction      ? 
_entity_src_gen.pdbx_host_org_strain               ? 
_entity_src_gen.pdbx_host_org_variant              ? 
_entity_src_gen.pdbx_host_org_cell_line            ? 
_entity_src_gen.pdbx_host_org_atcc                 ? 
_entity_src_gen.pdbx_host_org_culture_collection   ? 
_entity_src_gen.pdbx_host_org_cell                 ? 
_entity_src_gen.pdbx_host_org_organelle            ? 
_entity_src_gen.pdbx_host_org_cellular_location    ? 
_entity_src_gen.pdbx_host_org_vector_type          ? 
_entity_src_gen.pdbx_host_org_vector               ? 
_entity_src_gen.host_org_details                   ? 
_entity_src_gen.expression_system_id               ? 
_entity_src_gen.plasmid_name                       ? 
_entity_src_gen.plasmid_details                    ? 
_entity_src_gen.pdbx_description                   ? 
# 
loop_
_chem_comp.id 
_chem_comp.type 
_chem_comp.mon_nstd_flag 
_chem_comp.name 
_chem_comp.pdbx_synonyms 
_chem_comp.formula 
_chem_comp.formula_weight 
ALA 'L-peptide linking' y ALANINE              ? 'C3 H7 N O2'     89.093  
ARG 'L-peptide linking' y ARGININE             ? 'C6 H15 N4 O2 1' 175.209 
ASN 'L-peptide linking' y ASPARAGINE           ? 'C4 H8 N2 O3'    132.118 
ASP 'L-peptide linking' y 'ASPARTIC ACID'      ? 'C4 H7 N O4'     133.103 
BME non-polymer         . BETA-MERCAPTOETHANOL ? 'C2 H6 O S'      78.133  
CSO 'L-peptide linking' n S-HYDROXYCYSTEINE    ? 'C3 H7 N O3 S'   137.158 
CYS 'L-peptide linking' y CYSTEINE             ? 'C3 H7 N O2 S'   121.158 
GLN 'L-peptide linking' y GLUTAMINE            ? 'C5 H10 N2 O3'   146.144 
GLU 'L-peptide linking' y 'GLUTAMIC ACID'      ? 'C5 H9 N O4'     147.129 
GLY 'peptide linking'   y GLYCINE              ? 'C2 H5 N O2'     75.067  
HIS 'L-peptide linking' y HISTIDINE            ? 'C6 H10 N3 O2 1' 156.162 
HOH non-polymer         . WATER                ? 'H2 O'           18.015  
ILE 'L-peptide linking' y ISOLEUCINE           ? 'C6 H13 N O2'    131.173 
LEU 'L-peptide linking' y LEUCINE              ? 'C6 H13 N O2'    131.173 
LYS 'L-peptide linking' y LYSINE               ? 'C6 H15 N2 O2 1' 147.195 
MET 'L-peptide linking' y METHIONINE           ? 'C5 H11 N O2 S'  149.211 
PHE 'L-peptide linking' y PHENYLALANINE        ? 'C9 H11 N O2'    165.189 
PRO 'L-peptide linking' y PROLINE              ? 'C5 H9 N O2'     115.130 
SER 'L-peptide linking' y SERINE               ? 'C3 H7 N O3'     105.093 
THR 'L-peptide linking' y THREONINE            ? 'C4 H9 N O3'     119.119 
TRP 'L-peptide linking' y TRYPTOPHAN           ? 'C11 H12 N2 O2'  204.225 
TYR 'L-peptide linking' y TYROSINE             ? 'C9 H11 N O3'    181.189 
VAL 'L-peptide linking' y VALINE               ? 'C5 H11 N O2'    117.146 
# 
loop_
_pdbx_poly_seq_scheme.asym_id 
_pdbx_poly_seq_scheme.entity_id 
_pdbx_poly_seq_scheme.seq_id 
_pdbx_poly_seq_scheme.mon_id 
_pdbx_poly_seq_scheme.ndb_seq_num 
_pdbx_poly_seq_scheme.pdb_seq_num 
_pdbx_poly_seq_scheme.auth_seq_num 
_pdbx_poly_seq_scheme.pdb_mon_id 
_pdbx_poly_seq_scheme.auth_mon_id 
_pdbx_poly_seq_scheme.pdb_strand_id 
_pdbx_poly_seq_scheme.pdb_ins_code 
_pdbx_poly_seq_scheme.hetero 
A 1 1   MET 1   -56 ?   ?   ?   A . n 
A 1 2   LEU 2   -55 ?   ?   ?   A . n 
A 1 3   GLN 3   -54 ?   ?   ?   A . n 
A 1 4   THR 4   -53 ?   ?   ?   A . n 
A 1 5   LEU 5   -52 ?   ?   ?   A . n 
A 1 6   SER 6   -51 ?   ?   ?   A . n 
A 1 7   THR 7   -50 ?   ?   ?   A . n 
A 1 8   HIS 8   -49 ?   ?   ?   A . n 
A 1 9   LEU 9   -48 ?   ?   ?   A . n 
A 1 10  SER 10  -47 ?   ?   ?   A . n 
A 1 11  SER 11  -46 ?   ?   ?   A . n 
A 1 12  THR 12  -45 ?   ?   ?   A . n 
A 1 13  SER 13  -44 ?   ?   ?   A . n 
A 1 14  THR 14  -43 ?   ?   ?   A . n 
A 1 15  SER 15  -42 ?   ?   ?   A . n 
A 1 16  THR 16  -41 ?   ?   ?   A . n 
A 1 17  THR 17  -40 ?   ?   ?   A . n 
A 1 18  THR 18  -39 ?   ?   ?   A . n 
A 1 19  PRO 19  -38 ?   ?   ?   A . n 
A 1 20  LEU 20  -37 ?   ?   ?   A . n 
A 1 21  LEU 21  -36 ?   ?   ?   A . n 
A 1 22  LEU 22  -35 ?   ?   ?   A . n 
A 1 23  LEU 23  -34 ?   ?   ?   A . n 
A 1 24  SER 24  -33 ?   ?   ?   A . n 
A 1 25  LYS 25  -32 ?   ?   ?   A . n 
A 1 26  PRO 26  -31 ?   ?   ?   A . n 
A 1 27  PHE 27  -30 ?   ?   ?   A . n 
A 1 28  LEU 28  -29 ?   ?   ?   A . n 
A 1 29  SER 29  -28 ?   ?   ?   A . n 
A 1 30  PRO 30  -27 ?   ?   ?   A . n 
A 1 31  SER 31  -26 ?   ?   ?   A . n 
A 1 32  ALA 32  -25 ?   ?   ?   A . n 
A 1 33  LYS 33  -24 ?   ?   ?   A . n 
A 1 34  SER 34  -23 ?   ?   ?   A . n 
A 1 35  GLN 35  -22 ?   ?   ?   A . n 
A 1 36  LEU 36  -21 ?   ?   ?   A . n 
A 1 37  SER 37  -20 ?   ?   ?   A . n 
A 1 38  HIS 38  -19 ?   ?   ?   A . n 
A 1 39  SER 39  -18 ?   ?   ?   A . n 
A 1 40  LYS 40  -17 ?   ?   ?   A . n 
A 1 41  PRO 41  -16 ?   ?   ?   A . n 
A 1 42  PHE 42  -15 ?   ?   ?   A . n 
A 1 43  ASN 43  -14 ?   ?   ?   A . n 
A 1 44  PHE 44  -13 ?   ?   ?   A . n 
A 1 45  PRO 45  -12 ?   ?   ?   A . n 
A 1 46  ARG 46  -11 ?   ?   ?   A . n 
A 1 47  THR 47  -10 ?   ?   ?   A . n 
A 1 48  LEU 48  -9  ?   ?   ?   A . n 
A 1 49  LYS 49  -8  ?   ?   ?   A . n 
A 1 50  PRO 50  -7  ?   ?   ?   A . n 
A 1 51  ILE 51  -6  ?   ?   ?   A . n 
A 1 52  SER 52  -5  ?   ?   ?   A . n 
A 1 53  TYR 53  -4  ?   ?   ?   A . n 
A 1 54  TYR 54  -3  ?   ?   ?   A . n 
A 1 55  LYS 55  -2  ?   ?   ?   A . n 
A 1 56  PRO 56  -1  ?   ?   ?   A . n 
A 1 57  PRO 57  0   ?   ?   ?   A . n 
A 1 58  MET 58  1   ?   ?   ?   A . n 
A 1 59  ALA 59  2   ?   ?   ?   A . n 
A 1 60  ASN 60  3   ?   ?   ?   A . n 
A 1 61  ILE 61  4   ?   ?   ?   A . n 
A 1 62  LEU 62  5   ?   ?   ?   A . n 
A 1 63  SER 63  6   ?   ?   ?   A . n 
A 1 64  LYS 64  7   ?   ?   ?   A . n 
A 1 65  LEU 65  8   ?   ?   ?   A . n 
A 1 66  GLY 66  9   ?   ?   ?   A . n 
A 1 67  PHE 67  10  ?   ?   ?   A . n 
A 1 68  GLY 68  11  ?   ?   ?   A . n 
A 1 69  THR 69  12  ?   ?   ?   A . n 
A 1 70  ARG 70  13  ?   ?   ?   A . n 
A 1 71  SER 71  14  ?   ?   ?   A . n 
A 1 72  PRO 72  15  ?   ?   ?   A . n 
A 1 73  ASP 73  16  ?   ?   ?   A . n 
A 1 74  PRO 74  17  ?   ?   ?   A . n 
A 1 75  SER 75  18  ?   ?   ?   A . n 
A 1 76  THR 76  19  ?   ?   ?   A . n 
A 1 77  MET 77  20  ?   ?   ?   A . n 
A 1 78  ASP 78  21  ?   ?   ?   A . n 
A 1 79  PRO 79  22  22  PRO PRO A . n 
A 1 80  THR 80  23  23  THR THR A . n 
A 1 81  ILE 81  24  24  ILE ILE A . n 
A 1 82  PRO 82  25  25  PRO PRO A . n 
A 1 83  GLN 83  26  26  GLN GLN A . n 
A 1 84  GLY 84  27  27  GLY GLY A . n 
A 1 85  PRO 85  28  28  PRO PRO A . n 
A 1 86  ASP 86  29  29  ASP ASP A . n 
A 1 87  ASP 87  30  30  ASP ASP A . n 
A 1 88  ASP 88  31  31  ASP ASP A . n 
A 1 89  LEU 89  32  32  LEU LEU A . n 
A 1 90  PRO 90  33  33  PRO PRO A . n 
A 1 91  ALA 91  34  34  ALA ALA A . n 
A 1 92  PRO 92  35  35  PRO PRO A . n 
A 1 93  GLY 93  36  36  GLY GLY A . n 
A 1 94  GLN 94  37  37  GLN GLN A . n 
A 1 95  GLN 95  38  38  GLN GLN A . n 
A 1 96  PHE 96  39  39  PHE PHE A . n 
A 1 97  ALA 97  40  40  ALA ALA A . n 
A 1 98  GLN 98  41  41  GLN GLN A . n 
A 1 99  PHE 99  42  42  PHE PHE A . n 
A 1 100 GLY 100 43  43  GLY GLY A . n 
A 1 101 ALA 101 44  44  ALA ALA A . n 
A 1 102 GLY 102 45  45  GLY GLY A . n 
A 1 103 CYS 103 46  46  CYS CYS A . n 
A 1 104 PHE 104 47  47  PHE PHE A . n 
A 1 105 TRP 105 48  48  TRP TRP A . n 
A 1 106 GLY 106 49  49  GLY GLY A . n 
A 1 107 VAL 107 50  50  VAL VAL A . n 
A 1 108 GLU 108 51  51  GLU GLU A . n 
A 1 109 LEU 109 52  52  LEU LEU A . n 
A 1 110 ALA 110 53  53  ALA ALA A . n 
A 1 111 PHE 111 54  54  PHE PHE A . n 
A 1 112 GLN 112 55  55  GLN GLN A . n 
A 1 113 ARG 113 56  56  ARG ARG A . n 
A 1 114 VAL 114 57  57  VAL VAL A . n 
A 1 115 PRO 115 58  58  PRO PRO A . n 
A 1 116 GLY 116 59  59  GLY GLY A . n 
A 1 117 VAL 117 60  60  VAL VAL A . n 
A 1 118 THR 118 61  61  THR THR A . n 
A 1 119 LYS 119 62  62  LYS LYS A . n 
A 1 120 THR 120 63  63  THR THR A . n 
A 1 121 GLU 121 64  64  GLU GLU A . n 
A 1 122 VAL 122 65  65  VAL VAL A . n 
A 1 123 GLY 123 66  66  GLY GLY A . n 
A 1 124 TYR 124 67  67  TYR TYR A . n 
A 1 125 THR 125 68  68  THR THR A . n 
A 1 126 GLN 126 69  69  GLN GLN A . n 
A 1 127 GLY 127 70  70  GLY GLY A . n 
A 1 128 LEU 128 71  71  LEU LEU A . n 
A 1 129 LEU 129 72  72  LEU LEU A . n 
A 1 130 HIS 130 73  73  HIS HIS A . n 
A 1 131 ASN 131 74  74  ASN ASN A . n 
A 1 132 PRO 132 75  75  PRO PRO A . n 
A 1 133 THR 133 76  76  THR THR A . n 
A 1 134 TYR 134 77  77  TYR TYR A . n 
A 1 135 GLU 135 78  78  GLU GLU A . n 
A 1 136 ASP 136 79  79  ASP ASP A . n 
A 1 137 VAL 137 80  80  VAL VAL A . n 
A 1 138 CSO 138 81  81  CSO CSO A . n 
A 1 139 THR 139 82  82  THR THR A . n 
A 1 140 GLY 140 83  83  GLY GLY A . n 
A 1 141 THR 141 84  84  THR THR A . n 
A 1 142 THR 142 85  85  THR THR A . n 
A 1 143 ASN 143 86  86  ASN ASN A . n 
A 1 144 HIS 144 87  87  HIS HIS A . n 
A 1 145 ASN 145 88  88  ASN ASN A . n 
A 1 146 GLU 146 89  89  GLU GLU A . n 
A 1 147 VAL 147 90  90  VAL VAL A . n 
A 1 148 VAL 148 91  91  VAL VAL A . n 
A 1 149 ARG 149 92  92  ARG ARG A . n 
A 1 150 VAL 150 93  93  VAL VAL A . n 
A 1 151 GLN 151 94  94  GLN GLN A . n 
A 1 152 TYR 152 95  95  TYR TYR A . n 
A 1 153 ASP 153 96  96  ASP ASP A . n 
A 1 154 PRO 154 97  97  PRO PRO A . n 
A 1 155 LYS 155 98  98  LYS LYS A . n 
A 1 156 GLU 156 99  99  GLU GLU A . n 
A 1 157 CYS 157 100 100 CYS CYS A . n 
A 1 158 SER 158 101 101 SER SER A . n 
A 1 159 PHE 159 102 102 PHE PHE A . n 
A 1 160 ASP 160 103 103 ASP ASP A . n 
A 1 161 THR 161 104 104 THR THR A . n 
A 1 162 LEU 162 105 105 LEU LEU A . n 
A 1 163 ILE 163 106 106 ILE ILE A . n 
A 1 164 ASP 164 107 107 ASP ASP A . n 
A 1 165 VAL 165 108 108 VAL VAL A . n 
A 1 166 LEU 166 109 109 LEU LEU A . n 
A 1 167 TRP 167 110 110 TRP TRP A . n 
A 1 168 ALA 168 111 111 ALA ALA A . n 
A 1 169 ARG 169 112 112 ARG ARG A . n 
A 1 170 HIS 170 113 113 HIS HIS A . n 
A 1 171 ASP 171 114 114 ASP ASP A . n 
A 1 172 PRO 172 115 115 PRO PRO A . n 
A 1 173 THR 173 116 116 THR THR A . n 
A 1 174 THR 174 117 117 THR THR A . n 
A 1 175 LEU 175 118 118 LEU LEU A . n 
A 1 176 ASN 176 119 119 ASN ASN A . n 
A 1 177 ARG 177 120 120 ARG ARG A . n 
A 1 178 GLN 178 121 121 GLN GLN A . n 
A 1 179 GLY 179 122 122 GLY GLY A . n 
A 1 180 ASN 180 123 123 ASN ASN A . n 
A 1 181 ASP 181 124 124 ASP ASP A . n 
A 1 182 VAL 182 125 125 VAL VAL A . n 
A 1 183 GLY 183 126 126 GLY GLY A . n 
A 1 184 THR 184 127 127 THR THR A . n 
A 1 185 GLN 185 128 128 GLN GLN A . n 
A 1 186 TYR 186 129 129 TYR TYR A . n 
A 1 187 ARG 187 130 130 ARG ARG A . n 
A 1 188 SER 188 131 131 SER SER A . n 
A 1 189 GLY 189 132 132 GLY GLY A . n 
A 1 190 ILE 190 133 133 ILE ILE A . n 
A 1 191 TYR 191 134 134 TYR TYR A . n 
A 1 192 TYR 192 135 135 TYR TYR A . n 
A 1 193 TYR 193 136 136 TYR TYR A . n 
A 1 194 THR 194 137 137 THR THR A . n 
A 1 195 PRO 195 138 138 PRO PRO A . n 
A 1 196 GLU 196 139 139 GLU GLU A . n 
A 1 197 GLN 197 140 140 GLN GLN A . n 
A 1 198 GLU 198 141 141 GLU GLU A . n 
A 1 199 LYS 199 142 142 LYS LYS A . n 
A 1 200 ALA 200 143 143 ALA ALA A . n 
A 1 201 ALA 201 144 144 ALA ALA A . n 
A 1 202 LYS 202 145 145 LYS LYS A . n 
A 1 203 GLU 203 146 146 GLU GLU A . n 
A 1 204 SER 204 147 147 SER SER A . n 
A 1 205 LEU 205 148 148 LEU LEU A . n 
A 1 206 GLU 206 149 149 GLU GLU A . n 
A 1 207 ARG 207 150 150 ARG ARG A . n 
A 1 208 GLN 208 151 151 GLN GLN A . n 
A 1 209 GLN 209 152 152 GLN GLN A . n 
A 1 210 LYS 210 153 153 LYS LYS A . n 
A 1 211 LEU 211 154 154 LEU LEU A . n 
A 1 212 LEU 212 155 155 LEU LEU A . n 
A 1 213 ASN 213 156 156 ASN ASN A . n 
A 1 214 ARG 214 157 157 ARG ARG A . n 
A 1 215 LYS 215 158 158 LYS LYS A . n 
A 1 216 ILE 216 159 159 ILE ILE A . n 
A 1 217 VAL 217 160 160 VAL VAL A . n 
A 1 218 THR 218 161 161 THR THR A . n 
A 1 219 GLU 219 162 162 GLU GLU A . n 
A 1 220 ILE 220 163 163 ILE ILE A . n 
A 1 221 LEU 221 164 164 LEU LEU A . n 
A 1 222 PRO 222 165 165 PRO PRO A . n 
A 1 223 ALA 223 166 166 ALA ALA A . n 
A 1 224 LYS 224 167 167 LYS LYS A . n 
A 1 225 LYS 225 168 168 LYS LYS A . n 
A 1 226 PHE 226 169 169 PHE PHE A . n 
A 1 227 TYR 227 170 170 TYR TYR A . n 
A 1 228 ARG 228 171 171 ARG ARG A . n 
A 1 229 ALA 229 172 172 ALA ALA A . n 
A 1 230 GLU 230 173 173 GLU GLU A . n 
A 1 231 GLU 231 174 174 GLU GLU A . n 
A 1 232 TYR 232 175 175 TYR TYR A . n 
A 1 233 HIS 233 176 176 HIS HIS A . n 
A 1 234 GLN 234 177 177 GLN GLN A . n 
A 1 235 GLN 235 178 178 GLN GLN A . n 
A 1 236 TYR 236 179 179 TYR TYR A . n 
A 1 237 LEU 237 180 180 LEU LEU A . n 
A 1 238 ALA 238 181 181 ALA ALA A . n 
A 1 239 LYS 239 182 182 LYS LYS A . n 
A 1 240 GLY 240 183 183 GLY GLY A . n 
A 1 241 GLY 241 184 184 GLY GLY A . n 
A 1 242 ARG 242 185 185 ARG ARG A . n 
A 1 243 PHE 243 186 186 PHE PHE A . n 
A 1 244 GLY 244 187 187 GLY GLY A . n 
A 1 245 PHE 245 188 188 PHE PHE A . n 
A 1 246 MET 246 189 189 MET MET A . n 
A 1 247 GLN 247 190 190 GLN GLN A . n 
A 1 248 SER 248 191 191 SER SER A . n 
A 1 249 ALA 249 192 192 ALA ALA A . n 
A 1 250 GLU 250 193 193 GLU GLU A . n 
A 1 251 LYS 251 194 194 LYS LYS A . n 
A 1 252 GLY 252 195 195 GLY GLY A . n 
A 1 253 CYS 253 196 196 CYS CYS A . n 
A 1 254 ASN 254 197 197 ASN ASN A . n 
A 1 255 ASP 255 198 198 ASP ASP A . n 
A 1 256 PRO 256 199 199 PRO PRO A . n 
A 1 257 ILE 257 200 200 ILE ILE A . n 
A 1 258 ARG 258 201 201 ARG ARG A . n 
A 1 259 CYS 259 202 202 CYS CYS A . n 
A 1 260 TYR 260 203 203 TYR TYR A . n 
A 1 261 GLY 261 204 204 GLY GLY A . n 
# 
loop_
_pdbx_nonpoly_scheme.asym_id 
_pdbx_nonpoly_scheme.entity_id 
_pdbx_nonpoly_scheme.mon_id 
_pdbx_nonpoly_scheme.ndb_seq_num 
_pdbx_nonpoly_scheme.pdb_seq_num 
_pdbx_nonpoly_scheme.auth_seq_num 
_pdbx_nonpoly_scheme.pdb_mon_id 
_pdbx_nonpoly_scheme.auth_mon_id 
_pdbx_nonpoly_scheme.pdb_strand_id 
_pdbx_nonpoly_scheme.pdb_ins_code 
B 2 BME 1   205  205  BME BME A . 
C 2 BME 1   206  206  BME BME A . 
D 2 BME 1   207  207  BME BME A . 
E 3 HOH 1   2001 2001 HOH HOH A . 
E 3 HOH 2   2002 2002 HOH HOH A . 
E 3 HOH 3   2003 2003 HOH HOH A . 
E 3 HOH 4   2004 2004 HOH HOH A . 
E 3 HOH 5   2005 2005 HOH HOH A . 
E 3 HOH 6   2006 2006 HOH HOH A . 
E 3 HOH 7   2007 2007 HOH HOH A . 
E 3 HOH 8   2008 2008 HOH HOH A . 
E 3 HOH 9   2009 2009 HOH HOH A . 
E 3 HOH 10  2010 2010 HOH HOH A . 
E 3 HOH 11  2011 2011 HOH HOH A . 
E 3 HOH 12  2012 2012 HOH HOH A . 
E 3 HOH 13  2013 2013 HOH HOH A . 
E 3 HOH 14  2014 2014 HOH HOH A . 
E 3 HOH 15  2015 2015 HOH HOH A . 
E 3 HOH 16  2016 2016 HOH HOH A . 
E 3 HOH 17  2017 2017 HOH HOH A . 
E 3 HOH 18  2018 2018 HOH HOH A . 
E 3 HOH 19  2019 2019 HOH HOH A . 
E 3 HOH 20  2020 2020 HOH HOH A . 
E 3 HOH 21  2021 2021 HOH HOH A . 
E 3 HOH 22  2022 2022 HOH HOH A . 
E 3 HOH 23  2023 2023 HOH HOH A . 
E 3 HOH 24  2024 2024 HOH HOH A . 
E 3 HOH 25  2025 2025 HOH HOH A . 
E 3 HOH 26  2026 2026 HOH HOH A . 
E 3 HOH 27  2027 2027 HOH HOH A . 
E 3 HOH 28  2028 2028 HOH HOH A . 
E 3 HOH 29  2029 2029 HOH HOH A . 
E 3 HOH 30  2030 2030 HOH HOH A . 
E 3 HOH 31  2031 2031 HOH HOH A . 
E 3 HOH 32  2032 2032 HOH HOH A . 
E 3 HOH 33  2033 2033 HOH HOH A . 
E 3 HOH 34  2034 2034 HOH HOH A . 
E 3 HOH 35  2035 2035 HOH HOH A . 
E 3 HOH 36  2036 2036 HOH HOH A . 
E 3 HOH 37  2037 2037 HOH HOH A . 
E 3 HOH 38  2038 2038 HOH HOH A . 
E 3 HOH 39  2039 2039 HOH HOH A . 
E 3 HOH 40  2040 2040 HOH HOH A . 
E 3 HOH 41  2041 2041 HOH HOH A . 
E 3 HOH 42  2042 2042 HOH HOH A . 
E 3 HOH 43  2043 2043 HOH HOH A . 
E 3 HOH 44  2044 2044 HOH HOH A . 
E 3 HOH 45  2045 2045 HOH HOH A . 
E 3 HOH 46  2046 2046 HOH HOH A . 
E 3 HOH 47  2047 2047 HOH HOH A . 
E 3 HOH 48  2048 2048 HOH HOH A . 
E 3 HOH 49  2049 2049 HOH HOH A . 
E 3 HOH 50  2050 2050 HOH HOH A . 
E 3 HOH 51  2051 2051 HOH HOH A . 
E 3 HOH 52  2052 2052 HOH HOH A . 
E 3 HOH 53  2053 2053 HOH HOH A . 
E 3 HOH 54  2054 2054 HOH HOH A . 
E 3 HOH 55  2055 2055 HOH HOH A . 
E 3 HOH 56  2056 2056 HOH HOH A . 
E 3 HOH 57  2057 2057 HOH HOH A . 
E 3 HOH 58  2058 2058 HOH HOH A . 
E 3 HOH 59  2059 2059 HOH HOH A . 
E 3 HOH 60  2060 2060 HOH HOH A . 
E 3 HOH 61  2061 2061 HOH HOH A . 
E 3 HOH 62  2062 2062 HOH HOH A . 
E 3 HOH 63  2063 2063 HOH HOH A . 
E 3 HOH 64  2064 2064 HOH HOH A . 
E 3 HOH 65  2065 2065 HOH HOH A . 
E 3 HOH 66  2066 2066 HOH HOH A . 
E 3 HOH 67  2067 2067 HOH HOH A . 
E 3 HOH 68  2068 2068 HOH HOH A . 
E 3 HOH 69  2069 2069 HOH HOH A . 
E 3 HOH 70  2070 2070 HOH HOH A . 
E 3 HOH 71  2071 2071 HOH HOH A . 
E 3 HOH 72  2072 2072 HOH HOH A . 
E 3 HOH 73  2073 2073 HOH HOH A . 
E 3 HOH 74  2074 2074 HOH HOH A . 
E 3 HOH 75  2075 2075 HOH HOH A . 
E 3 HOH 76  2076 2076 HOH HOH A . 
E 3 HOH 77  2077 2077 HOH HOH A . 
E 3 HOH 78  2078 2078 HOH HOH A . 
E 3 HOH 79  2079 2079 HOH HOH A . 
E 3 HOH 80  2080 2080 HOH HOH A . 
E 3 HOH 81  2081 2081 HOH HOH A . 
E 3 HOH 82  2082 2082 HOH HOH A . 
E 3 HOH 83  2083 2083 HOH HOH A . 
E 3 HOH 84  2084 2084 HOH HOH A . 
E 3 HOH 85  2085 2085 HOH HOH A . 
E 3 HOH 86  2086 2086 HOH HOH A . 
E 3 HOH 87  2087 2087 HOH HOH A . 
E 3 HOH 88  2088 2088 HOH HOH A . 
E 3 HOH 89  2089 2089 HOH HOH A . 
E 3 HOH 90  2090 2090 HOH HOH A . 
E 3 HOH 91  2091 2091 HOH HOH A . 
E 3 HOH 92  2092 2092 HOH HOH A . 
E 3 HOH 93  2093 2093 HOH HOH A . 
E 3 HOH 94  2094 2094 HOH HOH A . 
E 3 HOH 95  2095 2095 HOH HOH A . 
E 3 HOH 96  2096 2096 HOH HOH A . 
E 3 HOH 97  2097 2097 HOH HOH A . 
E 3 HOH 98  2098 2098 HOH HOH A . 
E 3 HOH 99  2099 2099 HOH HOH A . 
E 3 HOH 100 2100 2100 HOH HOH A . 
E 3 HOH 101 2101 2101 HOH HOH A . 
E 3 HOH 102 2102 2102 HOH HOH A . 
E 3 HOH 103 2103 2103 HOH HOH A . 
E 3 HOH 104 2104 2104 HOH HOH A . 
E 3 HOH 105 2105 2105 HOH HOH A . 
E 3 HOH 106 2106 2106 HOH HOH A . 
E 3 HOH 107 2107 2107 HOH HOH A . 
E 3 HOH 108 2108 2108 HOH HOH A . 
E 3 HOH 109 2109 2109 HOH HOH A . 
E 3 HOH 110 2110 2110 HOH HOH A . 
E 3 HOH 111 2111 2111 HOH HOH A . 
E 3 HOH 112 2112 2112 HOH HOH A . 
E 3 HOH 113 2113 2113 HOH HOH A . 
E 3 HOH 114 2114 2114 HOH HOH A . 
E 3 HOH 115 2115 2115 HOH HOH A . 
E 3 HOH 116 2116 2116 HOH HOH A . 
E 3 HOH 117 2117 2117 HOH HOH A . 
E 3 HOH 118 2118 2118 HOH HOH A . 
E 3 HOH 119 2119 2119 HOH HOH A . 
E 3 HOH 120 2120 2120 HOH HOH A . 
E 3 HOH 121 2121 2121 HOH HOH A . 
E 3 HOH 122 2122 2122 HOH HOH A . 
E 3 HOH 123 2123 2123 HOH HOH A . 
E 3 HOH 124 2124 2124 HOH HOH A . 
E 3 HOH 125 2125 2125 HOH HOH A . 
E 3 HOH 126 2126 2126 HOH HOH A . 
E 3 HOH 127 2127 2127 HOH HOH A . 
E 3 HOH 128 2128 2128 HOH HOH A . 
E 3 HOH 129 2129 2129 HOH HOH A . 
E 3 HOH 130 2130 2130 HOH HOH A . 
E 3 HOH 131 2131 2131 HOH HOH A . 
E 3 HOH 132 2132 2132 HOH HOH A . 
E 3 HOH 133 2133 2133 HOH HOH A . 
E 3 HOH 134 2134 2134 HOH HOH A . 
E 3 HOH 135 2135 2135 HOH HOH A . 
E 3 HOH 136 2136 2136 HOH HOH A . 
E 3 HOH 137 2137 2137 HOH HOH A . 
E 3 HOH 138 2138 2138 HOH HOH A . 
E 3 HOH 139 2139 2139 HOH HOH A . 
E 3 HOH 140 2140 2140 HOH HOH A . 
E 3 HOH 141 2141 2141 HOH HOH A . 
E 3 HOH 142 2142 2142 HOH HOH A . 
E 3 HOH 143 2143 2143 HOH HOH A . 
E 3 HOH 144 2144 2144 HOH HOH A . 
E 3 HOH 145 2145 2145 HOH HOH A . 
E 3 HOH 146 2146 2146 HOH HOH A . 
E 3 HOH 147 2147 2147 HOH HOH A . 
E 3 HOH 148 2148 2148 HOH HOH A . 
E 3 HOH 149 2149 2149 HOH HOH A . 
E 3 HOH 150 2150 2150 HOH HOH A . 
E 3 HOH 151 2151 2151 HOH HOH A . 
E 3 HOH 152 2152 2152 HOH HOH A . 
E 3 HOH 153 2153 2153 HOH HOH A . 
E 3 HOH 154 2154 2154 HOH HOH A . 
E 3 HOH 155 2155 2155 HOH HOH A . 
E 3 HOH 156 2156 2156 HOH HOH A . 
E 3 HOH 157 2157 2157 HOH HOH A . 
E 3 HOH 158 2158 2158 HOH HOH A . 
E 3 HOH 159 2159 2159 HOH HOH A . 
E 3 HOH 160 2160 2160 HOH HOH A . 
E 3 HOH 161 2161 2161 HOH HOH A . 
E 3 HOH 162 2162 2162 HOH HOH A . 
E 3 HOH 163 2163 2163 HOH HOH A . 
E 3 HOH 164 2164 2164 HOH HOH A . 
E 3 HOH 165 2165 2165 HOH HOH A . 
E 3 HOH 166 2166 2166 HOH HOH A . 
E 3 HOH 167 2167 2167 HOH HOH A . 
E 3 HOH 168 2168 2168 HOH HOH A . 
E 3 HOH 169 2169 2169 HOH HOH A . 
E 3 HOH 170 2170 2170 HOH HOH A . 
E 3 HOH 171 2171 2171 HOH HOH A . 
# 
_software.name             CNS 
_software.classification   refinement 
_software.version          1.1 
_software.citation_id      ? 
_software.pdbx_ordinal     1 
# 
_cell.entry_id           2J89 
_cell.length_a           68.561 
_cell.length_b           68.561 
_cell.length_c           40.678 
_cell.angle_alpha        90.00 
_cell.angle_beta         90.00 
_cell.angle_gamma        120.00 
_cell.Z_PDB              3 
_cell.pdbx_unique_axis   ? 
# 
_symmetry.entry_id                         2J89 
_symmetry.space_group_name_H-M             'P 31' 
_symmetry.pdbx_full_space_group_name_H-M   ? 
_symmetry.cell_setting                     ? 
_symmetry.Int_Tables_number                144 
# 
_exptl.entry_id          2J89 
_exptl.method            'X-RAY DIFFRACTION' 
_exptl.crystals_number   ? 
# 
_exptl_crystal.id                    1 
_exptl_crystal.density_meas          ? 
_exptl_crystal.density_Matthews      2.42 
_exptl_crystal.density_percent_sol   49.2 
_exptl_crystal.description           ? 
# 
_diffrn.id                     1 
_diffrn.ambient_temp           100.0 
_diffrn.ambient_temp_details   ? 
_diffrn.crystal_id             1 
# 
_diffrn_radiation.diffrn_id                        1 
_diffrn_radiation.wavelength_id                    1 
_diffrn_radiation.pdbx_monochromatic_or_laue_m_l   M 
_diffrn_radiation.monochromator                    ? 
_diffrn_radiation.pdbx_diffrn_protocol             'SINGLE WAVELENGTH' 
_diffrn_radiation.pdbx_scattering_type             x-ray 
# 
_diffrn_radiation_wavelength.id           1 
_diffrn_radiation_wavelength.wavelength   1.009 
_diffrn_radiation_wavelength.wt           1.0 
# 
_diffrn_source.diffrn_id                   1 
_diffrn_source.source                      SYNCHROTRON 
_diffrn_source.type                        'ESRF BEAMLINE BM30A' 
_diffrn_source.pdbx_synchrotron_site       ESRF 
_diffrn_source.pdbx_synchrotron_beamline   BM30A 
_diffrn_source.pdbx_wavelength             1.009 
_diffrn_source.pdbx_wavelength_list        ? 
# 
_reflns.pdbx_diffrn_id               1 
_reflns.pdbx_ordinal                 1 
_reflns.entry_id                     2J89 
_reflns.observed_criterion_sigma_I   3.000 
_reflns.observed_criterion_sigma_F   ? 
_reflns.d_resolution_low             25.000 
_reflns.d_resolution_high            1.700 
_reflns.number_obs                   23121 
_reflns.number_all                   ? 
_reflns.percent_possible_obs         98.2 
_reflns.pdbx_Rmerge_I_obs            0.05000 
_reflns.pdbx_Rsym_value              ? 
_reflns.pdbx_netI_over_sigmaI        8.6000 
_reflns.B_iso_Wilson_estimate        ? 
_reflns.pdbx_redundancy              10.000 
# 
_refine.pdbx_refine_id                           'X-RAY DIFFRACTION' 
_refine.entry_id                                 2J89 
_refine.pdbx_diffrn_id                           1 
_refine.pdbx_TLS_residual_ADP_flag               ? 
_refine.ls_number_reflns_obs                     23121 
_refine.ls_number_reflns_all                     ? 
_refine.pdbx_ls_sigma_I                          ? 
_refine.pdbx_ls_sigma_F                          0 
_refine.pdbx_data_cutoff_high_absF               ? 
_refine.pdbx_data_cutoff_low_absF                ? 
_refine.pdbx_data_cutoff_high_rms_absF           ? 
_refine.ls_d_res_low                             25 
_refine.ls_d_res_high                            1.70 
_refine.ls_percent_reflns_obs                    98.2 
_refine.ls_R_factor_obs                          0.195 
_refine.ls_R_factor_all                          ? 
_refine.ls_R_factor_R_work                       0.195 
_refine.ls_R_factor_R_free                       0.201 
_refine.ls_R_factor_R_free_error                 ? 
_refine.ls_R_factor_R_free_error_details         ? 
_refine.ls_percent_reflns_R_free                 ? 
_refine.ls_number_reflns_R_free                  ? 
_refine.ls_number_parameters                     ? 
_refine.ls_number_restraints                     ? 
_refine.occupancy_min                            ? 
_refine.occupancy_max                            ? 
_refine.correlation_coeff_Fo_to_Fc               ? 
_refine.correlation_coeff_Fo_to_Fc_free          ? 
_refine.B_iso_mean                               ? 
_refine.aniso_B[1][1]                            ? 
_refine.aniso_B[2][2]                            ? 
_refine.aniso_B[3][3]                            ? 
_refine.aniso_B[1][2]                            ? 
_refine.aniso_B[1][3]                            ? 
_refine.aniso_B[2][3]                            ? 
_refine.solvent_model_details                    ? 
_refine.solvent_model_param_ksol                 ? 
_refine.solvent_model_param_bsol                 ? 
_refine.pdbx_solvent_vdw_probe_radii             ? 
_refine.pdbx_solvent_ion_probe_radii             ? 
_refine.pdbx_solvent_shrinkage_radii             ? 
_refine.pdbx_ls_cross_valid_method               THROUGHOUT 
_refine.details                                  ? 
_refine.pdbx_starting_model                      ? 
_refine.pdbx_method_to_determine_struct          OTHER 
_refine.pdbx_isotropic_thermal_model             ? 
_refine.pdbx_stereochemistry_target_values       'MAXIMUM LIKELIHOOD' 
_refine.pdbx_stereochem_target_val_spec_case     ? 
_refine.pdbx_R_Free_selection_details            ? 
_refine.pdbx_overall_ESU_R                       ? 
_refine.pdbx_overall_ESU_R_Free                  ? 
_refine.overall_SU_ML                            ? 
_refine.pdbx_overall_phase_error                 ? 
_refine.overall_SU_B                             ? 
_refine.overall_SU_R_Cruickshank_DPI             ? 
_refine.pdbx_overall_SU_R_free_Cruickshank_DPI   ? 
_refine.pdbx_overall_SU_R_Blow_DPI               ? 
_refine.pdbx_overall_SU_R_free_Blow_DPI          ? 
# 
_refine_hist.pdbx_refine_id                   'X-RAY DIFFRACTION' 
_refine_hist.cycle_id                         LAST 
_refine_hist.pdbx_number_atoms_protein        1466 
_refine_hist.pdbx_number_atoms_nucleic_acid   0 
_refine_hist.pdbx_number_atoms_ligand         12 
_refine_hist.number_atoms_solvent             171 
_refine_hist.number_atoms_total               1649 
_refine_hist.d_res_high                       1.70 
_refine_hist.d_res_low                        25 
# 
loop_
_refine_ls_restr.type 
_refine_ls_restr.dev_ideal 
_refine_ls_restr.dev_ideal_target 
_refine_ls_restr.weight 
_refine_ls_restr.number 
_refine_ls_restr.pdbx_refine_id 
_refine_ls_restr.pdbx_restraint_function 
c_bond_d                0.006 ? ? ? 'X-RAY DIFFRACTION' ? 
c_bond_d_na             ?     ? ? ? 'X-RAY DIFFRACTION' ? 
c_bond_d_prot           ?     ? ? ? 'X-RAY DIFFRACTION' ? 
c_angle_d               ?     ? ? ? 'X-RAY DIFFRACTION' ? 
c_angle_d_na            ?     ? ? ? 'X-RAY DIFFRACTION' ? 
c_angle_d_prot          ?     ? ? ? 'X-RAY DIFFRACTION' ? 
c_angle_deg             1.31  ? ? ? 'X-RAY DIFFRACTION' ? 
c_angle_deg_na          ?     ? ? ? 'X-RAY DIFFRACTION' ? 
c_angle_deg_prot        ?     ? ? ? 'X-RAY DIFFRACTION' ? 
c_dihedral_angle_d      ?     ? ? ? 'X-RAY DIFFRACTION' ? 
c_dihedral_angle_d_na   ?     ? ? ? 'X-RAY DIFFRACTION' ? 
c_dihedral_angle_d_prot ?     ? ? ? 'X-RAY DIFFRACTION' ? 
c_improper_angle_d      ?     ? ? ? 'X-RAY DIFFRACTION' ? 
c_improper_angle_d_na   ?     ? ? ? 'X-RAY DIFFRACTION' ? 
c_improper_angle_d_prot ?     ? ? ? 'X-RAY DIFFRACTION' ? 
c_mcbond_it             ?     ? ? ? 'X-RAY DIFFRACTION' ? 
c_mcangle_it            ?     ? ? ? 'X-RAY DIFFRACTION' ? 
c_scbond_it             ?     ? ? ? 'X-RAY DIFFRACTION' ? 
c_scangle_it            ?     ? ? ? 'X-RAY DIFFRACTION' ? 
# 
_struct.entry_id                  2J89 
_struct.title                     
'Functional and structural aspects of poplar cytosolic and plastidial type A methionine sulfoxide reductases' 
_struct.pdbx_model_details        ? 
_struct.pdbx_CASP_flag            ? 
_struct.pdbx_model_type_details   ? 
# 
_struct_keywords.entry_id        2J89 
_struct_keywords.pdbx_keywords   OXIDOREDUCTASE 
_struct_keywords.text            'MSRA, POPLAR, SULFOXIDE REDUCTASE, OXIDOREDUCTASE' 
# 
loop_
_struct_asym.id 
_struct_asym.pdbx_blank_PDB_chainid_flag 
_struct_asym.pdbx_modified 
_struct_asym.entity_id 
_struct_asym.details 
A N N 1 ? 
B N N 2 ? 
C N N 2 ? 
D N N 2 ? 
E N N 3 ? 
# 
_struct_ref.id                         1 
_struct_ref.db_name                    UNP 
_struct_ref.db_code                    Q6QPJ4_9ROSI 
_struct_ref.entity_id                  1 
_struct_ref.pdbx_seq_one_letter_code   ? 
_struct_ref.pdbx_align_begin           ? 
_struct_ref.pdbx_db_accession          Q6QPJ4 
_struct_ref.pdbx_db_isoform            ? 
# 
_struct_ref_seq.align_id                      1 
_struct_ref_seq.ref_id                        1 
_struct_ref_seq.pdbx_PDB_id_code              2J89 
_struct_ref_seq.pdbx_strand_id                A 
_struct_ref_seq.seq_align_beg                 1 
_struct_ref_seq.pdbx_seq_align_beg_ins_code   ? 
_struct_ref_seq.seq_align_end                 261 
_struct_ref_seq.pdbx_seq_align_end_ins_code   ? 
_struct_ref_seq.pdbx_db_accession             Q6QPJ4 
_struct_ref_seq.db_align_beg                  1 
_struct_ref_seq.pdbx_db_align_beg_ins_code    ? 
_struct_ref_seq.db_align_end                  261 
_struct_ref_seq.pdbx_db_align_end_ins_code    ? 
_struct_ref_seq.pdbx_auth_seq_align_beg       -56 
_struct_ref_seq.pdbx_auth_seq_align_end       204 
# 
_pdbx_struct_assembly.id                   1 
_pdbx_struct_assembly.details              author_and_software_defined_assembly 
_pdbx_struct_assembly.method_details       PQS 
_pdbx_struct_assembly.oligomeric_details   monomeric 
_pdbx_struct_assembly.oligomeric_count     1 
# 
_pdbx_struct_assembly_gen.assembly_id       1 
_pdbx_struct_assembly_gen.oper_expression   1 
_pdbx_struct_assembly_gen.asym_id_list      A,B,C,D,E 
# 
_pdbx_struct_oper_list.id                   1 
_pdbx_struct_oper_list.type                 'identity operation' 
_pdbx_struct_oper_list.name                 1_555 
_pdbx_struct_oper_list.symmetry_operation   x,y,z 
_pdbx_struct_oper_list.matrix[1][1]         1.0000000000 
_pdbx_struct_oper_list.matrix[1][2]         0.0000000000 
_pdbx_struct_oper_list.matrix[1][3]         0.0000000000 
_pdbx_struct_oper_list.vector[1]            0.0000000000 
_pdbx_struct_oper_list.matrix[2][1]         0.0000000000 
_pdbx_struct_oper_list.matrix[2][2]         1.0000000000 
_pdbx_struct_oper_list.matrix[2][3]         0.0000000000 
_pdbx_struct_oper_list.vector[2]            0.0000000000 
_pdbx_struct_oper_list.matrix[3][1]         0.0000000000 
_pdbx_struct_oper_list.matrix[3][2]         0.0000000000 
_pdbx_struct_oper_list.matrix[3][3]         1.0000000000 
_pdbx_struct_oper_list.vector[3]            0.0000000000 
# 
_struct_biol.id   1 
# 
loop_
_struct_conf.conf_type_id 
_struct_conf.id 
_struct_conf.pdbx_PDB_helix_id 
_struct_conf.beg_label_comp_id 
_struct_conf.beg_label_asym_id 
_struct_conf.beg_label_seq_id 
_struct_conf.pdbx_beg_PDB_ins_code 
_struct_conf.end_label_comp_id 
_struct_conf.end_label_asym_id 
_struct_conf.end_label_seq_id 
_struct_conf.pdbx_end_PDB_ins_code 
_struct_conf.beg_auth_comp_id 
_struct_conf.beg_auth_asym_id 
_struct_conf.beg_auth_seq_id 
_struct_conf.end_auth_comp_id 
_struct_conf.end_auth_asym_id 
_struct_conf.end_auth_seq_id 
_struct_conf.pdbx_PDB_helix_class 
_struct_conf.details 
_struct_conf.pdbx_PDB_helix_length 
HELX_P HELX_P1 1 CYS A 103 ? ARG A 113 ? CYS A 46  ARG A 56  1 ? 11 
HELX_P HELX_P2 2 THR A 133 ? THR A 139 ? THR A 76  THR A 82  1 ? 7  
HELX_P HELX_P3 3 SER A 158 ? HIS A 170 ? SER A 101 HIS A 113 1 ? 13 
HELX_P HELX_P4 4 THR A 184 ? TYR A 186 ? THR A 127 TYR A 129 5 ? 3  
HELX_P HELX_P5 5 THR A 194 ? LYS A 210 ? THR A 137 LYS A 153 1 ? 17 
HELX_P HELX_P6 6 GLU A 230 ? GLN A 234 ? GLU A 173 GLN A 177 5 ? 5  
# 
_struct_conf_type.id          HELX_P 
_struct_conf_type.criteria    ? 
_struct_conf_type.reference   ? 
# 
loop_
_struct_conn.id 
_struct_conn.conn_type_id 
_struct_conn.pdbx_leaving_atom_flag 
_struct_conn.pdbx_PDB_id 
_struct_conn.ptnr1_label_asym_id 
_struct_conn.ptnr1_label_comp_id 
_struct_conn.ptnr1_label_seq_id 
_struct_conn.ptnr1_label_atom_id 
_struct_conn.pdbx_ptnr1_label_alt_id 
_struct_conn.pdbx_ptnr1_PDB_ins_code 
_struct_conn.pdbx_ptnr1_standard_comp_id 
_struct_conn.ptnr1_symmetry 
_struct_conn.ptnr2_label_asym_id 
_struct_conn.ptnr2_label_comp_id 
_struct_conn.ptnr2_label_seq_id 
_struct_conn.ptnr2_label_atom_id 
_struct_conn.pdbx_ptnr2_label_alt_id 
_struct_conn.pdbx_ptnr2_PDB_ins_code 
_struct_conn.ptnr1_auth_asym_id 
_struct_conn.ptnr1_auth_comp_id 
_struct_conn.ptnr1_auth_seq_id 
_struct_conn.ptnr2_auth_asym_id 
_struct_conn.ptnr2_auth_comp_id 
_struct_conn.ptnr2_auth_seq_id 
_struct_conn.ptnr2_symmetry 
_struct_conn.pdbx_ptnr3_label_atom_id 
_struct_conn.pdbx_ptnr3_label_seq_id 
_struct_conn.pdbx_ptnr3_label_comp_id 
_struct_conn.pdbx_ptnr3_label_asym_id 
_struct_conn.pdbx_ptnr3_label_alt_id 
_struct_conn.pdbx_ptnr3_PDB_ins_code 
_struct_conn.details 
_struct_conn.pdbx_dist_value 
_struct_conn.pdbx_value_order 
_struct_conn.pdbx_role 
covale1 covale none ? A CYS 103 SG ? ? ? 1_555 D BME .   S2 ? ? A CYS 46  A BME 207 1_555 ? ? ? ? ? ? ? 2.087 ? ? 
covale2 covale both ? A VAL 137 C  ? ? ? 1_555 A CSO 138 N  ? ? A VAL 80  A CSO 81  1_555 ? ? ? ? ? ? ? 1.331 ? ? 
covale3 covale both ? A CSO 138 C  ? ? ? 1_555 A THR 139 N  ? ? A CSO 81  A THR 82  1_555 ? ? ? ? ? ? ? 1.327 ? ? 
covale4 covale none ? A CYS 253 SG ? ? ? 1_555 C BME .   S2 ? ? A CYS 196 A BME 206 1_555 ? ? ? ? ? ? ? 2.079 ? ? 
covale5 covale none ? A CYS 259 SG ? ? ? 1_555 B BME .   S2 ? ? A CYS 202 A BME 205 1_555 ? ? ? ? ? ? ? 2.025 ? ? 
# 
_struct_conn_type.id          covale 
_struct_conn_type.criteria    ? 
_struct_conn_type.reference   ? 
# 
loop_
_struct_sheet.id 
_struct_sheet.type 
_struct_sheet.number_strands 
_struct_sheet.details 
AA ? 6 ? 
AB ? 2 ? 
# 
loop_
_struct_sheet_order.sheet_id 
_struct_sheet_order.range_id_1 
_struct_sheet_order.range_id_2 
_struct_sheet_order.offset 
_struct_sheet_order.sense 
AA 1 2 ? parallel      
AA 2 3 ? anti-parallel 
AA 3 4 ? anti-parallel 
AA 4 5 ? anti-parallel 
AA 5 6 ? anti-parallel 
AB 1 2 ? anti-parallel 
# 
loop_
_struct_sheet_range.sheet_id 
_struct_sheet_range.id 
_struct_sheet_range.beg_label_comp_id 
_struct_sheet_range.beg_label_asym_id 
_struct_sheet_range.beg_label_seq_id 
_struct_sheet_range.pdbx_beg_PDB_ins_code 
_struct_sheet_range.end_label_comp_id 
_struct_sheet_range.end_label_asym_id 
_struct_sheet_range.end_label_seq_id 
_struct_sheet_range.pdbx_end_PDB_ins_code 
_struct_sheet_range.beg_auth_comp_id 
_struct_sheet_range.beg_auth_asym_id 
_struct_sheet_range.beg_auth_seq_id 
_struct_sheet_range.end_auth_comp_id 
_struct_sheet_range.end_auth_asym_id 
_struct_sheet_range.end_auth_seq_id 
AA 1 GLU A 219 ? PRO A 222 ? GLU A 162 PRO A 165 
AA 2 SER A 188 ? TYR A 192 ? SER A 131 TYR A 135 
AA 3 GLN A 95  ? ALA A 101 ? GLN A 38  ALA A 44  
AA 4 ASN A 145 ? TYR A 152 ? ASN A 88  TYR A 95  
AA 5 VAL A 117 ? THR A 125 ? VAL A 60  THR A 68  
AA 6 PHE A 226 ? ARG A 228 ? PHE A 169 ARG A 171 
AB 1 ARG A 177 ? GLN A 178 ? ARG A 120 GLN A 121 
AB 2 ASP A 181 ? VAL A 182 ? ASP A 124 VAL A 125 
# 
loop_
_pdbx_struct_sheet_hbond.sheet_id 
_pdbx_struct_sheet_hbond.range_id_1 
_pdbx_struct_sheet_hbond.range_id_2 
_pdbx_struct_sheet_hbond.range_1_label_atom_id 
_pdbx_struct_sheet_hbond.range_1_label_comp_id 
_pdbx_struct_sheet_hbond.range_1_label_asym_id 
_pdbx_struct_sheet_hbond.range_1_label_seq_id 
_pdbx_struct_sheet_hbond.range_1_PDB_ins_code 
_pdbx_struct_sheet_hbond.range_1_auth_atom_id 
_pdbx_struct_sheet_hbond.range_1_auth_comp_id 
_pdbx_struct_sheet_hbond.range_1_auth_asym_id 
_pdbx_struct_sheet_hbond.range_1_auth_seq_id 
_pdbx_struct_sheet_hbond.range_2_label_atom_id 
_pdbx_struct_sheet_hbond.range_2_label_comp_id 
_pdbx_struct_sheet_hbond.range_2_label_asym_id 
_pdbx_struct_sheet_hbond.range_2_label_seq_id 
_pdbx_struct_sheet_hbond.range_2_PDB_ins_code 
_pdbx_struct_sheet_hbond.range_2_auth_atom_id 
_pdbx_struct_sheet_hbond.range_2_auth_comp_id 
_pdbx_struct_sheet_hbond.range_2_auth_asym_id 
_pdbx_struct_sheet_hbond.range_2_auth_seq_id 
AA 1 2 N GLU A 219 ? N GLU A 162 O SER A 188 ? O SER A 131 
AA 2 3 N TYR A 191 ? N TYR A 134 O GLN A 98  ? O GLN A 41  
AA 3 4 N PHE A 99  ? N PHE A 42  O VAL A 148 ? O VAL A 91  
AA 4 5 O GLN A 151 ? O GLN A 94  N THR A 118 ? N THR A 61  
AA 5 6 N TYR A 124 ? N TYR A 67  O TYR A 227 ? O TYR A 170 
AB 1 2 N GLN A 178 ? N GLN A 121 O ASP A 181 ? O ASP A 124 
# 
loop_
_struct_site.id 
_struct_site.pdbx_evidence_code 
_struct_site.pdbx_auth_asym_id 
_struct_site.pdbx_auth_comp_id 
_struct_site.pdbx_auth_seq_id 
_struct_site.pdbx_auth_ins_code 
_struct_site.pdbx_num_residues 
_struct_site.details 
AC1 Software A BME 205 ? 6 'BINDING SITE FOR RESIDUE BME A 205' 
AC2 Software A BME 206 ? 6 'BINDING SITE FOR RESIDUE BME A 206' 
AC3 Software A BME 207 ? 7 'BINDING SITE FOR RESIDUE BME A 207' 
# 
loop_
_struct_site_gen.id 
_struct_site_gen.site_id 
_struct_site_gen.pdbx_num_res 
_struct_site_gen.label_comp_id 
_struct_site_gen.label_asym_id 
_struct_site_gen.label_seq_id 
_struct_site_gen.pdbx_auth_ins_code 
_struct_site_gen.auth_comp_id 
_struct_site_gen.auth_asym_id 
_struct_site_gen.auth_seq_id 
_struct_site_gen.label_atom_id 
_struct_site_gen.label_alt_id 
_struct_site_gen.symmetry 
_struct_site_gen.details 
1  AC1 6 GLN A 178 ? GLN A 121  . ? 1_555 ? 
2  AC1 6 GLY A 179 ? GLY A 122  . ? 1_555 ? 
3  AC1 6 TYR A 232 ? TYR A 175  . ? 1_555 ? 
4  AC1 6 CYS A 259 ? CYS A 202  . ? 1_555 ? 
5  AC1 6 HOH E .   ? HOH A 2170 . ? 1_555 ? 
6  AC1 6 HOH E .   ? HOH A 2171 . ? 1_555 ? 
7  AC2 6 THR A 139 ? THR A 82   . ? 1_555 ? 
8  AC2 6 THR A 141 ? THR A 84   . ? 1_555 ? 
9  AC2 6 GLU A 250 ? GLU A 193  . ? 1_555 ? 
10 AC2 6 CYS A 253 ? CYS A 196  . ? 1_555 ? 
11 AC2 6 ASN A 254 ? ASN A 197  . ? 1_555 ? 
12 AC2 6 HOH E .   ? HOH A 2159 . ? 1_555 ? 
13 AC3 7 CYS A 103 ? CYS A 46   . ? 1_555 ? 
14 AC3 7 GLU A 146 ? GLU A 89   . ? 1_555 ? 
15 AC3 7 ASP A 181 ? ASP A 124  . ? 1_555 ? 
16 AC3 7 ARG A 242 ? ARG A 185  . ? 1_555 ? 
17 AC3 7 TYR A 260 ? TYR A 203  . ? 1_555 ? 
18 AC3 7 HOH E .   ? HOH A 2060 . ? 1_555 ? 
19 AC3 7 HOH E .   ? HOH A 2147 . ? 1_555 ? 
# 
_pdbx_entry_details.entry_id                   2J89 
_pdbx_entry_details.compound_details           ? 
_pdbx_entry_details.source_details             ? 
_pdbx_entry_details.nonpolymer_details         ? 
_pdbx_entry_details.sequence_details           ? 
_pdbx_entry_details.has_ligand_of_interest     ? 
_pdbx_entry_details.has_protein_modification   Y 
# 
loop_
_pdbx_validate_close_contact.id 
_pdbx_validate_close_contact.PDB_model_num 
_pdbx_validate_close_contact.auth_atom_id_1 
_pdbx_validate_close_contact.auth_asym_id_1 
_pdbx_validate_close_contact.auth_comp_id_1 
_pdbx_validate_close_contact.auth_seq_id_1 
_pdbx_validate_close_contact.PDB_ins_code_1 
_pdbx_validate_close_contact.label_alt_id_1 
_pdbx_validate_close_contact.auth_atom_id_2 
_pdbx_validate_close_contact.auth_asym_id_2 
_pdbx_validate_close_contact.auth_comp_id_2 
_pdbx_validate_close_contact.auth_seq_id_2 
_pdbx_validate_close_contact.PDB_ins_code_2 
_pdbx_validate_close_contact.label_alt_id_2 
_pdbx_validate_close_contact.dist 
1 1 O   A HOH 2096 ? ? O A HOH 2097 ? ? 0.11 
2 1 O   A HOH 2170 ? ? O A HOH 2171 ? ? 0.49 
3 1 OE1 A GLU 174  ? ? O A HOH 2137 ? ? 1.82 
4 1 O1  A BME 205  ? ? O A HOH 2170 ? ? 2.11 
# 
loop_
_pdbx_validate_symm_contact.id 
_pdbx_validate_symm_contact.PDB_model_num 
_pdbx_validate_symm_contact.auth_atom_id_1 
_pdbx_validate_symm_contact.auth_asym_id_1 
_pdbx_validate_symm_contact.auth_comp_id_1 
_pdbx_validate_symm_contact.auth_seq_id_1 
_pdbx_validate_symm_contact.PDB_ins_code_1 
_pdbx_validate_symm_contact.label_alt_id_1 
_pdbx_validate_symm_contact.site_symmetry_1 
_pdbx_validate_symm_contact.auth_atom_id_2 
_pdbx_validate_symm_contact.auth_asym_id_2 
_pdbx_validate_symm_contact.auth_comp_id_2 
_pdbx_validate_symm_contact.auth_seq_id_2 
_pdbx_validate_symm_contact.PDB_ins_code_2 
_pdbx_validate_symm_contact.label_alt_id_2 
_pdbx_validate_symm_contact.site_symmetry_2 
_pdbx_validate_symm_contact.dist 
1 1 O A HOH 2039 ? ? 1_555 O A HOH 2056 ? ? 2_755 0.14 
2 1 O A HOH 2049 ? ? 1_555 O A HOH 2058 ? ? 3_775 0.22 
3 1 O A HOH 2043 ? ? 1_555 O A HOH 2061 ? ? 3_775 0.56 
# 
loop_
_pdbx_validate_torsion.id 
_pdbx_validate_torsion.PDB_model_num 
_pdbx_validate_torsion.auth_comp_id 
_pdbx_validate_torsion.auth_asym_id 
_pdbx_validate_torsion.auth_seq_id 
_pdbx_validate_torsion.PDB_ins_code 
_pdbx_validate_torsion.label_alt_id 
_pdbx_validate_torsion.phi 
_pdbx_validate_torsion.psi 
1 1 ALA A 44 ? ? -148.23 32.18 
2 1 GLN A 69 ? ? 83.02   -4.01 
# 
_pdbx_struct_mod_residue.id               1 
_pdbx_struct_mod_residue.label_asym_id    A 
_pdbx_struct_mod_residue.label_comp_id    CSO 
_pdbx_struct_mod_residue.label_seq_id     138 
_pdbx_struct_mod_residue.auth_asym_id     A 
_pdbx_struct_mod_residue.auth_comp_id     CSO 
_pdbx_struct_mod_residue.auth_seq_id      81 
_pdbx_struct_mod_residue.PDB_ins_code     ? 
_pdbx_struct_mod_residue.parent_comp_id   CYS 
_pdbx_struct_mod_residue.details          S-HYDROXYCYSTEINE 
# 
loop_
_pdbx_unobs_or_zero_occ_residues.id 
_pdbx_unobs_or_zero_occ_residues.PDB_model_num 
_pdbx_unobs_or_zero_occ_residues.polymer_flag 
_pdbx_unobs_or_zero_occ_residues.occupancy_flag 
_pdbx_unobs_or_zero_occ_residues.auth_asym_id 
_pdbx_unobs_or_zero_occ_residues.auth_comp_id 
_pdbx_unobs_or_zero_occ_residues.auth_seq_id 
_pdbx_unobs_or_zero_occ_residues.PDB_ins_code 
_pdbx_unobs_or_zero_occ_residues.label_asym_id 
_pdbx_unobs_or_zero_occ_residues.label_comp_id 
_pdbx_unobs_or_zero_occ_residues.label_seq_id 
1  1 Y 1 A MET -56 ? A MET 1  
2  1 Y 1 A LEU -55 ? A LEU 2  
3  1 Y 1 A GLN -54 ? A GLN 3  
4  1 Y 1 A THR -53 ? A THR 4  
5  1 Y 1 A LEU -52 ? A LEU 5  
6  1 Y 1 A SER -51 ? A SER 6  
7  1 Y 1 A THR -50 ? A THR 7  
8  1 Y 1 A HIS -49 ? A HIS 8  
9  1 Y 1 A LEU -48 ? A LEU 9  
10 1 Y 1 A SER -47 ? A SER 10 
11 1 Y 1 A SER -46 ? A SER 11 
12 1 Y 1 A THR -45 ? A THR 12 
13 1 Y 1 A SER -44 ? A SER 13 
14 1 Y 1 A THR -43 ? A THR 14 
15 1 Y 1 A SER -42 ? A SER 15 
16 1 Y 1 A THR -41 ? A THR 16 
17 1 Y 1 A THR -40 ? A THR 17 
18 1 Y 1 A THR -39 ? A THR 18 
19 1 Y 1 A PRO -38 ? A PRO 19 
20 1 Y 1 A LEU -37 ? A LEU 20 
21 1 Y 1 A LEU -36 ? A LEU 21 
22 1 Y 1 A LEU -35 ? A LEU 22 
23 1 Y 1 A LEU -34 ? A LEU 23 
24 1 Y 1 A SER -33 ? A SER 24 
25 1 Y 1 A LYS -32 ? A LYS 25 
26 1 Y 1 A PRO -31 ? A PRO 26 
27 1 Y 1 A PHE -30 ? A PHE 27 
28 1 Y 1 A LEU -29 ? A LEU 28 
29 1 Y 1 A SER -28 ? A SER 29 
30 1 Y 1 A PRO -27 ? A PRO 30 
31 1 Y 1 A SER -26 ? A SER 31 
32 1 Y 1 A ALA -25 ? A ALA 32 
33 1 Y 1 A LYS -24 ? A LYS 33 
34 1 Y 1 A SER -23 ? A SER 34 
35 1 Y 1 A GLN -22 ? A GLN 35 
36 1 Y 1 A LEU -21 ? A LEU 36 
37 1 Y 1 A SER -20 ? A SER 37 
38 1 Y 1 A HIS -19 ? A HIS 38 
39 1 Y 1 A SER -18 ? A SER 39 
40 1 Y 1 A LYS -17 ? A LYS 40 
41 1 Y 1 A PRO -16 ? A PRO 41 
42 1 Y 1 A PHE -15 ? A PHE 42 
43 1 Y 1 A ASN -14 ? A ASN 43 
44 1 Y 1 A PHE -13 ? A PHE 44 
45 1 Y 1 A PRO -12 ? A PRO 45 
46 1 Y 1 A ARG -11 ? A ARG 46 
47 1 Y 1 A THR -10 ? A THR 47 
48 1 Y 1 A LEU -9  ? A LEU 48 
49 1 Y 1 A LYS -8  ? A LYS 49 
50 1 Y 1 A PRO -7  ? A PRO 50 
51 1 Y 1 A ILE -6  ? A ILE 51 
52 1 Y 1 A SER -5  ? A SER 52 
53 1 Y 1 A TYR -4  ? A TYR 53 
54 1 Y 1 A TYR -3  ? A TYR 54 
55 1 Y 1 A LYS -2  ? A LYS 55 
56 1 Y 1 A PRO -1  ? A PRO 56 
57 1 Y 1 A PRO 0   ? A PRO 57 
58 1 Y 1 A MET 1   ? A MET 58 
59 1 Y 1 A ALA 2   ? A ALA 59 
60 1 Y 1 A ASN 3   ? A ASN 60 
61 1 Y 1 A ILE 4   ? A ILE 61 
62 1 Y 1 A LEU 5   ? A LEU 62 
63 1 Y 1 A SER 6   ? A SER 63 
64 1 Y 1 A LYS 7   ? A LYS 64 
65 1 Y 1 A LEU 8   ? A LEU 65 
66 1 Y 1 A GLY 9   ? A GLY 66 
67 1 Y 1 A PHE 10  ? A PHE 67 
68 1 Y 1 A GLY 11  ? A GLY 68 
69 1 Y 1 A THR 12  ? A THR 69 
70 1 Y 1 A ARG 13  ? A ARG 70 
71 1 Y 1 A SER 14  ? A SER 71 
72 1 Y 1 A PRO 15  ? A PRO 72 
73 1 Y 1 A ASP 16  ? A ASP 73 
74 1 Y 1 A PRO 17  ? A PRO 74 
75 1 Y 1 A SER 18  ? A SER 75 
76 1 Y 1 A THR 19  ? A THR 76 
77 1 Y 1 A MET 20  ? A MET 77 
78 1 Y 1 A ASP 21  ? A ASP 78 
# 
loop_
_chem_comp_atom.comp_id 
_chem_comp_atom.atom_id 
_chem_comp_atom.type_symbol 
_chem_comp_atom.pdbx_aromatic_flag 
_chem_comp_atom.pdbx_stereo_config 
_chem_comp_atom.pdbx_ordinal 
ALA N    N N N 1   
ALA CA   C N S 2   
ALA C    C N N 3   
ALA O    O N N 4   
ALA CB   C N N 5   
ALA OXT  O N N 6   
ALA H    H N N 7   
ALA H2   H N N 8   
ALA HA   H N N 9   
ALA HB1  H N N 10  
ALA HB2  H N N 11  
ALA HB3  H N N 12  
ALA HXT  H N N 13  
ARG N    N N N 14  
ARG CA   C N S 15  
ARG C    C N N 16  
ARG O    O N N 17  
ARG CB   C N N 18  
ARG CG   C N N 19  
ARG CD   C N N 20  
ARG NE   N N N 21  
ARG CZ   C N N 22  
ARG NH1  N N N 23  
ARG NH2  N N N 24  
ARG OXT  O N N 25  
ARG H    H N N 26  
ARG H2   H N N 27  
ARG HA   H N N 28  
ARG HB2  H N N 29  
ARG HB3  H N N 30  
ARG HG2  H N N 31  
ARG HG3  H N N 32  
ARG HD2  H N N 33  
ARG HD3  H N N 34  
ARG HE   H N N 35  
ARG HH11 H N N 36  
ARG HH12 H N N 37  
ARG HH21 H N N 38  
ARG HH22 H N N 39  
ARG HXT  H N N 40  
ASN N    N N N 41  
ASN CA   C N S 42  
ASN C    C N N 43  
ASN O    O N N 44  
ASN CB   C N N 45  
ASN CG   C N N 46  
ASN OD1  O N N 47  
ASN ND2  N N N 48  
ASN OXT  O N N 49  
ASN H    H N N 50  
ASN H2   H N N 51  
ASN HA   H N N 52  
ASN HB2  H N N 53  
ASN HB3  H N N 54  
ASN HD21 H N N 55  
ASN HD22 H N N 56  
ASN HXT  H N N 57  
ASP N    N N N 58  
ASP CA   C N S 59  
ASP C    C N N 60  
ASP O    O N N 61  
ASP CB   C N N 62  
ASP CG   C N N 63  
ASP OD1  O N N 64  
ASP OD2  O N N 65  
ASP OXT  O N N 66  
ASP H    H N N 67  
ASP H2   H N N 68  
ASP HA   H N N 69  
ASP HB2  H N N 70  
ASP HB3  H N N 71  
ASP HD2  H N N 72  
ASP HXT  H N N 73  
BME C1   C N N 74  
BME C2   C N N 75  
BME O1   O N N 76  
BME S2   S N N 77  
BME H11  H N N 78  
BME H12  H N N 79  
BME H21  H N N 80  
BME H22  H N N 81  
BME HO1  H N N 82  
BME HS2  H N N 83  
CSO N    N N N 84  
CSO CA   C N R 85  
CSO CB   C N N 86  
CSO SG   S N N 87  
CSO C    C N N 88  
CSO O    O N N 89  
CSO OXT  O N N 90  
CSO OD   O N N 91  
CSO H    H N N 92  
CSO H2   H N N 93  
CSO HA   H N N 94  
CSO HB2  H N N 95  
CSO HB3  H N N 96  
CSO HXT  H N N 97  
CSO HD   H N N 98  
CYS N    N N N 99  
CYS CA   C N R 100 
CYS C    C N N 101 
CYS O    O N N 102 
CYS CB   C N N 103 
CYS SG   S N N 104 
CYS OXT  O N N 105 
CYS H    H N N 106 
CYS H2   H N N 107 
CYS HA   H N N 108 
CYS HB2  H N N 109 
CYS HB3  H N N 110 
CYS HG   H N N 111 
CYS HXT  H N N 112 
GLN N    N N N 113 
GLN CA   C N S 114 
GLN C    C N N 115 
GLN O    O N N 116 
GLN CB   C N N 117 
GLN CG   C N N 118 
GLN CD   C N N 119 
GLN OE1  O N N 120 
GLN NE2  N N N 121 
GLN OXT  O N N 122 
GLN H    H N N 123 
GLN H2   H N N 124 
GLN HA   H N N 125 
GLN HB2  H N N 126 
GLN HB3  H N N 127 
GLN HG2  H N N 128 
GLN HG3  H N N 129 
GLN HE21 H N N 130 
GLN HE22 H N N 131 
GLN HXT  H N N 132 
GLU N    N N N 133 
GLU CA   C N S 134 
GLU C    C N N 135 
GLU O    O N N 136 
GLU CB   C N N 137 
GLU CG   C N N 138 
GLU CD   C N N 139 
GLU OE1  O N N 140 
GLU OE2  O N N 141 
GLU OXT  O N N 142 
GLU H    H N N 143 
GLU H2   H N N 144 
GLU HA   H N N 145 
GLU HB2  H N N 146 
GLU HB3  H N N 147 
GLU HG2  H N N 148 
GLU HG3  H N N 149 
GLU HE2  H N N 150 
GLU HXT  H N N 151 
GLY N    N N N 152 
GLY CA   C N N 153 
GLY C    C N N 154 
GLY O    O N N 155 
GLY OXT  O N N 156 
GLY H    H N N 157 
GLY H2   H N N 158 
GLY HA2  H N N 159 
GLY HA3  H N N 160 
GLY HXT  H N N 161 
HIS N    N N N 162 
HIS CA   C N S 163 
HIS C    C N N 164 
HIS O    O N N 165 
HIS CB   C N N 166 
HIS CG   C Y N 167 
HIS ND1  N Y N 168 
HIS CD2  C Y N 169 
HIS CE1  C Y N 170 
HIS NE2  N Y N 171 
HIS OXT  O N N 172 
HIS H    H N N 173 
HIS H2   H N N 174 
HIS HA   H N N 175 
HIS HB2  H N N 176 
HIS HB3  H N N 177 
HIS HD1  H N N 178 
HIS HD2  H N N 179 
HIS HE1  H N N 180 
HIS HE2  H N N 181 
HIS HXT  H N N 182 
HOH O    O N N 183 
HOH H1   H N N 184 
HOH H2   H N N 185 
ILE N    N N N 186 
ILE CA   C N S 187 
ILE C    C N N 188 
ILE O    O N N 189 
ILE CB   C N S 190 
ILE CG1  C N N 191 
ILE CG2  C N N 192 
ILE CD1  C N N 193 
ILE OXT  O N N 194 
ILE H    H N N 195 
ILE H2   H N N 196 
ILE HA   H N N 197 
ILE HB   H N N 198 
ILE HG12 H N N 199 
ILE HG13 H N N 200 
ILE HG21 H N N 201 
ILE HG22 H N N 202 
ILE HG23 H N N 203 
ILE HD11 H N N 204 
ILE HD12 H N N 205 
ILE HD13 H N N 206 
ILE HXT  H N N 207 
LEU N    N N N 208 
LEU CA   C N S 209 
LEU C    C N N 210 
LEU O    O N N 211 
LEU CB   C N N 212 
LEU CG   C N N 213 
LEU CD1  C N N 214 
LEU CD2  C N N 215 
LEU OXT  O N N 216 
LEU H    H N N 217 
LEU H2   H N N 218 
LEU HA   H N N 219 
LEU HB2  H N N 220 
LEU HB3  H N N 221 
LEU HG   H N N 222 
LEU HD11 H N N 223 
LEU HD12 H N N 224 
LEU HD13 H N N 225 
LEU HD21 H N N 226 
LEU HD22 H N N 227 
LEU HD23 H N N 228 
LEU HXT  H N N 229 
LYS N    N N N 230 
LYS CA   C N S 231 
LYS C    C N N 232 
LYS O    O N N 233 
LYS CB   C N N 234 
LYS CG   C N N 235 
LYS CD   C N N 236 
LYS CE   C N N 237 
LYS NZ   N N N 238 
LYS OXT  O N N 239 
LYS H    H N N 240 
LYS H2   H N N 241 
LYS HA   H N N 242 
LYS HB2  H N N 243 
LYS HB3  H N N 244 
LYS HG2  H N N 245 
LYS HG3  H N N 246 
LYS HD2  H N N 247 
LYS HD3  H N N 248 
LYS HE2  H N N 249 
LYS HE3  H N N 250 
LYS HZ1  H N N 251 
LYS HZ2  H N N 252 
LYS HZ3  H N N 253 
LYS HXT  H N N 254 
MET N    N N N 255 
MET CA   C N S 256 
MET C    C N N 257 
MET O    O N N 258 
MET CB   C N N 259 
MET CG   C N N 260 
MET SD   S N N 261 
MET CE   C N N 262 
MET OXT  O N N 263 
MET H    H N N 264 
MET H2   H N N 265 
MET HA   H N N 266 
MET HB2  H N N 267 
MET HB3  H N N 268 
MET HG2  H N N 269 
MET HG3  H N N 270 
MET HE1  H N N 271 
MET HE2  H N N 272 
MET HE3  H N N 273 
MET HXT  H N N 274 
PHE N    N N N 275 
PHE CA   C N S 276 
PHE C    C N N 277 
PHE O    O N N 278 
PHE CB   C N N 279 
PHE CG   C Y N 280 
PHE CD1  C Y N 281 
PHE CD2  C Y N 282 
PHE CE1  C Y N 283 
PHE CE2  C Y N 284 
PHE CZ   C Y N 285 
PHE OXT  O N N 286 
PHE H    H N N 287 
PHE H2   H N N 288 
PHE HA   H N N 289 
PHE HB2  H N N 290 
PHE HB3  H N N 291 
PHE HD1  H N N 292 
PHE HD2  H N N 293 
PHE HE1  H N N 294 
PHE HE2  H N N 295 
PHE HZ   H N N 296 
PHE HXT  H N N 297 
PRO N    N N N 298 
PRO CA   C N S 299 
PRO C    C N N 300 
PRO O    O N N 301 
PRO CB   C N N 302 
PRO CG   C N N 303 
PRO CD   C N N 304 
PRO OXT  O N N 305 
PRO H    H N N 306 
PRO HA   H N N 307 
PRO HB2  H N N 308 
PRO HB3  H N N 309 
PRO HG2  H N N 310 
PRO HG3  H N N 311 
PRO HD2  H N N 312 
PRO HD3  H N N 313 
PRO HXT  H N N 314 
SER N    N N N 315 
SER CA   C N S 316 
SER C    C N N 317 
SER O    O N N 318 
SER CB   C N N 319 
SER OG   O N N 320 
SER OXT  O N N 321 
SER H    H N N 322 
SER H2   H N N 323 
SER HA   H N N 324 
SER HB2  H N N 325 
SER HB3  H N N 326 
SER HG   H N N 327 
SER HXT  H N N 328 
THR N    N N N 329 
THR CA   C N S 330 
THR C    C N N 331 
THR O    O N N 332 
THR CB   C N R 333 
THR OG1  O N N 334 
THR CG2  C N N 335 
THR OXT  O N N 336 
THR H    H N N 337 
THR H2   H N N 338 
THR HA   H N N 339 
THR HB   H N N 340 
THR HG1  H N N 341 
THR HG21 H N N 342 
THR HG22 H N N 343 
THR HG23 H N N 344 
THR HXT  H N N 345 
TRP N    N N N 346 
TRP CA   C N S 347 
TRP C    C N N 348 
TRP O    O N N 349 
TRP CB   C N N 350 
TRP CG   C Y N 351 
TRP CD1  C Y N 352 
TRP CD2  C Y N 353 
TRP NE1  N Y N 354 
TRP CE2  C Y N 355 
TRP CE3  C Y N 356 
TRP CZ2  C Y N 357 
TRP CZ3  C Y N 358 
TRP CH2  C Y N 359 
TRP OXT  O N N 360 
TRP H    H N N 361 
TRP H2   H N N 362 
TRP HA   H N N 363 
TRP HB2  H N N 364 
TRP HB3  H N N 365 
TRP HD1  H N N 366 
TRP HE1  H N N 367 
TRP HE3  H N N 368 
TRP HZ2  H N N 369 
TRP HZ3  H N N 370 
TRP HH2  H N N 371 
TRP HXT  H N N 372 
TYR N    N N N 373 
TYR CA   C N S 374 
TYR C    C N N 375 
TYR O    O N N 376 
TYR CB   C N N 377 
TYR CG   C Y N 378 
TYR CD1  C Y N 379 
TYR CD2  C Y N 380 
TYR CE1  C Y N 381 
TYR CE2  C Y N 382 
TYR CZ   C Y N 383 
TYR OH   O N N 384 
TYR OXT  O N N 385 
TYR H    H N N 386 
TYR H2   H N N 387 
TYR HA   H N N 388 
TYR HB2  H N N 389 
TYR HB3  H N N 390 
TYR HD1  H N N 391 
TYR HD2  H N N 392 
TYR HE1  H N N 393 
TYR HE2  H N N 394 
TYR HH   H N N 395 
TYR HXT  H N N 396 
VAL N    N N N 397 
VAL CA   C N S 398 
VAL C    C N N 399 
VAL O    O N N 400 
VAL CB   C N N 401 
VAL CG1  C N N 402 
VAL CG2  C N N 403 
VAL OXT  O N N 404 
VAL H    H N N 405 
VAL H2   H N N 406 
VAL HA   H N N 407 
VAL HB   H N N 408 
VAL HG11 H N N 409 
VAL HG12 H N N 410 
VAL HG13 H N N 411 
VAL HG21 H N N 412 
VAL HG22 H N N 413 
VAL HG23 H N N 414 
VAL HXT  H N N 415 
# 
loop_
_chem_comp_bond.comp_id 
_chem_comp_bond.atom_id_1 
_chem_comp_bond.atom_id_2 
_chem_comp_bond.value_order 
_chem_comp_bond.pdbx_aromatic_flag 
_chem_comp_bond.pdbx_stereo_config 
_chem_comp_bond.pdbx_ordinal 
ALA N   CA   sing N N 1   
ALA N   H    sing N N 2   
ALA N   H2   sing N N 3   
ALA CA  C    sing N N 4   
ALA CA  CB   sing N N 5   
ALA CA  HA   sing N N 6   
ALA C   O    doub N N 7   
ALA C   OXT  sing N N 8   
ALA CB  HB1  sing N N 9   
ALA CB  HB2  sing N N 10  
ALA CB  HB3  sing N N 11  
ALA OXT HXT  sing N N 12  
ARG N   CA   sing N N 13  
ARG N   H    sing N N 14  
ARG N   H2   sing N N 15  
ARG CA  C    sing N N 16  
ARG CA  CB   sing N N 17  
ARG CA  HA   sing N N 18  
ARG C   O    doub N N 19  
ARG C   OXT  sing N N 20  
ARG CB  CG   sing N N 21  
ARG CB  HB2  sing N N 22  
ARG CB  HB3  sing N N 23  
ARG CG  CD   sing N N 24  
ARG CG  HG2  sing N N 25  
ARG CG  HG3  sing N N 26  
ARG CD  NE   sing N N 27  
ARG CD  HD2  sing N N 28  
ARG CD  HD3  sing N N 29  
ARG NE  CZ   sing N N 30  
ARG NE  HE   sing N N 31  
ARG CZ  NH1  sing N N 32  
ARG CZ  NH2  doub N N 33  
ARG NH1 HH11 sing N N 34  
ARG NH1 HH12 sing N N 35  
ARG NH2 HH21 sing N N 36  
ARG NH2 HH22 sing N N 37  
ARG OXT HXT  sing N N 38  
ASN N   CA   sing N N 39  
ASN N   H    sing N N 40  
ASN N   H2   sing N N 41  
ASN CA  C    sing N N 42  
ASN CA  CB   sing N N 43  
ASN CA  HA   sing N N 44  
ASN C   O    doub N N 45  
ASN C   OXT  sing N N 46  
ASN CB  CG   sing N N 47  
ASN CB  HB2  sing N N 48  
ASN CB  HB3  sing N N 49  
ASN CG  OD1  doub N N 50  
ASN CG  ND2  sing N N 51  
ASN ND2 HD21 sing N N 52  
ASN ND2 HD22 sing N N 53  
ASN OXT HXT  sing N N 54  
ASP N   CA   sing N N 55  
ASP N   H    sing N N 56  
ASP N   H2   sing N N 57  
ASP CA  C    sing N N 58  
ASP CA  CB   sing N N 59  
ASP CA  HA   sing N N 60  
ASP C   O    doub N N 61  
ASP C   OXT  sing N N 62  
ASP CB  CG   sing N N 63  
ASP CB  HB2  sing N N 64  
ASP CB  HB3  sing N N 65  
ASP CG  OD1  doub N N 66  
ASP CG  OD2  sing N N 67  
ASP OD2 HD2  sing N N 68  
ASP OXT HXT  sing N N 69  
BME C1  C2   sing N N 70  
BME C1  O1   sing N N 71  
BME C1  H11  sing N N 72  
BME C1  H12  sing N N 73  
BME C2  S2   sing N N 74  
BME C2  H21  sing N N 75  
BME C2  H22  sing N N 76  
BME O1  HO1  sing N N 77  
BME S2  HS2  sing N N 78  
CSO N   CA   sing N N 79  
CSO N   H    sing N N 80  
CSO N   H2   sing N N 81  
CSO CA  CB   sing N N 82  
CSO CA  C    sing N N 83  
CSO CA  HA   sing N N 84  
CSO CB  SG   sing N N 85  
CSO CB  HB2  sing N N 86  
CSO CB  HB3  sing N N 87  
CSO SG  OD   sing N N 88  
CSO C   O    doub N N 89  
CSO C   OXT  sing N N 90  
CSO OXT HXT  sing N N 91  
CSO OD  HD   sing N N 92  
CYS N   CA   sing N N 93  
CYS N   H    sing N N 94  
CYS N   H2   sing N N 95  
CYS CA  C    sing N N 96  
CYS CA  CB   sing N N 97  
CYS CA  HA   sing N N 98  
CYS C   O    doub N N 99  
CYS C   OXT  sing N N 100 
CYS CB  SG   sing N N 101 
CYS CB  HB2  sing N N 102 
CYS CB  HB3  sing N N 103 
CYS SG  HG   sing N N 104 
CYS OXT HXT  sing N N 105 
GLN N   CA   sing N N 106 
GLN N   H    sing N N 107 
GLN N   H2   sing N N 108 
GLN CA  C    sing N N 109 
GLN CA  CB   sing N N 110 
GLN CA  HA   sing N N 111 
GLN C   O    doub N N 112 
GLN C   OXT  sing N N 113 
GLN CB  CG   sing N N 114 
GLN CB  HB2  sing N N 115 
GLN CB  HB3  sing N N 116 
GLN CG  CD   sing N N 117 
GLN CG  HG2  sing N N 118 
GLN CG  HG3  sing N N 119 
GLN CD  OE1  doub N N 120 
GLN CD  NE2  sing N N 121 
GLN NE2 HE21 sing N N 122 
GLN NE2 HE22 sing N N 123 
GLN OXT HXT  sing N N 124 
GLU N   CA   sing N N 125 
GLU N   H    sing N N 126 
GLU N   H2   sing N N 127 
GLU CA  C    sing N N 128 
GLU CA  CB   sing N N 129 
GLU CA  HA   sing N N 130 
GLU C   O    doub N N 131 
GLU C   OXT  sing N N 132 
GLU CB  CG   sing N N 133 
GLU CB  HB2  sing N N 134 
GLU CB  HB3  sing N N 135 
GLU CG  CD   sing N N 136 
GLU CG  HG2  sing N N 137 
GLU CG  HG3  sing N N 138 
GLU CD  OE1  doub N N 139 
GLU CD  OE2  sing N N 140 
GLU OE2 HE2  sing N N 141 
GLU OXT HXT  sing N N 142 
GLY N   CA   sing N N 143 
GLY N   H    sing N N 144 
GLY N   H2   sing N N 145 
GLY CA  C    sing N N 146 
GLY CA  HA2  sing N N 147 
GLY CA  HA3  sing N N 148 
GLY C   O    doub N N 149 
GLY C   OXT  sing N N 150 
GLY OXT HXT  sing N N 151 
HIS N   CA   sing N N 152 
HIS N   H    sing N N 153 
HIS N   H2   sing N N 154 
HIS CA  C    sing N N 155 
HIS CA  CB   sing N N 156 
HIS CA  HA   sing N N 157 
HIS C   O    doub N N 158 
HIS C   OXT  sing N N 159 
HIS CB  CG   sing N N 160 
HIS CB  HB2  sing N N 161 
HIS CB  HB3  sing N N 162 
HIS CG  ND1  sing Y N 163 
HIS CG  CD2  doub Y N 164 
HIS ND1 CE1  doub Y N 165 
HIS ND1 HD1  sing N N 166 
HIS CD2 NE2  sing Y N 167 
HIS CD2 HD2  sing N N 168 
HIS CE1 NE2  sing Y N 169 
HIS CE1 HE1  sing N N 170 
HIS NE2 HE2  sing N N 171 
HIS OXT HXT  sing N N 172 
HOH O   H1   sing N N 173 
HOH O   H2   sing N N 174 
ILE N   CA   sing N N 175 
ILE N   H    sing N N 176 
ILE N   H2   sing N N 177 
ILE CA  C    sing N N 178 
ILE CA  CB   sing N N 179 
ILE CA  HA   sing N N 180 
ILE C   O    doub N N 181 
ILE C   OXT  sing N N 182 
ILE CB  CG1  sing N N 183 
ILE CB  CG2  sing N N 184 
ILE CB  HB   sing N N 185 
ILE CG1 CD1  sing N N 186 
ILE CG1 HG12 sing N N 187 
ILE CG1 HG13 sing N N 188 
ILE CG2 HG21 sing N N 189 
ILE CG2 HG22 sing N N 190 
ILE CG2 HG23 sing N N 191 
ILE CD1 HD11 sing N N 192 
ILE CD1 HD12 sing N N 193 
ILE CD1 HD13 sing N N 194 
ILE OXT HXT  sing N N 195 
LEU N   CA   sing N N 196 
LEU N   H    sing N N 197 
LEU N   H2   sing N N 198 
LEU CA  C    sing N N 199 
LEU CA  CB   sing N N 200 
LEU CA  HA   sing N N 201 
LEU C   O    doub N N 202 
LEU C   OXT  sing N N 203 
LEU CB  CG   sing N N 204 
LEU CB  HB2  sing N N 205 
LEU CB  HB3  sing N N 206 
LEU CG  CD1  sing N N 207 
LEU CG  CD2  sing N N 208 
LEU CG  HG   sing N N 209 
LEU CD1 HD11 sing N N 210 
LEU CD1 HD12 sing N N 211 
LEU CD1 HD13 sing N N 212 
LEU CD2 HD21 sing N N 213 
LEU CD2 HD22 sing N N 214 
LEU CD2 HD23 sing N N 215 
LEU OXT HXT  sing N N 216 
LYS N   CA   sing N N 217 
LYS N   H    sing N N 218 
LYS N   H2   sing N N 219 
LYS CA  C    sing N N 220 
LYS CA  CB   sing N N 221 
LYS CA  HA   sing N N 222 
LYS C   O    doub N N 223 
LYS C   OXT  sing N N 224 
LYS CB  CG   sing N N 225 
LYS CB  HB2  sing N N 226 
LYS CB  HB3  sing N N 227 
LYS CG  CD   sing N N 228 
LYS CG  HG2  sing N N 229 
LYS CG  HG3  sing N N 230 
LYS CD  CE   sing N N 231 
LYS CD  HD2  sing N N 232 
LYS CD  HD3  sing N N 233 
LYS CE  NZ   sing N N 234 
LYS CE  HE2  sing N N 235 
LYS CE  HE3  sing N N 236 
LYS NZ  HZ1  sing N N 237 
LYS NZ  HZ2  sing N N 238 
LYS NZ  HZ3  sing N N 239 
LYS OXT HXT  sing N N 240 
MET N   CA   sing N N 241 
MET N   H    sing N N 242 
MET N   H2   sing N N 243 
MET CA  C    sing N N 244 
MET CA  CB   sing N N 245 
MET CA  HA   sing N N 246 
MET C   O    doub N N 247 
MET C   OXT  sing N N 248 
MET CB  CG   sing N N 249 
MET CB  HB2  sing N N 250 
MET CB  HB3  sing N N 251 
MET CG  SD   sing N N 252 
MET CG  HG2  sing N N 253 
MET CG  HG3  sing N N 254 
MET SD  CE   sing N N 255 
MET CE  HE1  sing N N 256 
MET CE  HE2  sing N N 257 
MET CE  HE3  sing N N 258 
MET OXT HXT  sing N N 259 
PHE N   CA   sing N N 260 
PHE N   H    sing N N 261 
PHE N   H2   sing N N 262 
PHE CA  C    sing N N 263 
PHE CA  CB   sing N N 264 
PHE CA  HA   sing N N 265 
PHE C   O    doub N N 266 
PHE C   OXT  sing N N 267 
PHE CB  CG   sing N N 268 
PHE CB  HB2  sing N N 269 
PHE CB  HB3  sing N N 270 
PHE CG  CD1  doub Y N 271 
PHE CG  CD2  sing Y N 272 
PHE CD1 CE1  sing Y N 273 
PHE CD1 HD1  sing N N 274 
PHE CD2 CE2  doub Y N 275 
PHE CD2 HD2  sing N N 276 
PHE CE1 CZ   doub Y N 277 
PHE CE1 HE1  sing N N 278 
PHE CE2 CZ   sing Y N 279 
PHE CE2 HE2  sing N N 280 
PHE CZ  HZ   sing N N 281 
PHE OXT HXT  sing N N 282 
PRO N   CA   sing N N 283 
PRO N   CD   sing N N 284 
PRO N   H    sing N N 285 
PRO CA  C    sing N N 286 
PRO CA  CB   sing N N 287 
PRO CA  HA   sing N N 288 
PRO C   O    doub N N 289 
PRO C   OXT  sing N N 290 
PRO CB  CG   sing N N 291 
PRO CB  HB2  sing N N 292 
PRO CB  HB3  sing N N 293 
PRO CG  CD   sing N N 294 
PRO CG  HG2  sing N N 295 
PRO CG  HG3  sing N N 296 
PRO CD  HD2  sing N N 297 
PRO CD  HD3  sing N N 298 
PRO OXT HXT  sing N N 299 
SER N   CA   sing N N 300 
SER N   H    sing N N 301 
SER N   H2   sing N N 302 
SER CA  C    sing N N 303 
SER CA  CB   sing N N 304 
SER CA  HA   sing N N 305 
SER C   O    doub N N 306 
SER C   OXT  sing N N 307 
SER CB  OG   sing N N 308 
SER CB  HB2  sing N N 309 
SER CB  HB3  sing N N 310 
SER OG  HG   sing N N 311 
SER OXT HXT  sing N N 312 
THR N   CA   sing N N 313 
THR N   H    sing N N 314 
THR N   H2   sing N N 315 
THR CA  C    sing N N 316 
THR CA  CB   sing N N 317 
THR CA  HA   sing N N 318 
THR C   O    doub N N 319 
THR C   OXT  sing N N 320 
THR CB  OG1  sing N N 321 
THR CB  CG2  sing N N 322 
THR CB  HB   sing N N 323 
THR OG1 HG1  sing N N 324 
THR CG2 HG21 sing N N 325 
THR CG2 HG22 sing N N 326 
THR CG2 HG23 sing N N 327 
THR OXT HXT  sing N N 328 
TRP N   CA   sing N N 329 
TRP N   H    sing N N 330 
TRP N   H2   sing N N 331 
TRP CA  C    sing N N 332 
TRP CA  CB   sing N N 333 
TRP CA  HA   sing N N 334 
TRP C   O    doub N N 335 
TRP C   OXT  sing N N 336 
TRP CB  CG   sing N N 337 
TRP CB  HB2  sing N N 338 
TRP CB  HB3  sing N N 339 
TRP CG  CD1  doub Y N 340 
TRP CG  CD2  sing Y N 341 
TRP CD1 NE1  sing Y N 342 
TRP CD1 HD1  sing N N 343 
TRP CD2 CE2  doub Y N 344 
TRP CD2 CE3  sing Y N 345 
TRP NE1 CE2  sing Y N 346 
TRP NE1 HE1  sing N N 347 
TRP CE2 CZ2  sing Y N 348 
TRP CE3 CZ3  doub Y N 349 
TRP CE3 HE3  sing N N 350 
TRP CZ2 CH2  doub Y N 351 
TRP CZ2 HZ2  sing N N 352 
TRP CZ3 CH2  sing Y N 353 
TRP CZ3 HZ3  sing N N 354 
TRP CH2 HH2  sing N N 355 
TRP OXT HXT  sing N N 356 
TYR N   CA   sing N N 357 
TYR N   H    sing N N 358 
TYR N   H2   sing N N 359 
TYR CA  C    sing N N 360 
TYR CA  CB   sing N N 361 
TYR CA  HA   sing N N 362 
TYR C   O    doub N N 363 
TYR C   OXT  sing N N 364 
TYR CB  CG   sing N N 365 
TYR CB  HB2  sing N N 366 
TYR CB  HB3  sing N N 367 
TYR CG  CD1  doub Y N 368 
TYR CG  CD2  sing Y N 369 
TYR CD1 CE1  sing Y N 370 
TYR CD1 HD1  sing N N 371 
TYR CD2 CE2  doub Y N 372 
TYR CD2 HD2  sing N N 373 
TYR CE1 CZ   doub Y N 374 
TYR CE1 HE1  sing N N 375 
TYR CE2 CZ   sing Y N 376 
TYR CE2 HE2  sing N N 377 
TYR CZ  OH   sing N N 378 
TYR OH  HH   sing N N 379 
TYR OXT HXT  sing N N 380 
VAL N   CA   sing N N 381 
VAL N   H    sing N N 382 
VAL N   H2   sing N N 383 
VAL CA  C    sing N N 384 
VAL CA  CB   sing N N 385 
VAL CA  HA   sing N N 386 
VAL C   O    doub N N 387 
VAL C   OXT  sing N N 388 
VAL CB  CG1  sing N N 389 
VAL CB  CG2  sing N N 390 
VAL CB  HB   sing N N 391 
VAL CG1 HG11 sing N N 392 
VAL CG1 HG12 sing N N 393 
VAL CG1 HG13 sing N N 394 
VAL CG2 HG21 sing N N 395 
VAL CG2 HG22 sing N N 396 
VAL CG2 HG23 sing N N 397 
VAL OXT HXT  sing N N 398 
# 
_atom_sites.entry_id                    2J89 
_atom_sites.fract_transf_matrix[1][1]   -0.00679296 
_atom_sites.fract_transf_matrix[1][2]   0.01165053 
_atom_sites.fract_transf_matrix[1][3]   0.01008888 
_atom_sites.fract_transf_matrix[2][1]   -0.00878386 
_atom_sites.fract_transf_matrix[2][2]   0.01276561 
_atom_sites.fract_transf_matrix[2][3]   -0.00659817 
_atom_sites.fract_transf_matrix[3][1]   -0.02058074 
_atom_sites.fract_transf_matrix[3][2]   -0.01335341 
_atom_sites.fract_transf_matrix[3][3]   0.00156314 
_atom_sites.fract_transf_vector[1]      1.138723 
_atom_sites.fract_transf_vector[2]      0.350776 
_atom_sites.fract_transf_vector[3]      -0.013206 
# 
loop_
_atom_type.symbol 
C 
N 
O 
S 
# 
loop_
_atom_site.group_PDB 
_atom_site.id 
_atom_site.type_symbol 
_atom_site.label_atom_id 
_atom_site.label_alt_id 
_atom_site.label_comp_id 
_atom_site.label_asym_id 
_atom_site.label_entity_id 
_atom_site.label_seq_id 
_atom_site.pdbx_PDB_ins_code 
_atom_site.Cartn_x 
_atom_site.Cartn_y 
_atom_site.Cartn_z 
_atom_site.occupancy 
_atom_site.B_iso_or_equiv 
_atom_site.pdbx_formal_charge 
_atom_site.auth_seq_id 
_atom_site.auth_comp_id 
_atom_site.auth_asym_id 
_atom_site.auth_atom_id 
_atom_site.pdbx_PDB_model_num 
ATOM   1    N N   . PRO A 1 79  ? -5.143  -11.809 -18.184 1.00 50.00 ? 22   PRO A N   1 
ATOM   2    C CA  . PRO A 1 79  ? -4.607  -13.181 -18.268 1.00 49.45 ? 22   PRO A CA  1 
ATOM   3    C C   . PRO A 1 79  ? -3.597  -13.527 -17.174 1.00 48.29 ? 22   PRO A C   1 
ATOM   4    O O   . PRO A 1 79  ? -3.807  -13.201 -16.003 1.00 48.48 ? 22   PRO A O   1 
ATOM   5    C CB  . PRO A 1 79  ? -3.996  -13.322 -19.652 1.00 49.99 ? 22   PRO A CB  1 
ATOM   6    C CG  . PRO A 1 79  ? -4.884  -12.380 -20.452 1.00 50.15 ? 22   PRO A CG  1 
ATOM   7    C CD  . PRO A 1 79  ? -5.102  -11.175 -19.514 1.00 49.93 ? 22   PRO A CD  1 
ATOM   8    N N   . THR A 1 80  ? -2.500  -14.175 -17.559 1.00 46.05 ? 23   THR A N   1 
ATOM   9    C CA  . THR A 1 80  ? -1.477  -14.592 -16.600 1.00 43.59 ? 23   THR A CA  1 
ATOM   10   C C   . THR A 1 80  ? -0.362  -13.586 -16.311 1.00 40.46 ? 23   THR A C   1 
ATOM   11   O O   . THR A 1 80  ? 0.289   -13.680 -15.272 1.00 40.29 ? 23   THR A O   1 
ATOM   12   C CB  . THR A 1 80  ? -0.826  -15.930 -17.031 1.00 44.77 ? 23   THR A CB  1 
ATOM   13   O OG1 . THR A 1 80  ? 0.107   -16.357 -16.030 1.00 46.67 ? 23   THR A OG1 1 
ATOM   14   C CG2 . THR A 1 80  ? -0.100  -15.774 -18.359 1.00 45.77 ? 23   THR A CG2 1 
ATOM   15   N N   . ILE A 1 81  ? -0.128  -12.632 -17.211 1.00 36.62 ? 24   ILE A N   1 
ATOM   16   C CA  . ILE A 1 81  ? 0.925   -11.647 -16.962 1.00 33.68 ? 24   ILE A CA  1 
ATOM   17   C C   . ILE A 1 81  ? 0.644   -10.915 -15.648 1.00 30.66 ? 24   ILE A C   1 
ATOM   18   O O   . ILE A 1 81  ? 1.475   -10.924 -14.739 1.00 29.05 ? 24   ILE A O   1 
ATOM   19   C CB  . ILE A 1 81  ? 1.049   -10.620 -18.110 1.00 33.94 ? 24   ILE A CB  1 
ATOM   20   C CG1 . ILE A 1 81  ? 1.625   -11.294 -19.359 1.00 34.83 ? 24   ILE A CG1 1 
ATOM   21   C CG2 . ILE A 1 81  ? 1.940   -9.462  -17.670 1.00 33.69 ? 24   ILE A CG2 1 
ATOM   22   C CD1 . ILE A 1 81  ? 3.005   -10.791 -19.759 1.00 34.89 ? 24   ILE A CD1 1 
ATOM   23   N N   . PRO A 1 82  ? -0.531  -10.270 -15.529 1.00 28.49 ? 25   PRO A N   1 
ATOM   24   C CA  . PRO A 1 82  ? -0.820  -9.570  -14.274 1.00 26.86 ? 25   PRO A CA  1 
ATOM   25   C C   . PRO A 1 82  ? -1.023  -10.560 -13.128 1.00 26.08 ? 25   PRO A C   1 
ATOM   26   O O   . PRO A 1 82  ? -0.996  -10.184 -11.956 1.00 24.56 ? 25   PRO A O   1 
ATOM   27   C CB  . PRO A 1 82  ? -2.082  -8.775  -14.605 1.00 26.79 ? 25   PRO A CB  1 
ATOM   28   C CG  . PRO A 1 82  ? -2.754  -9.623  -15.641 1.00 28.07 ? 25   PRO A CG  1 
ATOM   29   C CD  . PRO A 1 82  ? -1.601  -10.038 -16.517 1.00 28.10 ? 25   PRO A CD  1 
ATOM   30   N N   . GLN A 1 83  ? -1.230  -11.829 -13.472 1.00 25.48 ? 26   GLN A N   1 
ATOM   31   C CA  . GLN A 1 83  ? -1.419  -12.862 -12.460 1.00 25.54 ? 26   GLN A CA  1 
ATOM   32   C C   . GLN A 1 83  ? -0.080  -13.471 -12.066 1.00 24.10 ? 26   GLN A C   1 
ATOM   33   O O   . GLN A 1 83  ? -0.001  -14.274 -11.135 1.00 23.79 ? 26   GLN A O   1 
ATOM   34   C CB  . GLN A 1 83  ? -2.364  -13.949 -12.976 1.00 27.31 ? 26   GLN A CB  1 
ATOM   35   C CG  . GLN A 1 83  ? -3.816  -13.513 -13.013 1.00 30.38 ? 26   GLN A CG  1 
ATOM   36   C CD  . GLN A 1 83  ? -4.316  -13.078 -11.648 1.00 32.70 ? 26   GLN A CD  1 
ATOM   37   O OE1 . GLN A 1 83  ? -4.381  -13.878 -10.714 1.00 33.53 ? 26   GLN A OE1 1 
ATOM   38   N NE2 . GLN A 1 83  ? -4.661  -11.802 -11.523 1.00 34.41 ? 26   GLN A NE2 1 
ATOM   39   N N   . GLY A 1 84  ? 0.970   -13.077 -12.781 1.00 22.87 ? 27   GLY A N   1 
ATOM   40   C CA  . GLY A 1 84  ? 2.303   -13.575 -12.492 1.00 22.94 ? 27   GLY A CA  1 
ATOM   41   C C   . GLY A 1 84  ? 2.892   -12.874 -11.282 1.00 21.93 ? 27   GLY A C   1 
ATOM   42   O O   . GLY A 1 84  ? 2.301   -11.926 -10.768 1.00 21.35 ? 27   GLY A O   1 
ATOM   43   N N   . PRO A 1 85  ? 4.061   -13.314 -10.800 1.00 22.28 ? 28   PRO A N   1 
ATOM   44   C CA  . PRO A 1 85  ? 4.699   -12.696 -9.635  1.00 21.22 ? 28   PRO A CA  1 
ATOM   45   C C   . PRO A 1 85  ? 5.389   -11.373 -9.950  1.00 19.86 ? 28   PRO A C   1 
ATOM   46   O O   . PRO A 1 85  ? 5.455   -10.951 -11.103 1.00 19.73 ? 28   PRO A O   1 
ATOM   47   C CB  . PRO A 1 85  ? 5.690   -13.763 -9.190  1.00 22.29 ? 28   PRO A CB  1 
ATOM   48   C CG  . PRO A 1 85  ? 6.129   -14.347 -10.498 1.00 23.10 ? 28   PRO A CG  1 
ATOM   49   C CD  . PRO A 1 85  ? 4.825   -14.492 -11.252 1.00 22.86 ? 28   PRO A CD  1 
ATOM   50   N N   . ASP A 1 86  ? 5.885   -10.714 -8.909  1.00 19.92 ? 29   ASP A N   1 
ATOM   51   C CA  . ASP A 1 86  ? 6.605   -9.458  -9.070  1.00 21.37 ? 29   ASP A CA  1 
ATOM   52   C C   . ASP A 1 86  ? 8.067   -9.861  -9.240  1.00 23.25 ? 29   ASP A C   1 
ATOM   53   O O   . ASP A 1 86  ? 8.741   -10.183 -8.260  1.00 23.03 ? 29   ASP A O   1 
ATOM   54   C CB  . ASP A 1 86  ? 6.447   -8.583  -7.823  1.00 19.79 ? 29   ASP A CB  1 
ATOM   55   C CG  . ASP A 1 86  ? 7.175   -7.256  -7.943  1.00 18.79 ? 29   ASP A CG  1 
ATOM   56   O OD1 . ASP A 1 86  ? 7.872   -7.046  -8.959  1.00 18.03 ? 29   ASP A OD1 1 
ATOM   57   O OD2 . ASP A 1 86  ? 7.053   -6.420  -7.021  1.00 16.65 ? 29   ASP A OD2 1 
ATOM   58   N N   . ASP A 1 87  ? 8.545   -9.853  -10.481 1.00 25.19 ? 30   ASP A N   1 
ATOM   59   C CA  . ASP A 1 87  ? 9.920   -10.240 -10.789 1.00 28.06 ? 30   ASP A CA  1 
ATOM   60   C C   . ASP A 1 87  ? 10.941  -9.118  -10.649 1.00 28.19 ? 30   ASP A C   1 
ATOM   61   O O   . ASP A 1 87  ? 12.121  -9.307  -10.949 1.00 29.28 ? 30   ASP A O   1 
ATOM   62   C CB  . ASP A 1 87  ? 9.996   -10.814 -12.207 1.00 31.43 ? 30   ASP A CB  1 
ATOM   63   C CG  . ASP A 1 87  ? 9.371   -12.191 -12.312 1.00 34.24 ? 30   ASP A CG  1 
ATOM   64   O OD1 . ASP A 1 87  ? 9.250   -12.705 -13.444 1.00 37.05 ? 30   ASP A OD1 1 
ATOM   65   O OD2 . ASP A 1 87  ? 9.007   -12.763 -11.262 1.00 36.57 ? 30   ASP A OD2 1 
ATOM   66   N N   . ASP A 1 88  ? 10.492  -7.953  -10.199 1.00 26.59 ? 31   ASP A N   1 
ATOM   67   C CA  . ASP A 1 88  ? 11.395  -6.823  -10.026 1.00 25.45 ? 31   ASP A CA  1 
ATOM   68   C C   . ASP A 1 88  ? 12.317  -7.062  -8.840  1.00 25.51 ? 31   ASP A C   1 
ATOM   69   O O   . ASP A 1 88  ? 11.944  -7.730  -7.876  1.00 25.20 ? 31   ASP A O   1 
ATOM   70   C CB  . ASP A 1 88  ? 10.596  -5.536  -9.816  1.00 24.80 ? 31   ASP A CB  1 
ATOM   71   C CG  . ASP A 1 88  ? 9.867   -5.096  -11.071 1.00 25.53 ? 31   ASP A CG  1 
ATOM   72   O OD1 . ASP A 1 88  ? 9.026   -4.179  -10.981 1.00 24.18 ? 31   ASP A OD1 1 
ATOM   73   O OD2 . ASP A 1 88  ? 10.144  -5.669  -12.147 1.00 24.29 ? 31   ASP A OD2 1 
ATOM   74   N N   . LEU A 1 89  ? 13.527  -6.522  -8.924  1.00 25.78 ? 32   LEU A N   1 
ATOM   75   C CA  . LEU A 1 89  ? 14.507  -6.677  -7.858  1.00 26.08 ? 32   LEU A CA  1 
ATOM   76   C C   . LEU A 1 89  ? 14.705  -5.337  -7.169  1.00 23.94 ? 32   LEU A C   1 
ATOM   77   O O   . LEU A 1 89  ? 14.929  -4.321  -7.830  1.00 24.36 ? 32   LEU A O   1 
ATOM   78   C CB  . LEU A 1 89  ? 15.856  -7.136  -8.424  1.00 28.40 ? 32   LEU A CB  1 
ATOM   79   C CG  . LEU A 1 89  ? 15.901  -8.016  -9.675  1.00 30.58 ? 32   LEU A CG  1 
ATOM   80   C CD1 . LEU A 1 89  ? 15.463  -7.211  -10.893 1.00 32.30 ? 32   LEU A CD1 1 
ATOM   81   C CD2 . LEU A 1 89  ? 17.321  -8.526  -9.876  1.00 32.80 ? 32   LEU A CD2 1 
ATOM   82   N N   . PRO A 1 90  ? 14.607  -5.303  -5.833  1.00 21.87 ? 33   PRO A N   1 
ATOM   83   C CA  . PRO A 1 90  ? 14.805  -4.017  -5.163  1.00 21.14 ? 33   PRO A CA  1 
ATOM   84   C C   . PRO A 1 90  ? 16.299  -3.705  -5.150  1.00 21.00 ? 33   PRO A C   1 
ATOM   85   O O   . PRO A 1 90  ? 17.105  -4.516  -5.608  1.00 20.20 ? 33   PRO A O   1 
ATOM   86   C CB  . PRO A 1 90  ? 14.247  -4.271  -3.767  1.00 21.02 ? 33   PRO A CB  1 
ATOM   87   C CG  . PRO A 1 90  ? 14.592  -5.706  -3.537  1.00 21.40 ? 33   PRO A CG  1 
ATOM   88   C CD  . PRO A 1 90  ? 14.240  -6.353  -4.863  1.00 22.40 ? 33   PRO A CD  1 
ATOM   89   N N   . ALA A 1 91  ? 16.665  -2.538  -4.634  1.00 19.17 ? 34   ALA A N   1 
ATOM   90   C CA  . ALA A 1 91  ? 18.070  -2.158  -4.568  1.00 19.85 ? 34   ALA A CA  1 
ATOM   91   C C   . ALA A 1 91  ? 18.822  -3.112  -3.638  1.00 19.71 ? 34   ALA A C   1 
ATOM   92   O O   . ALA A 1 91  ? 18.214  -3.793  -2.810  1.00 18.51 ? 34   ALA A O   1 
ATOM   93   C CB  . ALA A 1 91  ? 18.201  -0.722  -4.074  1.00 19.24 ? 34   ALA A CB  1 
ATOM   94   N N   . PRO A 1 92  ? 20.159  -3.182  -3.768  1.00 19.89 ? 35   PRO A N   1 
ATOM   95   C CA  . PRO A 1 92  ? 20.954  -4.073  -2.918  1.00 19.71 ? 35   PRO A CA  1 
ATOM   96   C C   . PRO A 1 92  ? 20.704  -3.883  -1.421  1.00 19.32 ? 35   PRO A C   1 
ATOM   97   O O   . PRO A 1 92  ? 20.673  -2.760  -0.924  1.00 18.94 ? 35   PRO A O   1 
ATOM   98   C CB  . PRO A 1 92  ? 22.387  -3.734  -3.318  1.00 20.58 ? 35   PRO A CB  1 
ATOM   99   C CG  . PRO A 1 92  ? 22.247  -3.389  -4.769  1.00 20.48 ? 35   PRO A CG  1 
ATOM   100  C CD  . PRO A 1 92  ? 21.015  -2.510  -4.763  1.00 20.60 ? 35   PRO A CD  1 
ATOM   101  N N   . GLY A 1 93  ? 20.525  -4.994  -0.714  1.00 19.18 ? 36   GLY A N   1 
ATOM   102  C CA  . GLY A 1 93  ? 20.289  -4.938  0.718   1.00 18.72 ? 36   GLY A CA  1 
ATOM   103  C C   . GLY A 1 93  ? 18.870  -4.547  1.085   1.00 18.69 ? 36   GLY A C   1 
ATOM   104  O O   . GLY A 1 93  ? 18.518  -4.505  2.262   1.00 18.43 ? 36   GLY A O   1 
ATOM   105  N N   . GLN A 1 94  ? 18.052  -4.256  0.080   1.00 16.92 ? 37   GLN A N   1 
ATOM   106  C CA  . GLN A 1 94  ? 16.673  -3.865  0.334   1.00 16.09 ? 37   GLN A CA  1 
ATOM   107  C C   . GLN A 1 94  ? 15.706  -5.026  0.140   1.00 16.02 ? 37   GLN A C   1 
ATOM   108  O O   . GLN A 1 94  ? 16.056  -6.064  -0.422  1.00 16.02 ? 37   GLN A O   1 
ATOM   109  C CB  . GLN A 1 94  ? 16.263  -2.712  -0.587  1.00 15.15 ? 37   GLN A CB  1 
ATOM   110  C CG  . GLN A 1 94  ? 17.163  -1.487  -0.525  1.00 16.73 ? 37   GLN A CG  1 
ATOM   111  C CD  . GLN A 1 94  ? 17.469  -1.055  0.895   1.00 18.43 ? 37   GLN A CD  1 
ATOM   112  O OE1 . GLN A 1 94  ? 18.517  -1.395  1.450   1.00 20.63 ? 37   GLN A OE1 1 
ATOM   113  N NE2 . GLN A 1 94  ? 16.548  -0.313  1.497   1.00 14.34 ? 37   GLN A NE2 1 
ATOM   114  N N   . GLN A 1 95  ? 14.482  -4.832  0.618   1.00 13.91 ? 38   GLN A N   1 
ATOM   115  C CA  . GLN A 1 95  ? 13.426  -5.827  0.510   1.00 13.87 ? 38   GLN A CA  1 
ATOM   116  C C   . GLN A 1 95  ? 12.159  -5.103  0.070   1.00 12.37 ? 38   GLN A C   1 
ATOM   117  O O   . GLN A 1 95  ? 11.959  -3.938  0.406   1.00 11.67 ? 38   GLN A O   1 
ATOM   118  C CB  . GLN A 1 95  ? 13.192  -6.482  1.871   1.00 17.03 ? 38   GLN A CB  1 
ATOM   119  C CG  . GLN A 1 95  ? 12.093  -7.513  1.913   1.00 23.33 ? 38   GLN A CG  1 
ATOM   120  C CD  . GLN A 1 95  ? 12.619  -8.944  1.828   1.00 26.82 ? 38   GLN A CD  1 
ATOM   121  O OE1 . GLN A 1 95  ? 12.247  -9.797  2.643   1.00 28.87 ? 38   GLN A OE1 1 
ATOM   122  N NE2 . GLN A 1 95  ? 13.452  -9.220  0.836   1.00 28.74 ? 38   GLN A NE2 1 
ATOM   123  N N   . PHE A 1 96  ? 11.312  -5.795  -0.684  1.00 11.98 ? 39   PHE A N   1 
ATOM   124  C CA  . PHE A 1 96  ? 10.052  -5.227  -1.158  1.00 11.73 ? 39   PHE A CA  1 
ATOM   125  C C   . PHE A 1 96  ? 8.913   -5.565  -0.203  1.00 11.38 ? 39   PHE A C   1 
ATOM   126  O O   . PHE A 1 96  ? 8.941   -6.587  0.483   1.00 10.85 ? 39   PHE A O   1 
ATOM   127  C CB  . PHE A 1 96  ? 9.682   -5.809  -2.526  1.00 12.71 ? 39   PHE A CB  1 
ATOM   128  C CG  . PHE A 1 96  ? 10.191  -5.025  -3.697  1.00 14.07 ? 39   PHE A CG  1 
ATOM   129  C CD1 . PHE A 1 96  ? 10.572  -5.685  -4.862  1.00 13.79 ? 39   PHE A CD1 1 
ATOM   130  C CD2 . PHE A 1 96  ? 10.233  -3.633  -3.673  1.00 13.01 ? 39   PHE A CD2 1 
ATOM   131  C CE1 . PHE A 1 96  ? 10.989  -4.977  -5.986  1.00 13.94 ? 39   PHE A CE1 1 
ATOM   132  C CE2 . PHE A 1 96  ? 10.647  -2.916  -4.794  1.00 14.17 ? 39   PHE A CE2 1 
ATOM   133  C CZ  . PHE A 1 96  ? 11.025  -3.591  -5.953  1.00 14.54 ? 39   PHE A CZ  1 
ATOM   134  N N   . ALA A 1 97  ? 7.909   -4.693  -0.178  1.00 10.36 ? 40   ALA A N   1 
ATOM   135  C CA  . ALA A 1 97  ? 6.701   -4.887  0.616   1.00 10.34 ? 40   ALA A CA  1 
ATOM   136  C C   . ALA A 1 97  ? 5.596   -4.221  -0.199  1.00 9.63  ? 40   ALA A C   1 
ATOM   137  O O   . ALA A 1 97  ? 5.864   -3.269  -0.936  1.00 10.31 ? 40   ALA A O   1 
ATOM   138  C CB  . ALA A 1 97  ? 6.827   -4.218  1.987   1.00 11.37 ? 40   ALA A CB  1 
ATOM   139  N N   . GLN A 1 98  ? 4.370   -4.731  -0.096  1.00 9.36  ? 41   GLN A N   1 
ATOM   140  C CA  . GLN A 1 98  ? 3.228   -4.159  -0.816  1.00 9.78  ? 41   GLN A CA  1 
ATOM   141  C C   . GLN A 1 98  ? 2.028   -4.028  0.104   1.00 10.45 ? 41   GLN A C   1 
ATOM   142  O O   . GLN A 1 98  ? 1.646   -4.986  0.784   1.00 10.53 ? 41   GLN A O   1 
ATOM   143  C CB  . GLN A 1 98  ? 2.816   -5.025  -2.008  1.00 9.92  ? 41   GLN A CB  1 
ATOM   144  C CG  . GLN A 1 98  ? 3.710   -4.936  -3.223  1.00 9.39  ? 41   GLN A CG  1 
ATOM   145  C CD  . GLN A 1 98  ? 3.083   -5.614  -4.423  1.00 10.52 ? 41   GLN A CD  1 
ATOM   146  O OE1 . GLN A 1 98  ? 3.776   -6.076  -5.331  1.00 13.40 ? 41   GLN A OE1 1 
ATOM   147  N NE2 . GLN A 1 98  ? 1.757   -5.668  -4.439  1.00 10.34 ? 41   GLN A NE2 1 
ATOM   148  N N   . PHE A 1 99  ? 1.418   -2.848  0.105   1.00 10.63 ? 42   PHE A N   1 
ATOM   149  C CA  . PHE A 1 99  ? 0.264   -2.606  0.957   1.00 9.73  ? 42   PHE A CA  1 
ATOM   150  C C   . PHE A 1 99  ? -0.846  -1.875  0.229   1.00 9.57  ? 42   PHE A C   1 
ATOM   151  O O   . PHE A 1 99  ? -0.595  -0.950  -0.542  1.00 9.76  ? 42   PHE A O   1 
ATOM   152  C CB  . PHE A 1 99  ? 0.663   -1.762  2.171   1.00 9.30  ? 42   PHE A CB  1 
ATOM   153  C CG  . PHE A 1 99  ? 1.704   -2.398  3.039   1.00 9.95  ? 42   PHE A CG  1 
ATOM   154  C CD1 . PHE A 1 99  ? 1.374   -3.446  3.890   1.00 12.11 ? 42   PHE A CD1 1 
ATOM   155  C CD2 . PHE A 1 99  ? 3.018   -1.950  3.006   1.00 9.74  ? 42   PHE A CD2 1 
ATOM   156  C CE1 . PHE A 1 99  ? 2.340   -4.040  4.698   1.00 12.55 ? 42   PHE A CE1 1 
ATOM   157  C CE2 . PHE A 1 99  ? 3.991   -2.536  3.810   1.00 11.76 ? 42   PHE A CE2 1 
ATOM   158  C CZ  . PHE A 1 99  ? 3.652   -3.582  4.655   1.00 10.26 ? 42   PHE A CZ  1 
ATOM   159  N N   . GLY A 1 100 ? -2.075  -2.305  0.492   1.00 9.61  ? 43   GLY A N   1 
ATOM   160  C CA  . GLY A 1 100 ? -3.241  -1.666  -0.085  1.00 9.49  ? 43   GLY A CA  1 
ATOM   161  C C   . GLY A 1 100 ? -4.038  -1.173  1.109   1.00 8.77  ? 43   GLY A C   1 
ATOM   162  O O   . GLY A 1 100 ? -4.341  -1.956  2.006   1.00 9.78  ? 43   GLY A O   1 
ATOM   163  N N   . ALA A 1 101 ? -4.365  0.116   1.143   1.00 8.54  ? 44   ALA A N   1 
ATOM   164  C CA  . ALA A 1 101 ? -5.116  0.662   2.268   1.00 8.31  ? 44   ALA A CA  1 
ATOM   165  C C   . ALA A 1 101 ? -6.028  1.810   1.854   1.00 7.85  ? 44   ALA A C   1 
ATOM   166  O O   . ALA A 1 101 ? -6.258  2.732   2.639   1.00 7.79  ? 44   ALA A O   1 
ATOM   167  C CB  . ALA A 1 101 ? -4.152  1.134   3.360   1.00 9.67  ? 44   ALA A CB  1 
ATOM   168  N N   . GLY A 1 102 ? -6.536  1.747   0.626   1.00 7.25  ? 45   GLY A N   1 
ATOM   169  C CA  . GLY A 1 102 ? -7.418  2.787   0.110   1.00 8.17  ? 45   GLY A CA  1 
ATOM   170  C C   . GLY A 1 102 ? -6.694  3.662   -0.903  1.00 8.49  ? 45   GLY A C   1 
ATOM   171  O O   . GLY A 1 102 ? -5.719  3.227   -1.508  1.00 8.95  ? 45   GLY A O   1 
ATOM   172  N N   . CYS A 1 103 ? -7.174  4.885   -1.105  1.00 8.77  ? 46   CYS A N   1 
ATOM   173  C CA  . CYS A 1 103 ? -6.529  5.809   -2.035  1.00 8.72  ? 46   CYS A CA  1 
ATOM   174  C C   . CYS A 1 103 ? -5.032  5.746   -1.761  1.00 7.38  ? 46   CYS A C   1 
ATOM   175  O O   . CYS A 1 103 ? -4.594  6.042   -0.648  1.00 8.70  ? 46   CYS A O   1 
ATOM   176  C CB  . CYS A 1 103 ? -7.035  7.217   -1.766  1.00 11.73 ? 46   CYS A CB  1 
ATOM   177  S SG  . CYS A 1 103 ? -6.232  8.564   -2.677  1.00 11.05 ? 46   CYS A SG  1 
ATOM   178  N N   . PHE A 1 104 ? -4.236  5.382   -2.762  1.00 7.38  ? 47   PHE A N   1 
ATOM   179  C CA  . PHE A 1 104 ? -2.813  5.253   -2.499  1.00 8.09  ? 47   PHE A CA  1 
ATOM   180  C C   . PHE A 1 104 ? -2.006  6.512   -2.200  1.00 7.18  ? 47   PHE A C   1 
ATOM   181  O O   . PHE A 1 104 ? -0.840  6.416   -1.823  1.00 6.93  ? 47   PHE A O   1 
ATOM   182  C CB  . PHE A 1 104 ? -2.103  4.400   -3.574  1.00 8.11  ? 47   PHE A CB  1 
ATOM   183  C CG  . PHE A 1 104 ? -2.402  4.774   -5.006  1.00 8.93  ? 47   PHE A CG  1 
ATOM   184  C CD1 . PHE A 1 104 ? -2.747  6.071   -5.372  1.00 9.67  ? 47   PHE A CD1 1 
ATOM   185  C CD2 . PHE A 1 104 ? -2.249  3.814   -6.007  1.00 7.76  ? 47   PHE A CD2 1 
ATOM   186  C CE1 . PHE A 1 104 ? -2.935  6.403   -6.719  1.00 10.39 ? 47   PHE A CE1 1 
ATOM   187  C CE2 . PHE A 1 104 ? -2.434  4.130   -7.347  1.00 9.09  ? 47   PHE A CE2 1 
ATOM   188  C CZ  . PHE A 1 104 ? -2.776  5.428   -7.708  1.00 9.31  ? 47   PHE A CZ  1 
ATOM   189  N N   . TRP A 1 105 ? -2.614  7.686   -2.332  1.00 6.86  ? 48   TRP A N   1 
ATOM   190  C CA  . TRP A 1 105 ? -1.890  8.920   -2.041  1.00 7.20  ? 48   TRP A CA  1 
ATOM   191  C C   . TRP A 1 105 ? -1.521  9.005   -0.556  1.00 7.61  ? 48   TRP A C   1 
ATOM   192  O O   . TRP A 1 105 ? -0.362  9.219   -0.207  1.00 7.49  ? 48   TRP A O   1 
ATOM   193  C CB  . TRP A 1 105 ? -2.722  10.154  -2.396  1.00 7.37  ? 48   TRP A CB  1 
ATOM   194  C CG  . TRP A 1 105 ? -3.115  10.288  -3.832  1.00 6.23  ? 48   TRP A CG  1 
ATOM   195  C CD1 . TRP A 1 105 ? -2.484  9.749   -4.921  1.00 6.67  ? 48   TRP A CD1 1 
ATOM   196  C CD2 . TRP A 1 105 ? -4.199  11.071  -4.343  1.00 6.40  ? 48   TRP A CD2 1 
ATOM   197  N NE1 . TRP A 1 105 ? -3.107  10.158  -6.079  1.00 6.35  ? 48   TRP A NE1 1 
ATOM   198  C CE2 . TRP A 1 105 ? -4.160  10.974  -5.751  1.00 7.21  ? 48   TRP A CE2 1 
ATOM   199  C CE3 . TRP A 1 105 ? -5.192  11.860  -3.746  1.00 7.10  ? 48   TRP A CE3 1 
ATOM   200  C CZ2 . TRP A 1 105 ? -5.088  11.623  -6.573  1.00 7.05  ? 48   TRP A CZ2 1 
ATOM   201  C CZ3 . TRP A 1 105 ? -6.113  12.506  -4.563  1.00 7.55  ? 48   TRP A CZ3 1 
ATOM   202  C CH2 . TRP A 1 105 ? -6.050  12.387  -5.964  1.00 7.01  ? 48   TRP A CH2 1 
ATOM   203  N N   . GLY A 1 106 ? -2.518  8.852   0.309   1.00 8.21  ? 49   GLY A N   1 
ATOM   204  C CA  . GLY A 1 106 ? -2.277  8.931   1.739   1.00 8.02  ? 49   GLY A CA  1 
ATOM   205  C C   . GLY A 1 106 ? -1.442  7.775   2.248   1.00 7.77  ? 49   GLY A C   1 
ATOM   206  O O   . GLY A 1 106 ? -0.628  7.928   3.161   1.00 8.88  ? 49   GLY A O   1 
ATOM   207  N N   . VAL A 1 107 ? -1.649  6.605   1.656   1.00 7.39  ? 50   VAL A N   1 
ATOM   208  C CA  . VAL A 1 107 ? -0.900  5.428   2.055   1.00 7.60  ? 50   VAL A CA  1 
ATOM   209  C C   . VAL A 1 107 ? 0.577   5.617   1.733   1.00 8.19  ? 50   VAL A C   1 
ATOM   210  O O   . VAL A 1 107 ? 1.437   5.268   2.537   1.00 7.82  ? 50   VAL A O   1 
ATOM   211  C CB  . VAL A 1 107 ? -1.418  4.164   1.338   1.00 7.74  ? 50   VAL A CB  1 
ATOM   212  C CG1 . VAL A 1 107 ? -0.695  2.932   1.870   1.00 8.02  ? 50   VAL A CG1 1 
ATOM   213  C CG2 . VAL A 1 107 ? -2.922  4.031   1.548   1.00 8.63  ? 50   VAL A CG2 1 
ATOM   214  N N   . GLU A 1 108 ? 0.886   6.179   0.568   1.00 6.79  ? 51   GLU A N   1 
ATOM   215  C CA  . GLU A 1 108 ? 2.293   6.365   0.242   1.00 7.21  ? 51   GLU A CA  1 
ATOM   216  C C   . GLU A 1 108 ? 2.973   7.346   1.192   1.00 7.07  ? 51   GLU A C   1 
ATOM   217  O O   . GLU A 1 108 ? 4.099   7.110   1.628   1.00 6.99  ? 51   GLU A O   1 
ATOM   218  C CB  . GLU A 1 108 ? 2.497   6.849   -1.197  1.00 7.84  ? 51   GLU A CB  1 
ATOM   219  C CG  . GLU A 1 108 ? 3.982   7.084   -1.467  1.00 8.92  ? 51   GLU A CG  1 
ATOM   220  C CD  . GLU A 1 108 ? 4.315   7.519   -2.876  1.00 9.49  ? 51   GLU A CD  1 
ATOM   221  O OE1 . GLU A 1 108 ? 3.455   8.122   -3.554  1.00 9.54  ? 51   GLU A OE1 1 
ATOM   222  O OE2 . GLU A 1 108 ? 5.465   7.270   -3.298  1.00 10.31 ? 51   GLU A OE2 1 
ATOM   223  N N   . LEU A 1 109 ? 2.295   8.445   1.515   1.00 7.29  ? 52   LEU A N   1 
ATOM   224  C CA  . LEU A 1 109 ? 2.876   9.449   2.403   1.00 7.61  ? 52   LEU A CA  1 
ATOM   225  C C   . LEU A 1 109 ? 3.210   8.844   3.759   1.00 8.12  ? 52   LEU A C   1 
ATOM   226  O O   . LEU A 1 109 ? 4.244   9.152   4.344   1.00 8.59  ? 52   LEU A O   1 
ATOM   227  C CB  . LEU A 1 109 ? 1.921   10.630  2.588   1.00 8.46  ? 52   LEU A CB  1 
ATOM   228  C CG  . LEU A 1 109 ? 2.451   11.787  3.446   1.00 8.35  ? 52   LEU A CG  1 
ATOM   229  C CD1 . LEU A 1 109 ? 3.743   12.316  2.845   1.00 8.38  ? 52   LEU A CD1 1 
ATOM   230  C CD2 . LEU A 1 109 ? 1.408   12.890  3.536   1.00 7.76  ? 52   LEU A CD2 1 
ATOM   231  N N   . ALA A 1 110 ? 2.332   7.978   4.254   1.00 9.09  ? 53   ALA A N   1 
ATOM   232  C CA  . ALA A 1 110 ? 2.548   7.333   5.541   1.00 8.91  ? 53   ALA A CA  1 
ATOM   233  C C   . ALA A 1 110 ? 3.870   6.573   5.552   1.00 9.37  ? 53   ALA A C   1 
ATOM   234  O O   . ALA A 1 110 ? 4.644   6.667   6.504   1.00 10.80 ? 53   ALA A O   1 
ATOM   235  C CB  . ALA A 1 110 ? 1.401   6.382   5.841   1.00 10.02 ? 53   ALA A CB  1 
ATOM   236  N N   . PHE A 1 111 ? 4.133   5.825   4.486   1.00 8.30  ? 54   PHE A N   1 
ATOM   237  C CA  . PHE A 1 111 ? 5.362   5.051   4.401   1.00 8.53  ? 54   PHE A CA  1 
ATOM   238  C C   . PHE A 1 111 ? 6.597   5.882   4.080   1.00 9.41  ? 54   PHE A C   1 
ATOM   239  O O   . PHE A 1 111 ? 7.716   5.505   4.433   1.00 9.21  ? 54   PHE A O   1 
ATOM   240  C CB  . PHE A 1 111 ? 5.182   3.916   3.391   1.00 7.88  ? 54   PHE A CB  1 
ATOM   241  C CG  . PHE A 1 111 ? 4.308   2.811   3.901   1.00 8.62  ? 54   PHE A CG  1 
ATOM   242  C CD1 . PHE A 1 111 ? 4.731   2.019   4.963   1.00 9.50  ? 54   PHE A CD1 1 
ATOM   243  C CD2 . PHE A 1 111 ? 3.041   2.601   3.369   1.00 9.65  ? 54   PHE A CD2 1 
ATOM   244  C CE1 . PHE A 1 111 ? 3.907   1.034   5.495   1.00 10.35 ? 54   PHE A CE1 1 
ATOM   245  C CE2 . PHE A 1 111 ? 2.204   1.617   3.892   1.00 10.44 ? 54   PHE A CE2 1 
ATOM   246  C CZ  . PHE A 1 111 ? 2.640   0.833   4.960   1.00 10.43 ? 54   PHE A CZ  1 
ATOM   247  N N   . GLN A 1 112 ? 6.403   7.013   3.413   1.00 9.56  ? 55   GLN A N   1 
ATOM   248  C CA  . GLN A 1 112 ? 7.529   7.882   3.088   1.00 10.58 ? 55   GLN A CA  1 
ATOM   249  C C   . GLN A 1 112 ? 8.195   8.400   4.360   1.00 10.84 ? 55   GLN A C   1 
ATOM   250  O O   . GLN A 1 112 ? 9.398   8.670   4.377   1.00 11.52 ? 55   GLN A O   1 
ATOM   251  C CB  . GLN A 1 112 ? 7.065   9.085   2.271   1.00 11.03 ? 55   GLN A CB  1 
ATOM   252  C CG  . GLN A 1 112 ? 6.756   8.805   0.818   1.00 11.92 ? 55   GLN A CG  1 
ATOM   253  C CD  . GLN A 1 112 ? 6.393   10.072  0.078   1.00 11.04 ? 55   GLN A CD  1 
ATOM   254  O OE1 . GLN A 1 112 ? 5.225   10.452  0.003   1.00 13.03 ? 55   GLN A OE1 1 
ATOM   255  N NE2 . GLN A 1 112 ? 7.403   10.753  -0.452  1.00 12.05 ? 55   GLN A NE2 1 
ATOM   256  N N   . ARG A 1 113 ? 7.404   8.538   5.419   1.00 10.87 ? 56   ARG A N   1 
ATOM   257  C CA  . ARG A 1 113 ? 7.884   9.059   6.697   1.00 11.13 ? 56   ARG A CA  1 
ATOM   258  C C   . ARG A 1 113 ? 8.544   8.032   7.612   1.00 11.54 ? 56   ARG A C   1 
ATOM   259  O O   . ARG A 1 113 ? 9.073   8.386   8.666   1.00 11.74 ? 56   ARG A O   1 
ATOM   260  C CB  . ARG A 1 113 ? 6.724   9.708   7.454   1.00 11.45 ? 56   ARG A CB  1 
ATOM   261  C CG  . ARG A 1 113 ? 6.066   10.861  6.729   1.00 10.81 ? 56   ARG A CG  1 
ATOM   262  C CD  . ARG A 1 113 ? 4.766   11.258  7.410   1.00 11.99 ? 56   ARG A CD  1 
ATOM   263  N NE  . ARG A 1 113 ? 4.250   12.526  6.899   1.00 12.08 ? 56   ARG A NE  1 
ATOM   264  C CZ  . ARG A 1 113 ? 3.176   13.144  7.379   1.00 10.76 ? 56   ARG A CZ  1 
ATOM   265  N NH1 . ARG A 1 113 ? 2.492   12.613  8.383   1.00 12.30 ? 56   ARG A NH1 1 
ATOM   266  N NH2 . ARG A 1 113 ? 2.793   14.302  6.860   1.00 12.15 ? 56   ARG A NH2 1 
ATOM   267  N N   . VAL A 1 114 ? 8.524   6.766   7.214   1.00 10.83 ? 57   VAL A N   1 
ATOM   268  C CA  . VAL A 1 114 ? 9.103   5.717   8.046   1.00 11.39 ? 57   VAL A CA  1 
ATOM   269  C C   . VAL A 1 114 ? 10.615  5.569   7.917   1.00 12.18 ? 57   VAL A C   1 
ATOM   270  O O   . VAL A 1 114 ? 11.142  5.380   6.821   1.00 11.24 ? 57   VAL A O   1 
ATOM   271  C CB  . VAL A 1 114 ? 8.442   4.350   7.744   1.00 11.20 ? 57   VAL A CB  1 
ATOM   272  C CG1 . VAL A 1 114 ? 9.025   3.267   8.646   1.00 11.60 ? 57   VAL A CG1 1 
ATOM   273  C CG2 . VAL A 1 114 ? 6.939   4.454   7.954   1.00 9.89  ? 57   VAL A CG2 1 
ATOM   274  N N   . PRO A 1 115 ? 11.340  5.672   9.043   1.00 13.17 ? 58   PRO A N   1 
ATOM   275  C CA  . PRO A 1 115 ? 12.797  5.526   8.972   1.00 14.00 ? 58   PRO A CA  1 
ATOM   276  C C   . PRO A 1 115 ? 13.103  4.103   8.509   1.00 13.88 ? 58   PRO A C   1 
ATOM   277  O O   . PRO A 1 115 ? 12.502  3.145   8.999   1.00 13.21 ? 58   PRO A O   1 
ATOM   278  C CB  . PRO A 1 115 ? 13.235  5.771   10.417  1.00 15.90 ? 58   PRO A CB  1 
ATOM   279  C CG  . PRO A 1 115 ? 12.196  6.730   10.922  1.00 16.06 ? 58   PRO A CG  1 
ATOM   280  C CD  . PRO A 1 115 ? 10.921  6.124   10.382  1.00 15.15 ? 58   PRO A CD  1 
ATOM   281  N N   . GLY A 1 116 ? 14.019  3.957   7.559   1.00 13.26 ? 59   GLY A N   1 
ATOM   282  C CA  . GLY A 1 116 ? 14.341  2.630   7.069   1.00 14.14 ? 59   GLY A CA  1 
ATOM   283  C C   . GLY A 1 116 ? 13.730  2.363   5.707   1.00 13.47 ? 59   GLY A C   1 
ATOM   284  O O   . GLY A 1 116 ? 14.177  1.473   4.985   1.00 14.55 ? 59   GLY A O   1 
ATOM   285  N N   . VAL A 1 117 ? 12.689  3.112   5.360   1.00 12.46 ? 60   VAL A N   1 
ATOM   286  C CA  . VAL A 1 117 ? 12.061  2.958   4.054   1.00 12.30 ? 60   VAL A CA  1 
ATOM   287  C C   . VAL A 1 117 ? 12.918  3.781   3.098   1.00 11.94 ? 60   VAL A C   1 
ATOM   288  O O   . VAL A 1 117 ? 13.111  4.982   3.301   1.00 13.71 ? 60   VAL A O   1 
ATOM   289  C CB  . VAL A 1 117 ? 10.607  3.479   4.058   1.00 10.90 ? 60   VAL A CB  1 
ATOM   290  C CG1 . VAL A 1 117 ? 10.080  3.576   2.634   1.00 11.40 ? 60   VAL A CG1 1 
ATOM   291  C CG2 . VAL A 1 117 ? 9.730   2.539   4.874   1.00 10.87 ? 60   VAL A CG2 1 
ATOM   292  N N   . THR A 1 118 ? 13.438  3.126   2.066   1.00 12.27 ? 61   THR A N   1 
ATOM   293  C CA  . THR A 1 118 ? 14.317  3.780   1.106   1.00 14.22 ? 61   THR A CA  1 
ATOM   294  C C   . THR A 1 118 ? 13.659  4.175   -0.212  1.00 13.68 ? 61   THR A C   1 
ATOM   295  O O   . THR A 1 118 ? 14.213  4.971   -0.974  1.00 14.89 ? 61   THR A O   1 
ATOM   296  C CB  . THR A 1 118 ? 15.542  2.892   0.826   1.00 14.23 ? 61   THR A CB  1 
ATOM   297  O OG1 . THR A 1 118 ? 15.107  1.585   0.429   1.00 15.93 ? 61   THR A OG1 1 
ATOM   298  C CG2 . THR A 1 118 ? 16.397  2.771   2.080   1.00 17.14 ? 61   THR A CG2 1 
ATOM   299  N N   . LYS A 1 119 ? 12.485  3.620   -0.485  1.00 11.82 ? 62   LYS A N   1 
ATOM   300  C CA  . LYS A 1 119 ? 11.763  3.959   -1.705  1.00 12.15 ? 62   LYS A CA  1 
ATOM   301  C C   . LYS A 1 119 ? 10.284  3.641   -1.566  1.00 11.44 ? 62   LYS A C   1 
ATOM   302  O O   . LYS A 1 119 ? 9.905   2.682   -0.898  1.00 9.83  ? 62   LYS A O   1 
ATOM   303  C CB  . LYS A 1 119 ? 12.323  3.196   -2.914  1.00 12.02 ? 62   LYS A CB  1 
ATOM   304  C CG  . LYS A 1 119 ? 11.698  3.631   -4.243  1.00 15.52 ? 62   LYS A CG  1 
ATOM   305  C CD  . LYS A 1 119 ? 12.250  2.860   -5.436  1.00 15.14 ? 62   LYS A CD  1 
ATOM   306  C CE  . LYS A 1 119 ? 11.597  3.329   -6.732  1.00 16.90 ? 62   LYS A CE  1 
ATOM   307  N NZ  . LYS A 1 119 ? 12.061  2.552   -7.917  1.00 16.63 ? 62   LYS A NZ  1 
ATOM   308  N N   . THR A 1 120 ? 9.449   4.471   -2.181  1.00 10.49 ? 63   THR A N   1 
ATOM   309  C CA  . THR A 1 120 ? 8.008   4.247   -2.179  1.00 9.60  ? 63   THR A CA  1 
ATOM   310  C C   . THR A 1 120 ? 7.516   4.610   -3.567  1.00 9.11  ? 63   THR A C   1 
ATOM   311  O O   . THR A 1 120 ? 8.101   5.458   -4.244  1.00 9.44  ? 63   THR A O   1 
ATOM   312  C CB  . THR A 1 120 ? 7.248   5.130   -1.153  1.00 9.23  ? 63   THR A CB  1 
ATOM   313  O OG1 . THR A 1 120 ? 7.425   6.512   -1.481  1.00 9.70  ? 63   THR A OG1 1 
ATOM   314  C CG2 . THR A 1 120 ? 7.747   4.865   0.256   1.00 11.11 ? 63   THR A CG2 1 
ATOM   315  N N   . GLU A 1 121 ? 6.448   3.951   -3.994  1.00 9.10  ? 64   GLU A N   1 
ATOM   316  C CA  . GLU A 1 121 ? 5.863   4.213   -5.298  1.00 9.90  ? 64   GLU A CA  1 
ATOM   317  C C   . GLU A 1 121 ? 4.475   3.600   -5.284  1.00 9.55  ? 64   GLU A C   1 
ATOM   318  O O   . GLU A 1 121 ? 4.248   2.582   -4.630  1.00 10.45 ? 64   GLU A O   1 
ATOM   319  C CB  . GLU A 1 121 ? 6.722   3.597   -6.409  1.00 10.82 ? 64   GLU A CB  1 
ATOM   320  C CG  . GLU A 1 121 ? 6.827   2.080   -6.392  1.00 13.11 ? 64   GLU A CG  1 
ATOM   321  C CD  . GLU A 1 121 ? 7.872   1.568   -7.370  1.00 16.28 ? 64   GLU A CD  1 
ATOM   322  O OE1 . GLU A 1 121 ? 7.968   2.129   -8.482  1.00 16.21 ? 64   GLU A OE1 1 
ATOM   323  O OE2 . GLU A 1 121 ? 8.589   0.599   -7.035  1.00 15.83 ? 64   GLU A OE2 1 
ATOM   324  N N   . VAL A 1 122 ? 3.539   4.232   -5.980  1.00 9.46  ? 65   VAL A N   1 
ATOM   325  C CA  . VAL A 1 122 ? 2.179   3.719   -6.016  1.00 9.48  ? 65   VAL A CA  1 
ATOM   326  C C   . VAL A 1 122 ? 1.918   3.044   -7.352  1.00 9.10  ? 65   VAL A C   1 
ATOM   327  O O   . VAL A 1 122 ? 2.546   3.370   -8.358  1.00 10.91 ? 65   VAL A O   1 
ATOM   328  C CB  . VAL A 1 122 ? 1.150   4.845   -5.777  1.00 9.69  ? 65   VAL A CB  1 
ATOM   329  C CG1 . VAL A 1 122 ? 1.390   5.475   -4.412  1.00 11.21 ? 65   VAL A CG1 1 
ATOM   330  C CG2 . VAL A 1 122 ? 1.258   5.904   -6.867  1.00 9.28  ? 65   VAL A CG2 1 
ATOM   331  N N   . GLY A 1 123 ? 0.995   2.093   -7.355  1.00 8.95  ? 66   GLY A N   1 
ATOM   332  C CA  . GLY A 1 123 ? 0.696   1.385   -8.583  1.00 8.69  ? 66   GLY A CA  1 
ATOM   333  C C   . GLY A 1 123 ? -0.538  0.517   -8.474  1.00 9.30  ? 66   GLY A C   1 
ATOM   334  O O   . GLY A 1 123 ? -1.305  0.627   -7.515  1.00 8.74  ? 66   GLY A O   1 
ATOM   335  N N   . TYR A 1 124 ? -0.706  -0.366  -9.454  1.00 8.98  ? 67   TYR A N   1 
ATOM   336  C CA  . TYR A 1 124 ? -1.855  -1.260  -9.530  1.00 8.96  ? 67   TYR A CA  1 
ATOM   337  C C   . TYR A 1 124 ? -1.399  -2.713  -9.537  1.00 9.48  ? 67   TYR A C   1 
ATOM   338  O O   . TYR A 1 124 ? -0.418  -3.053  -10.198 1.00 10.25 ? 67   TYR A O   1 
ATOM   339  C CB  . TYR A 1 124 ? -2.622  -0.956  -10.812 1.00 10.76 ? 67   TYR A CB  1 
ATOM   340  C CG  . TYR A 1 124 ? -2.785  0.527   -11.057 1.00 9.75  ? 67   TYR A CG  1 
ATOM   341  C CD1 . TYR A 1 124 ? -3.564  1.310   -10.208 1.00 9.27  ? 67   TYR A CD1 1 
ATOM   342  C CD2 . TYR A 1 124 ? -2.146  1.151   -12.129 1.00 9.94  ? 67   TYR A CD2 1 
ATOM   343  C CE1 . TYR A 1 124 ? -3.704  2.680   -10.416 1.00 9.68  ? 67   TYR A CE1 1 
ATOM   344  C CE2 . TYR A 1 124 ? -2.278  2.519   -12.347 1.00 10.68 ? 67   TYR A CE2 1 
ATOM   345  C CZ  . TYR A 1 124 ? -3.060  3.277   -11.488 1.00 10.92 ? 67   TYR A CZ  1 
ATOM   346  O OH  . TYR A 1 124 ? -3.196  4.629   -11.702 1.00 11.29 ? 67   TYR A OH  1 
ATOM   347  N N   . THR A 1 125 ? -2.114  -3.575  -8.821  1.00 10.30 ? 68   THR A N   1 
ATOM   348  C CA  . THR A 1 125 ? -1.732  -4.981  -8.763  1.00 12.11 ? 68   THR A CA  1 
ATOM   349  C C   . THR A 1 125 ? -2.858  -5.894  -8.269  1.00 12.80 ? 68   THR A C   1 
ATOM   350  O O   . THR A 1 125 ? -3.825  -5.430  -7.661  1.00 11.76 ? 68   THR A O   1 
ATOM   351  C CB  . THR A 1 125 ? -0.504  -5.158  -7.844  1.00 12.95 ? 68   THR A CB  1 
ATOM   352  O OG1 . THR A 1 125 ? -0.018  -6.502  -7.932  1.00 13.29 ? 68   THR A OG1 1 
ATOM   353  C CG2 . THR A 1 125 ? -0.880  -4.856  -6.404  1.00 12.29 ? 68   THR A CG2 1 
ATOM   354  N N   . GLN A 1 126 ? -2.703  -7.191  -8.544  1.00 12.95 ? 69   GLN A N   1 
ATOM   355  C CA  . GLN A 1 126 ? -3.650  -8.246  -8.157  1.00 14.24 ? 69   GLN A CA  1 
ATOM   356  C C   . GLN A 1 126 ? -4.822  -8.388  -9.126  1.00 15.57 ? 69   GLN A C   1 
ATOM   357  O O   . GLN A 1 126 ? -5.650  -9.291  -8.977  1.00 15.72 ? 69   GLN A O   1 
ATOM   358  C CB  . GLN A 1 126 ? -4.189  -8.005  -6.739  1.00 13.67 ? 69   GLN A CB  1 
ATOM   359  C CG  . GLN A 1 126 ? -3.145  -8.067  -5.622  1.00 13.83 ? 69   GLN A CG  1 
ATOM   360  C CD  . GLN A 1 126 ? -2.734  -9.489  -5.263  1.00 14.00 ? 69   GLN A CD  1 
ATOM   361  O OE1 . GLN A 1 126 ? -3.578  -10.338 -4.978  1.00 12.31 ? 69   GLN A OE1 1 
ATOM   362  N NE2 . GLN A 1 126 ? -1.430  -9.748  -5.264  1.00 14.37 ? 69   GLN A NE2 1 
ATOM   363  N N   . GLY A 1 127 ? -4.877  -7.506  -10.122 1.00 16.28 ? 70   GLY A N   1 
ATOM   364  C CA  . GLY A 1 127 ? -5.955  -7.536  -11.096 1.00 17.32 ? 70   GLY A CA  1 
ATOM   365  C C   . GLY A 1 127 ? -5.729  -8.468  -12.272 1.00 18.52 ? 70   GLY A C   1 
ATOM   366  O O   . GLY A 1 127 ? -4.794  -9.266  -12.274 1.00 19.49 ? 70   GLY A O   1 
ATOM   367  N N   . LEU A 1 128 ? -6.578  -8.356  -13.288 1.00 20.19 ? 71   LEU A N   1 
ATOM   368  C CA  . LEU A 1 128 ? -6.474  -9.217  -14.460 1.00 21.34 ? 71   LEU A CA  1 
ATOM   369  C C   . LEU A 1 128 ? -6.124  -8.514  -15.768 1.00 21.31 ? 71   LEU A C   1 
ATOM   370  O O   . LEU A 1 128 ? -6.026  -9.155  -16.814 1.00 21.43 ? 71   LEU A O   1 
ATOM   371  C CB  . LEU A 1 128 ? -7.777  -10.003 -14.622 1.00 24.46 ? 71   LEU A CB  1 
ATOM   372  C CG  . LEU A 1 128 ? -9.063  -9.278  -14.206 1.00 26.42 ? 71   LEU A CG  1 
ATOM   373  C CD1 . LEU A 1 128 ? -9.421  -8.215  -15.227 1.00 29.61 ? 71   LEU A CD1 1 
ATOM   374  C CD2 . LEU A 1 128 ? -10.189 -10.290 -14.072 1.00 28.70 ? 71   LEU A CD2 1 
ATOM   375  N N   . LEU A 1 129 ? -5.917  -7.202  -15.709 1.00 19.89 ? 72   LEU A N   1 
ATOM   376  C CA  . LEU A 1 129 ? -5.587  -6.437  -16.906 1.00 18.60 ? 72   LEU A CA  1 
ATOM   377  C C   . LEU A 1 129 ? -4.112  -6.052  -16.979 1.00 17.62 ? 72   LEU A C   1 
ATOM   378  O O   . LEU A 1 129 ? -3.580  -5.420  -16.068 1.00 15.43 ? 72   LEU A O   1 
ATOM   379  C CB  . LEU A 1 129 ? -6.444  -5.170  -16.960 1.00 18.83 ? 72   LEU A CB  1 
ATOM   380  C CG  . LEU A 1 129 ? -6.240  -4.272  -18.180 1.00 18.70 ? 72   LEU A CG  1 
ATOM   381  C CD1 . LEU A 1 129 ? -6.676  -5.014  -19.436 1.00 19.87 ? 72   LEU A CD1 1 
ATOM   382  C CD2 . LEU A 1 129 ? -7.042  -2.991  -18.010 1.00 19.48 ? 72   LEU A CD2 1 
ATOM   383  N N   . HIS A 1 130 ? -3.453  -6.435  -18.070 1.00 17.89 ? 73   HIS A N   1 
ATOM   384  C CA  . HIS A 1 130 ? -2.041  -6.113  -18.259 1.00 18.12 ? 73   HIS A CA  1 
ATOM   385  C C   . HIS A 1 130 ? -1.888  -4.634  -18.616 1.00 18.47 ? 73   HIS A C   1 
ATOM   386  O O   . HIS A 1 130 ? -2.703  -4.085  -19.360 1.00 18.85 ? 73   HIS A O   1 
ATOM   387  C CB  . HIS A 1 130 ? -1.448  -6.962  -19.385 1.00 20.00 ? 73   HIS A CB  1 
ATOM   388  C CG  . HIS A 1 130 ? 0.024   -6.769  -19.572 1.00 21.95 ? 73   HIS A CG  1 
ATOM   389  N ND1 . HIS A 1 130 ? 0.631   -6.813  -20.809 1.00 24.54 ? 73   HIS A ND1 1 
ATOM   390  C CD2 . HIS A 1 130 ? 1.015   -6.546  -18.677 1.00 22.06 ? 73   HIS A CD2 1 
ATOM   391  C CE1 . HIS A 1 130 ? 1.931   -6.624  -20.668 1.00 23.49 ? 73   HIS A CE1 1 
ATOM   392  N NE2 . HIS A 1 130 ? 2.190   -6.460  -19.383 1.00 25.45 ? 73   HIS A NE2 1 
ATOM   393  N N   . ASN A 1 131 ? -0.838  -4.004  -18.091 1.00 17.53 ? 74   ASN A N   1 
ATOM   394  C CA  . ASN A 1 131 ? -0.557  -2.588  -18.335 1.00 18.82 ? 74   ASN A CA  1 
ATOM   395  C C   . ASN A 1 131 ? -1.791  -1.703  -18.211 1.00 17.33 ? 74   ASN A C   1 
ATOM   396  O O   . ASN A 1 131 ? -2.172  -1.011  -19.159 1.00 17.36 ? 74   ASN A O   1 
ATOM   397  C CB  . ASN A 1 131 ? 0.056   -2.388  -19.725 1.00 20.72 ? 74   ASN A CB  1 
ATOM   398  C CG  . ASN A 1 131 ? 1.447   -2.973  -19.841 1.00 25.25 ? 74   ASN A CG  1 
ATOM   399  O OD1 . ASN A 1 131 ? 2.272   -2.830  -18.938 1.00 26.10 ? 74   ASN A OD1 1 
ATOM   400  N ND2 . ASN A 1 131 ? 1.723   -3.623  -20.965 1.00 25.39 ? 74   ASN A ND2 1 
ATOM   401  N N   . PRO A 1 132 ? -2.427  -1.698  -17.030 1.00 15.90 ? 75   PRO A N   1 
ATOM   402  C CA  . PRO A 1 132 ? -3.622  -0.877  -16.830 1.00 15.64 ? 75   PRO A CA  1 
ATOM   403  C C   . PRO A 1 132 ? -3.311  0.606   -16.652 1.00 15.15 ? 75   PRO A C   1 
ATOM   404  O O   . PRO A 1 132 ? -2.228  0.977   -16.199 1.00 17.00 ? 75   PRO A O   1 
ATOM   405  C CB  . PRO A 1 132 ? -4.234  -1.482  -15.576 1.00 14.54 ? 75   PRO A CB  1 
ATOM   406  C CG  . PRO A 1 132 ? -3.017  -1.816  -14.771 1.00 16.13 ? 75   PRO A CG  1 
ATOM   407  C CD  . PRO A 1 132 ? -2.102  -2.457  -15.808 1.00 16.02 ? 75   PRO A CD  1 
ATOM   408  N N   . THR A 1 133 ? -4.264  1.450   -17.030 1.00 15.16 ? 76   THR A N   1 
ATOM   409  C CA  . THR A 1 133 ? -4.114  2.890   -16.869 1.00 15.38 ? 76   THR A CA  1 
ATOM   410  C C   . THR A 1 133 ? -5.017  3.242   -15.697 1.00 13.56 ? 76   THR A C   1 
ATOM   411  O O   . THR A 1 133 ? -5.828  2.420   -15.265 1.00 12.77 ? 76   THR A O   1 
ATOM   412  C CB  . THR A 1 133 ? -4.610  3.675   -18.098 1.00 16.52 ? 76   THR A CB  1 
ATOM   413  O OG1 . THR A 1 133 ? -6.027  3.506   -18.233 1.00 17.01 ? 76   THR A OG1 1 
ATOM   414  C CG2 . THR A 1 133 ? -3.916  3.192   -19.360 1.00 19.56 ? 76   THR A CG2 1 
ATOM   415  N N   . TYR A 1 134 ? -4.879  4.455   -15.182 1.00 11.14 ? 77   TYR A N   1 
ATOM   416  C CA  . TYR A 1 134 ? -5.708  4.890   -14.070 1.00 12.14 ? 77   TYR A CA  1 
ATOM   417  C C   . TYR A 1 134 ? -7.167  4.822   -14.503 1.00 12.97 ? 77   TYR A C   1 
ATOM   418  O O   . TYR A 1 134 ? -8.040  4.423   -13.731 1.00 12.94 ? 77   TYR A O   1 
ATOM   419  C CB  . TYR A 1 134 ? -5.347  6.322   -13.684 1.00 11.51 ? 77   TYR A CB  1 
ATOM   420  C CG  . TYR A 1 134 ? -6.102  6.860   -12.491 1.00 12.35 ? 77   TYR A CG  1 
ATOM   421  C CD1 . TYR A 1 134 ? -6.093  6.182   -11.273 1.00 12.68 ? 77   TYR A CD1 1 
ATOM   422  C CD2 . TYR A 1 134 ? -6.779  8.077   -12.562 1.00 13.66 ? 77   TYR A CD2 1 
ATOM   423  C CE1 . TYR A 1 134 ? -6.732  6.706   -10.149 1.00 14.11 ? 77   TYR A CE1 1 
ATOM   424  C CE2 . TYR A 1 134 ? -7.423  8.611   -11.445 1.00 15.45 ? 77   TYR A CE2 1 
ATOM   425  C CZ  . TYR A 1 134 ? -7.393  7.921   -10.242 1.00 14.79 ? 77   TYR A CZ  1 
ATOM   426  O OH  . TYR A 1 134 ? -8.001  8.454   -9.126  1.00 16.56 ? 77   TYR A OH  1 
ATOM   427  N N   . GLU A 1 135 ? -7.428  5.208   -15.748 1.00 14.60 ? 78   GLU A N   1 
ATOM   428  C CA  . GLU A 1 135 ? -8.785  5.185   -16.277 1.00 16.38 ? 78   GLU A CA  1 
ATOM   429  C C   . GLU A 1 135 ? -9.347  3.764   -16.248 1.00 16.63 ? 78   GLU A C   1 
ATOM   430  O O   . GLU A 1 135 ? -10.520 3.562   -15.928 1.00 17.00 ? 78   GLU A O   1 
ATOM   431  C CB  . GLU A 1 135 ? -8.812  5.744   -17.707 1.00 19.00 ? 78   GLU A CB  1 
ATOM   432  C CG  . GLU A 1 135 ? -8.461  7.230   -17.801 1.00 22.99 ? 78   GLU A CG  1 
ATOM   433  C CD  . GLU A 1 135 ? -6.976  7.502   -17.623 1.00 24.07 ? 78   GLU A CD  1 
ATOM   434  O OE1 . GLU A 1 135 ? -6.629  8.576   -17.089 1.00 28.78 ? 78   GLU A OE1 1 
ATOM   435  O OE2 . GLU A 1 135 ? -6.156  6.665   -18.049 1.00 29.45 ? 78   GLU A OE2 1 
ATOM   436  N N   . ASP A 1 136 ? -8.511  2.781   -16.575 1.00 15.12 ? 79   ASP A N   1 
ATOM   437  C CA  . ASP A 1 136 ? -8.942  1.384   -16.558 1.00 14.58 ? 79   ASP A CA  1 
ATOM   438  C C   . ASP A 1 136 ? -9.328  0.971   -15.146 1.00 14.04 ? 79   ASP A C   1 
ATOM   439  O O   . ASP A 1 136 ? -10.405 0.425   -14.916 1.00 14.02 ? 79   ASP A O   1 
ATOM   440  C CB  . ASP A 1 136 ? -7.826  0.444   -17.029 1.00 14.61 ? 79   ASP A CB  1 
ATOM   441  C CG  . ASP A 1 136 ? -7.517  0.585   -18.499 1.00 17.04 ? 79   ASP A CG  1 
ATOM   442  O OD1 . ASP A 1 136 ? -8.470  0.712   -19.298 1.00 17.30 ? 79   ASP A OD1 1 
ATOM   443  O OD2 . ASP A 1 136 ? -6.320  0.551   -18.857 1.00 17.08 ? 79   ASP A OD2 1 
ATOM   444  N N   . VAL A 1 137 ? -8.427  1.220   -14.202 1.00 13.25 ? 80   VAL A N   1 
ATOM   445  C CA  . VAL A 1 137 ? -8.664  0.855   -12.813 1.00 13.18 ? 80   VAL A CA  1 
ATOM   446  C C   . VAL A 1 137 ? -9.895  1.560   -12.260 1.00 14.42 ? 80   VAL A C   1 
ATOM   447  O O   . VAL A 1 137 ? -10.655 0.972   -11.491 1.00 14.48 ? 80   VAL A O   1 
ATOM   448  C CB  . VAL A 1 137 ? -7.434  1.175   -11.940 1.00 13.33 ? 80   VAL A CB  1 
ATOM   449  C CG1 . VAL A 1 137 ? -7.699  0.775   -10.495 1.00 12.23 ? 80   VAL A CG1 1 
ATOM   450  C CG2 . VAL A 1 137 ? -6.222  0.423   -12.475 1.00 12.61 ? 80   VAL A CG2 1 
HETATM 451  N N   . CSO A 1 138 ? -10.093 2.816   -12.653 1.00 14.21 ? 81   CSO A N   1 
HETATM 452  C CA  . CSO A 1 138 ? -11.255 3.578   -12.202 1.00 16.57 ? 81   CSO A CA  1 
HETATM 453  C CB  . CSO A 1 138 ? -11.176 5.060   -12.596 1.00 18.27 ? 81   CSO A CB  1 
HETATM 454  S SG  . CSO A 1 138 ? -9.919  5.829   -11.563 1.00 18.31 ? 81   CSO A SG  1 
HETATM 455  C C   . CSO A 1 138 ? -12.613 2.969   -12.505 1.00 17.47 ? 81   CSO A C   1 
HETATM 456  O O   . CSO A 1 138 ? -13.588 3.210   -11.796 1.00 18.18 ? 81   CSO A O   1 
HETATM 457  O OD  . CSO A 1 138 ? -10.696 6.048   -10.081 1.00 16.89 ? 81   CSO A OD  1 
ATOM   458  N N   . THR A 1 139 ? -12.674 2.182   -13.572 1.00 16.94 ? 82   THR A N   1 
ATOM   459  C CA  . THR A 1 139 ? -13.916 1.536   -13.978 1.00 18.11 ? 82   THR A CA  1 
ATOM   460  C C   . THR A 1 139 ? -14.316 0.478   -12.956 1.00 19.17 ? 82   THR A C   1 
ATOM   461  O O   . THR A 1 139 ? -15.482 0.085   -12.879 1.00 19.99 ? 82   THR A O   1 
ATOM   462  C CB  . THR A 1 139 ? -13.765 0.859   -15.347 1.00 17.57 ? 82   THR A CB  1 
ATOM   463  O OG1 . THR A 1 139 ? -12.939 -0.303  -15.213 1.00 17.57 ? 82   THR A OG1 1 
ATOM   464  C CG2 . THR A 1 139 ? -13.122 1.819   -16.344 1.00 18.05 ? 82   THR A CG2 1 
ATOM   465  N N   . GLY A 1 140 ? -13.335 0.019   -12.184 1.00 19.44 ? 83   GLY A N   1 
ATOM   466  C CA  . GLY A 1 140 ? -13.581 -0.988  -11.168 1.00 21.01 ? 83   GLY A CA  1 
ATOM   467  C C   . GLY A 1 140 ? -13.802 -2.385  -11.716 1.00 20.85 ? 83   GLY A C   1 
ATOM   468  O O   . GLY A 1 140 ? -14.237 -3.274  -10.986 1.00 23.72 ? 83   GLY A O   1 
ATOM   469  N N   . THR A 1 141 ? -13.491 -2.591  -12.992 1.00 20.76 ? 84   THR A N   1 
ATOM   470  C CA  . THR A 1 141 ? -13.692 -3.898  -13.617 1.00 21.00 ? 84   THR A CA  1 
ATOM   471  C C   . THR A 1 141 ? -12.417 -4.710  -13.831 1.00 20.31 ? 84   THR A C   1 
ATOM   472  O O   . THR A 1 141 ? -12.469 -5.826  -14.349 1.00 20.18 ? 84   THR A O   1 
ATOM   473  C CB  . THR A 1 141 ? -14.396 -3.752  -14.981 1.00 22.61 ? 84   THR A CB  1 
ATOM   474  O OG1 . THR A 1 141 ? -13.582 -2.968  -15.862 1.00 23.15 ? 84   THR A OG1 1 
ATOM   475  C CG2 . THR A 1 141 ? -15.746 -3.074  -14.806 1.00 23.51 ? 84   THR A CG2 1 
ATOM   476  N N   . THR A 1 142 ? -11.277 -4.160  -13.426 1.00 17.72 ? 85   THR A N   1 
ATOM   477  C CA  . THR A 1 142 ? -10.001 -4.849  -13.600 1.00 16.45 ? 85   THR A CA  1 
ATOM   478  C C   . THR A 1 142 ? -9.634  -5.696  -12.386 1.00 15.88 ? 85   THR A C   1 
ATOM   479  O O   . THR A 1 142 ? -8.825  -6.618  -12.482 1.00 17.02 ? 85   THR A O   1 
ATOM   480  C CB  . THR A 1 142 ? -8.861  -3.850  -13.814 1.00 15.74 ? 85   THR A CB  1 
ATOM   481  O OG1 . THR A 1 142 ? -8.569  -3.200  -12.571 1.00 13.83 ? 85   THR A OG1 1 
ATOM   482  C CG2 . THR A 1 142 ? -9.254  -2.798  -14.847 1.00 15.37 ? 85   THR A CG2 1 
ATOM   483  N N   . ASN A 1 143 ? -10.237 -5.361  -11.250 1.00 16.04 ? 86   ASN A N   1 
ATOM   484  C CA  . ASN A 1 143 ? -9.995  -6.023  -9.971  1.00 16.48 ? 86   ASN A CA  1 
ATOM   485  C C   . ASN A 1 143 ? -8.613  -5.694  -9.409  1.00 14.78 ? 86   ASN A C   1 
ATOM   486  O O   . ASN A 1 143 ? -8.180  -6.278  -8.415  1.00 13.71 ? 86   ASN A O   1 
ATOM   487  C CB  . ASN A 1 143 ? -10.163 -7.541  -10.075 1.00 19.45 ? 86   ASN A CB  1 
ATOM   488  C CG  . ASN A 1 143 ? -10.255 -8.202  -8.709  1.00 23.51 ? 86   ASN A CG  1 
ATOM   489  O OD1 . ASN A 1 143 ? -11.046 -7.784  -7.861  1.00 24.48 ? 86   ASN A OD1 1 
ATOM   490  N ND2 . ASN A 1 143 ? -9.451  -9.235  -8.490  1.00 25.55 ? 86   ASN A ND2 1 
ATOM   491  N N   . HIS A 1 144 ? -7.912  -4.765  -10.054 1.00 13.65 ? 87   HIS A N   1 
ATOM   492  C CA  . HIS A 1 144 ? -6.605  -4.349  -9.560  1.00 10.67 ? 87   HIS A CA  1 
ATOM   493  C C   . HIS A 1 144 ? -6.836  -3.554  -8.280  1.00 11.57 ? 87   HIS A C   1 
ATOM   494  O O   . HIS A 1 144 ? -7.900  -2.955  -8.094  1.00 11.09 ? 87   HIS A O   1 
ATOM   495  C CB  . HIS A 1 144 ? -5.887  -3.451  -10.571 1.00 11.85 ? 87   HIS A CB  1 
ATOM   496  C CG  . HIS A 1 144 ? -5.146  -4.198  -11.639 1.00 12.49 ? 87   HIS A CG  1 
ATOM   497  N ND1 . HIS A 1 144 ? -4.115  -5.069  -11.359 1.00 11.64 ? 87   HIS A ND1 1 
ATOM   498  C CD2 . HIS A 1 144 ? -5.256  -4.167  -12.987 1.00 12.50 ? 87   HIS A CD2 1 
ATOM   499  C CE1 . HIS A 1 144 ? -3.620  -5.543  -12.489 1.00 12.57 ? 87   HIS A CE1 1 
ATOM   500  N NE2 . HIS A 1 144 ? -4.294  -5.011  -13.493 1.00 11.56 ? 87   HIS A NE2 1 
ATOM   501  N N   . ASN A 1 145 ? -5.842  -3.554  -7.399  1.00 9.99  ? 88   ASN A N   1 
ATOM   502  C CA  . ASN A 1 145 ? -5.938  -2.815  -6.153  1.00 9.39  ? 88   ASN A CA  1 
ATOM   503  C C   . ASN A 1 145 ? -4.897  -1.703  -6.183  1.00 8.87  ? 88   ASN A C   1 
ATOM   504  O O   . ASN A 1 145 ? -3.814  -1.877  -6.740  1.00 10.42 ? 88   ASN A O   1 
ATOM   505  C CB  . ASN A 1 145 ? -5.675  -3.743  -4.958  1.00 10.01 ? 88   ASN A CB  1 
ATOM   506  C CG  . ASN A 1 145 ? -6.046  -3.106  -3.630  1.00 10.60 ? 88   ASN A CG  1 
ATOM   507  O OD1 . ASN A 1 145 ? -6.809  -2.143  -3.588  1.00 9.42  ? 88   ASN A OD1 1 
ATOM   508  N ND2 . ASN A 1 145 ? -5.523  -3.656  -2.535  1.00 8.70  ? 88   ASN A ND2 1 
ATOM   509  N N   . GLU A 1 146 ? -5.239  -0.548  -5.621  1.00 8.76  ? 89   GLU A N   1 
ATOM   510  C CA  . GLU A 1 146 ? -4.301  0.564   -5.554  1.00 8.42  ? 89   GLU A CA  1 
ATOM   511  C C   . GLU A 1 146 ? -3.371  0.234   -4.400  1.00 8.88  ? 89   GLU A C   1 
ATOM   512  O O   . GLU A 1 146 ? -3.812  0.102   -3.259  1.00 8.33  ? 89   GLU A O   1 
ATOM   513  C CB  . GLU A 1 146 ? -5.035  1.879   -5.277  1.00 9.36  ? 89   GLU A CB  1 
ATOM   514  C CG  . GLU A 1 146 ? -5.663  2.500   -6.510  1.00 10.24 ? 89   GLU A CG  1 
ATOM   515  C CD  . GLU A 1 146 ? -6.313  3.846   -6.233  1.00 10.27 ? 89   GLU A CD  1 
ATOM   516  O OE1 . GLU A 1 146 ? -6.053  4.435   -5.160  1.00 9.72  ? 89   GLU A OE1 1 
ATOM   517  O OE2 . GLU A 1 146 ? -7.080  4.320   -7.097  1.00 11.69 ? 89   GLU A OE2 1 
ATOM   518  N N   . VAL A 1 147 ? -2.086  0.085   -4.690  1.00 8.90  ? 90   VAL A N   1 
ATOM   519  C CA  . VAL A 1 147 ? -1.143  -0.265  -3.643  1.00 9.78  ? 90   VAL A CA  1 
ATOM   520  C C   . VAL A 1 147 ? 0.123   0.561   -3.681  1.00 8.93  ? 90   VAL A C   1 
ATOM   521  O O   . VAL A 1 147 ? 0.439   1.206   -4.682  1.00 9.11  ? 90   VAL A O   1 
ATOM   522  C CB  . VAL A 1 147 ? -0.721  -1.746  -3.743  1.00 11.86 ? 90   VAL A CB  1 
ATOM   523  C CG1 . VAL A 1 147 ? -1.941  -2.650  -3.708  1.00 9.99  ? 90   VAL A CG1 1 
ATOM   524  C CG2 . VAL A 1 147 ? 0.075   -1.968  -5.016  1.00 14.67 ? 90   VAL A CG2 1 
ATOM   525  N N   . VAL A 1 148 ? 0.837   0.532   -2.565  1.00 8.22  ? 91   VAL A N   1 
ATOM   526  C CA  . VAL A 1 148 ? 2.106   1.221   -2.445  1.00 8.13  ? 91   VAL A CA  1 
ATOM   527  C C   . VAL A 1 148 ? 3.167   0.131   -2.379  1.00 8.50  ? 91   VAL A C   1 
ATOM   528  O O   . VAL A 1 148 ? 3.059   -0.783  -1.557  1.00 9.12  ? 91   VAL A O   1 
ATOM   529  C CB  . VAL A 1 148 ? 2.197   2.042   -1.138  1.00 8.45  ? 91   VAL A CB  1 
ATOM   530  C CG1 . VAL A 1 148 ? 3.573   2.686   -1.034  1.00 10.01 ? 91   VAL A CG1 1 
ATOM   531  C CG2 . VAL A 1 148 ? 1.104   3.099   -1.101  1.00 9.64  ? 91   VAL A CG2 1 
ATOM   532  N N   . ARG A 1 149 ? 4.165   0.192   -3.257  1.00 7.66  ? 92   ARG A N   1 
ATOM   533  C CA  . ARG A 1 149 ? 5.241   -0.787  -3.188  1.00 8.21  ? 92   ARG A CA  1 
ATOM   534  C C   . ARG A 1 149 ? 6.370   -0.068  -2.482  1.00 8.06  ? 92   ARG A C   1 
ATOM   535  O O   . ARG A 1 149 ? 6.832   0.992   -2.914  1.00 8.73  ? 92   ARG A O   1 
ATOM   536  C CB  . ARG A 1 149 ? 5.705   -1.277  -4.562  1.00 9.33  ? 92   ARG A CB  1 
ATOM   537  C CG  . ARG A 1 149 ? 6.765   -2.380  -4.432  1.00 9.25  ? 92   ARG A CG  1 
ATOM   538  C CD  . ARG A 1 149 ? 7.030   -3.123  -5.731  1.00 10.18 ? 92   ARG A CD  1 
ATOM   539  N NE  . ARG A 1 149 ? 7.645   -2.269  -6.741  1.00 11.69 ? 92   ARG A NE  1 
ATOM   540  C CZ  . ARG A 1 149 ? 8.003   -2.683  -7.952  1.00 11.47 ? 92   ARG A CZ  1 
ATOM   541  N NH1 . ARG A 1 149 ? 8.557   -1.834  -8.805  1.00 13.48 ? 92   ARG A NH1 1 
ATOM   542  N NH2 . ARG A 1 149 ? 7.809   -3.945  -8.309  1.00 11.05 ? 92   ARG A NH2 1 
ATOM   543  N N   . VAL A 1 150 ? 6.797   -0.662  -1.379  1.00 9.14  ? 93   VAL A N   1 
ATOM   544  C CA  . VAL A 1 150 ? 7.832   -0.114  -0.533  1.00 10.35 ? 93   VAL A CA  1 
ATOM   545  C C   . VAL A 1 150 ? 9.128   -0.907  -0.599  1.00 10.67 ? 93   VAL A C   1 
ATOM   546  O O   . VAL A 1 150 ? 9.115   -2.135  -0.670  1.00 10.18 ? 93   VAL A O   1 
ATOM   547  C CB  . VAL A 1 150 ? 7.347   -0.115  0.939   1.00 10.96 ? 93   VAL A CB  1 
ATOM   548  C CG1 . VAL A 1 150 ? 8.427   0.423   1.866   1.00 12.92 ? 93   VAL A CG1 1 
ATOM   549  C CG2 . VAL A 1 150 ? 6.061   0.689   1.059   1.00 10.57 ? 93   VAL A CG2 1 
ATOM   550  N N   . GLN A 1 151 ? 10.244  -0.186  -0.605  1.00 11.19 ? 94   GLN A N   1 
ATOM   551  C CA  . GLN A 1 151 ? 11.558  -0.805  -0.556  1.00 11.24 ? 94   GLN A CA  1 
ATOM   552  C C   . GLN A 1 151 ? 12.040  -0.369  0.818   1.00 11.01 ? 94   GLN A C   1 
ATOM   553  O O   . GLN A 1 151 ? 11.982  0.818   1.145   1.00 11.37 ? 94   GLN A O   1 
ATOM   554  C CB  . GLN A 1 151 ? 12.498  -0.257  -1.635  1.00 12.71 ? 94   GLN A CB  1 
ATOM   555  C CG  . GLN A 1 151 ? 12.421  -1.010  -2.952  1.00 13.72 ? 94   GLN A CG  1 
ATOM   556  C CD  . GLN A 1 151 ? 13.577  -0.700  -3.889  1.00 16.07 ? 94   GLN A CD  1 
ATOM   557  O OE1 . GLN A 1 151 ? 14.734  -0.659  -3.471  1.00 15.80 ? 94   GLN A OE1 1 
ATOM   558  N NE2 . GLN A 1 151 ? 13.269  -0.497  -5.168  1.00 14.20 ? 94   GLN A NE2 1 
ATOM   559  N N   . TYR A 1 152 ? 12.476  -1.316  1.638   1.00 11.34 ? 95   TYR A N   1 
ATOM   560  C CA  . TYR A 1 152 ? 12.955  -0.976  2.972   1.00 11.45 ? 95   TYR A CA  1 
ATOM   561  C C   . TYR A 1 152 ? 14.211  -1.750  3.326   1.00 11.25 ? 95   TYR A C   1 
ATOM   562  O O   . TYR A 1 152 ? 14.454  -2.832  2.793   1.00 11.66 ? 95   TYR A O   1 
ATOM   563  C CB  . TYR A 1 152 ? 11.877  -1.247  4.032   1.00 11.32 ? 95   TYR A CB  1 
ATOM   564  C CG  . TYR A 1 152 ? 11.503  -2.704  4.204   1.00 11.87 ? 95   TYR A CG  1 
ATOM   565  C CD1 . TYR A 1 152 ? 10.701  -3.353  3.269   1.00 11.95 ? 95   TYR A CD1 1 
ATOM   566  C CD2 . TYR A 1 152 ? 11.943  -3.432  5.312   1.00 12.61 ? 95   TYR A CD2 1 
ATOM   567  C CE1 . TYR A 1 152 ? 10.342  -4.688  3.431   1.00 12.14 ? 95   TYR A CE1 1 
ATOM   568  C CE2 . TYR A 1 152 ? 11.593  -4.771  5.483   1.00 11.97 ? 95   TYR A CE2 1 
ATOM   569  C CZ  . TYR A 1 152 ? 10.792  -5.390  4.538   1.00 12.29 ? 95   TYR A CZ  1 
ATOM   570  O OH  . TYR A 1 152 ? 10.432  -6.709  4.697   1.00 13.46 ? 95   TYR A OH  1 
ATOM   571  N N   . ASP A 1 153 ? 15.007  -1.185  4.227   1.00 11.31 ? 96   ASP A N   1 
ATOM   572  C CA  . ASP A 1 153 ? 16.240  -1.827  4.666   1.00 11.98 ? 96   ASP A CA  1 
ATOM   573  C C   . ASP A 1 153 ? 15.908  -2.613  5.935   1.00 11.75 ? 96   ASP A C   1 
ATOM   574  O O   . ASP A 1 153 ? 15.691  -2.025  6.993   1.00 12.36 ? 96   ASP A O   1 
ATOM   575  C CB  . ASP A 1 153 ? 17.302  -0.771  4.976   1.00 14.11 ? 96   ASP A CB  1 
ATOM   576  C CG  . ASP A 1 153 ? 18.672  -1.375  5.194   1.00 16.46 ? 96   ASP A CG  1 
ATOM   577  O OD1 . ASP A 1 153 ? 18.740  -2.494  5.741   1.00 16.04 ? 96   ASP A OD1 1 
ATOM   578  O OD2 . ASP A 1 153 ? 19.678  -0.730  4.826   1.00 18.99 ? 96   ASP A OD2 1 
ATOM   579  N N   . PRO A 1 154 ? 15.863  -3.953  5.842   1.00 14.35 ? 97   PRO A N   1 
ATOM   580  C CA  . PRO A 1 154 ? 15.550  -4.832  6.977   1.00 14.55 ? 97   PRO A CA  1 
ATOM   581  C C   . PRO A 1 154 ? 16.428  -4.627  8.210   1.00 14.96 ? 97   PRO A C   1 
ATOM   582  O O   . PRO A 1 154 ? 16.063  -5.037  9.312   1.00 14.89 ? 97   PRO A O   1 
ATOM   583  C CB  . PRO A 1 154 ? 15.709  -6.232  6.388   1.00 16.62 ? 97   PRO A CB  1 
ATOM   584  C CG  . PRO A 1 154 ? 15.391  -6.033  4.942   1.00 18.07 ? 97   PRO A CG  1 
ATOM   585  C CD  . PRO A 1 154 ? 16.121  -4.752  4.631   1.00 15.62 ? 97   PRO A CD  1 
ATOM   586  N N   . LYS A 1 155 ? 17.586  -4.006  8.025   1.00 14.60 ? 98   LYS A N   1 
ATOM   587  C CA  . LYS A 1 155 ? 18.493  -3.760  9.141   1.00 15.73 ? 98   LYS A CA  1 
ATOM   588  C C   . LYS A 1 155 ? 18.081  -2.510  9.916   1.00 15.17 ? 98   LYS A C   1 
ATOM   589  O O   . LYS A 1 155 ? 18.439  -2.346  11.082  1.00 14.72 ? 98   LYS A O   1 
ATOM   590  C CB  . LYS A 1 155 ? 19.929  -3.583  8.636   1.00 16.22 ? 98   LYS A CB  1 
ATOM   591  C CG  . LYS A 1 155 ? 20.520  -4.794  7.936   1.00 18.05 ? 98   LYS A CG  1 
ATOM   592  C CD  . LYS A 1 155 ? 21.946  -4.498  7.495   1.00 20.98 ? 98   LYS A CD  1 
ATOM   593  C CE  . LYS A 1 155 ? 22.611  -5.715  6.877   1.00 24.25 ? 98   LYS A CE  1 
ATOM   594  N NZ  . LYS A 1 155 ? 24.031  -5.427  6.520   1.00 27.19 ? 98   LYS A NZ  1 
ATOM   595  N N   . GLU A 1 156 ? 17.321  -1.636  9.263   1.00 14.10 ? 99   GLU A N   1 
ATOM   596  C CA  . GLU A 1 156 ? 16.877  -0.389  9.880   1.00 14.60 ? 99   GLU A CA  1 
ATOM   597  C C   . GLU A 1 156 ? 15.379  -0.326  10.155  1.00 13.64 ? 99   GLU A C   1 
ATOM   598  O O   . GLU A 1 156 ? 14.942  0.403   11.046  1.00 14.78 ? 99   GLU A O   1 
ATOM   599  C CB  . GLU A 1 156 ? 17.281  0.796   8.998   1.00 17.09 ? 99   GLU A CB  1 
ATOM   600  C CG  . GLU A 1 156 ? 18.773  1.090   8.997   1.00 23.09 ? 99   GLU A CG  1 
ATOM   601  C CD  . GLU A 1 156 ? 19.161  2.142   7.973   1.00 26.45 ? 99   GLU A CD  1 
ATOM   602  O OE1 . GLU A 1 156 ? 18.450  3.164   7.872   1.00 28.40 ? 99   GLU A OE1 1 
ATOM   603  O OE2 . GLU A 1 156 ? 20.179  1.949   7.278   1.00 29.20 ? 99   GLU A OE2 1 
ATOM   604  N N   . CYS A 1 157 ? 14.599  -1.086  9.395   1.00 11.81 ? 100  CYS A N   1 
ATOM   605  C CA  . CYS A 1 157 ? 13.147  -1.106  9.561   1.00 12.68 ? 100  CYS A CA  1 
ATOM   606  C C   . CYS A 1 157 ? 12.618  -2.527  9.429   1.00 12.99 ? 100  CYS A C   1 
ATOM   607  O O   . CYS A 1 157 ? 12.876  -3.202  8.434   1.00 12.39 ? 100  CYS A O   1 
ATOM   608  C CB  . CYS A 1 157 ? 12.487  -0.213  8.504   1.00 12.48 ? 100  CYS A CB  1 
ATOM   609  S SG  . CYS A 1 157 ? 10.670  -0.151  8.571   1.00 16.92 ? 100  CYS A SG  1 
ATOM   610  N N   . SER A 1 158 ? 11.880  -2.987  10.434  1.00 13.42 ? 101  SER A N   1 
ATOM   611  C CA  . SER A 1 158 ? 11.332  -4.335  10.390  1.00 13.30 ? 101  SER A CA  1 
ATOM   612  C C   . SER A 1 158 ? 10.009  -4.352  9.638   1.00 12.43 ? 101  SER A C   1 
ATOM   613  O O   . SER A 1 158 ? 9.316   -3.338  9.551   1.00 10.87 ? 101  SER A O   1 
ATOM   614  C CB  . SER A 1 158 ? 11.108  -4.874  11.805  1.00 14.90 ? 101  SER A CB  1 
ATOM   615  O OG  . SER A 1 158 ? 10.013  -4.230  12.430  1.00 15.26 ? 101  SER A OG  1 
ATOM   616  N N   . PHE A 1 159 ? 9.662   -5.509  9.086   1.00 12.63 ? 102  PHE A N   1 
ATOM   617  C CA  . PHE A 1 159 ? 8.406   -5.636  8.365   1.00 12.37 ? 102  PHE A CA  1 
ATOM   618  C C   . PHE A 1 159 ? 7.251   -5.358  9.331   1.00 12.96 ? 102  PHE A C   1 
ATOM   619  O O   . PHE A 1 159 ? 6.235   -4.782  8.947   1.00 12.38 ? 102  PHE A O   1 
ATOM   620  C CB  . PHE A 1 159 ? 8.271   -7.042  7.777   1.00 12.99 ? 102  PHE A CB  1 
ATOM   621  C CG  . PHE A 1 159 ? 7.052   -7.225  6.914   1.00 12.27 ? 102  PHE A CG  1 
ATOM   622  C CD1 . PHE A 1 159 ? 6.900   -6.494  5.740   1.00 12.47 ? 102  PHE A CD1 1 
ATOM   623  C CD2 . PHE A 1 159 ? 6.060   -8.130  7.274   1.00 12.38 ? 102  PHE A CD2 1 
ATOM   624  C CE1 . PHE A 1 159 ? 5.772   -6.658  4.935   1.00 11.81 ? 102  PHE A CE1 1 
ATOM   625  C CE2 . PHE A 1 159 ? 4.928   -8.303  6.478   1.00 13.65 ? 102  PHE A CE2 1 
ATOM   626  C CZ  . PHE A 1 159 ? 4.783   -7.567  5.305   1.00 13.34 ? 102  PHE A CZ  1 
ATOM   627  N N   . ASP A 1 160 ? 7.408   -5.768  10.588  1.00 14.72 ? 103  ASP A N   1 
ATOM   628  C CA  . ASP A 1 160 ? 6.367   -5.538  11.587  1.00 15.82 ? 103  ASP A CA  1 
ATOM   629  C C   . ASP A 1 160 ? 6.084   -4.054  11.769  1.00 15.16 ? 103  ASP A C   1 
ATOM   630  O O   . ASP A 1 160 ? 4.935   -3.654  11.953  1.00 14.70 ? 103  ASP A O   1 
ATOM   631  C CB  . ASP A 1 160 ? 6.761   -6.148  12.931  1.00 19.31 ? 103  ASP A CB  1 
ATOM   632  C CG  . ASP A 1 160 ? 6.264   -7.569  13.091  1.00 23.76 ? 103  ASP A CG  1 
ATOM   633  O OD1 . ASP A 1 160 ? 5.030   -7.766  13.119  1.00 25.67 ? 103  ASP A OD1 1 
ATOM   634  O OD2 . ASP A 1 160 ? 7.106   -8.483  13.182  1.00 26.14 ? 103  ASP A OD2 1 
ATOM   635  N N   . THR A 1 161 ? 7.129   -3.236  11.728  1.00 14.33 ? 104  THR A N   1 
ATOM   636  C CA  . THR A 1 161 ? 6.944   -1.802  11.883  1.00 14.15 ? 104  THR A CA  1 
ATOM   637  C C   . THR A 1 161 ? 6.091   -1.283  10.731  1.00 13.09 ? 104  THR A C   1 
ATOM   638  O O   . THR A 1 161 ? 5.240   -0.413  10.913  1.00 12.50 ? 104  THR A O   1 
ATOM   639  C CB  . THR A 1 161 ? 8.296   -1.073  11.904  1.00 14.46 ? 104  THR A CB  1 
ATOM   640  O OG1 . THR A 1 161 ? 8.984   -1.405  13.114  1.00 14.82 ? 104  THR A OG1 1 
ATOM   641  C CG2 . THR A 1 161 ? 8.103   0.438   11.822  1.00 16.60 ? 104  THR A CG2 1 
ATOM   642  N N   . LEU A 1 162 ? 6.317   -1.835  9.544   1.00 11.01 ? 105  LEU A N   1 
ATOM   643  C CA  . LEU A 1 162 ? 5.557   -1.430  8.371   1.00 10.24 ? 105  LEU A CA  1 
ATOM   644  C C   . LEU A 1 162 ? 4.099   -1.847  8.535   1.00 10.31 ? 105  LEU A C   1 
ATOM   645  O O   . LEU A 1 162 ? 3.191   -1.108  8.149   1.00 10.09 ? 105  LEU A O   1 
ATOM   646  C CB  . LEU A 1 162 ? 6.154   -2.060  7.108   1.00 9.76  ? 105  LEU A CB  1 
ATOM   647  C CG  . LEU A 1 162 ? 7.573   -1.614  6.741   1.00 9.50  ? 105  LEU A CG  1 
ATOM   648  C CD1 . LEU A 1 162 ? 8.046   -2.371  5.509   1.00 11.57 ? 105  LEU A CD1 1 
ATOM   649  C CD2 . LEU A 1 162 ? 7.593   -0.111  6.483   1.00 10.91 ? 105  LEU A CD2 1 
ATOM   650  N N   . ILE A 1 163 ? 3.870   -3.026  9.107   1.00 10.72 ? 106  ILE A N   1 
ATOM   651  C CA  . ILE A 1 163 ? 2.505   -3.494  9.316   1.00 11.69 ? 106  ILE A CA  1 
ATOM   652  C C   . ILE A 1 163 ? 1.807   -2.587  10.327  1.00 11.36 ? 106  ILE A C   1 
ATOM   653  O O   . ILE A 1 163 ? 0.622   -2.282  10.177  1.00 12.21 ? 106  ILE A O   1 
ATOM   654  C CB  . ILE A 1 163 ? 2.459   -4.945  9.847   1.00 13.95 ? 106  ILE A CB  1 
ATOM   655  C CG1 . ILE A 1 163 ? 3.171   -5.883  8.870   1.00 15.04 ? 106  ILE A CG1 1 
ATOM   656  C CG2 . ILE A 1 163 ? 1.010   -5.384  10.022  1.00 16.11 ? 106  ILE A CG2 1 
ATOM   657  C CD1 . ILE A 1 163 ? 3.111   -7.340  9.275   1.00 17.45 ? 106  ILE A CD1 1 
ATOM   658  N N   . ASP A 1 164 ? 2.536   -2.152  11.353  1.00 13.01 ? 107  ASP A N   1 
ATOM   659  C CA  . ASP A 1 164 ? 1.951   -1.268  12.359  1.00 13.95 ? 107  ASP A CA  1 
ATOM   660  C C   . ASP A 1 164 ? 1.509   0.040   11.704  1.00 15.32 ? 107  ASP A C   1 
ATOM   661  O O   . ASP A 1 164 ? 0.470   0.604   12.060  1.00 13.45 ? 107  ASP A O   1 
ATOM   662  C CB  . ASP A 1 164 ? 2.951   -0.961  13.483  1.00 16.77 ? 107  ASP A CB  1 
ATOM   663  C CG  . ASP A 1 164 ? 3.274   -2.179  14.334  1.00 21.08 ? 107  ASP A CG  1 
ATOM   664  O OD1 . ASP A 1 164 ? 2.415   -3.079  14.447  1.00 21.19 ? 107  ASP A OD1 1 
ATOM   665  O OD2 . ASP A 1 164 ? 4.385   -2.224  14.908  1.00 23.14 ? 107  ASP A OD2 1 
ATOM   666  N N   . VAL A 1 165 ? 2.302   0.520   10.751  1.00 13.19 ? 108  VAL A N   1 
ATOM   667  C CA  . VAL A 1 165 ? 1.976   1.755   10.041  1.00 14.05 ? 108  VAL A CA  1 
ATOM   668  C C   . VAL A 1 165 ? 0.672   1.554   9.277   1.00 13.65 ? 108  VAL A C   1 
ATOM   669  O O   . VAL A 1 165 ? -0.173  2.448   9.207   1.00 12.90 ? 108  VAL A O   1 
ATOM   670  C CB  . VAL A 1 165 ? 3.099   2.145   9.053   1.00 15.65 ? 108  VAL A CB  1 
ATOM   671  C CG1 . VAL A 1 165 ? 2.667   3.334   8.207   1.00 15.99 ? 108  VAL A CG1 1 
ATOM   672  C CG2 . VAL A 1 165 ? 4.366   2.480   9.820   1.00 17.13 ? 108  VAL A CG2 1 
ATOM   673  N N   . LEU A 1 166 ? 0.512   0.365   8.709   1.00 12.89 ? 109  LEU A N   1 
ATOM   674  C CA  . LEU A 1 166 ? -0.695  0.036   7.965   1.00 12.41 ? 109  LEU A CA  1 
ATOM   675  C C   . LEU A 1 166 ? -1.933  0.105   8.860   1.00 12.25 ? 109  LEU A C   1 
ATOM   676  O O   . LEU A 1 166 ? -2.933  0.721   8.493   1.00 10.30 ? 109  LEU A O   1 
ATOM   677  C CB  . LEU A 1 166 ? -0.581  -1.366  7.364   1.00 14.56 ? 109  LEU A CB  1 
ATOM   678  C CG  . LEU A 1 166 ? -1.827  -1.881  6.643   1.00 17.94 ? 109  LEU A CG  1 
ATOM   679  C CD1 . LEU A 1 166 ? -1.959  -1.194  5.292   1.00 19.15 ? 109  LEU A CD1 1 
ATOM   680  C CD2 . LEU A 1 166 ? -1.730  -3.387  6.464   1.00 19.22 ? 109  LEU A CD2 1 
ATOM   681  N N   . TRP A 1 167 ? -1.872  -0.524  10.031  1.00 11.62 ? 110  TRP A N   1 
ATOM   682  C CA  . TRP A 1 167 ? -3.016  -0.521  10.941  1.00 12.57 ? 110  TRP A CA  1 
ATOM   683  C C   . TRP A 1 167 ? -3.358  0.891   11.407  1.00 13.59 ? 110  TRP A C   1 
ATOM   684  O O   . TRP A 1 167 ? -4.522  1.215   11.629  1.00 14.41 ? 110  TRP A O   1 
ATOM   685  C CB  . TRP A 1 167 ? -2.737  -1.388  12.176  1.00 12.00 ? 110  TRP A CB  1 
ATOM   686  C CG  . TRP A 1 167 ? -2.440  -2.838  11.900  1.00 11.83 ? 110  TRP A CG  1 
ATOM   687  C CD1 . TRP A 1 167 ? -1.478  -3.597  12.506  1.00 12.30 ? 110  TRP A CD1 1 
ATOM   688  C CD2 . TRP A 1 167 ? -3.108  -3.709  10.973  1.00 11.75 ? 110  TRP A CD2 1 
ATOM   689  N NE1 . TRP A 1 167 ? -1.504  -4.879  12.017  1.00 11.54 ? 110  TRP A NE1 1 
ATOM   690  C CE2 . TRP A 1 167 ? -2.495  -4.979  11.079  1.00 9.97  ? 110  TRP A CE2 1 
ATOM   691  C CE3 . TRP A 1 167 ? -4.170  -3.545  10.071  1.00 11.93 ? 110  TRP A CE3 1 
ATOM   692  C CZ2 . TRP A 1 167 ? -2.898  -6.076  10.308  1.00 11.89 ? 110  TRP A CZ2 1 
ATOM   693  C CZ3 . TRP A 1 167 ? -4.573  -4.640  9.302   1.00 12.48 ? 110  TRP A CZ3 1 
ATOM   694  C CH2 . TRP A 1 167 ? -3.937  -5.890  9.431   1.00 13.73 ? 110  TRP A CH2 1 
ATOM   695  N N   . ALA A 1 168 ? -2.341  1.731   11.556  1.00 13.62 ? 111  ALA A N   1 
ATOM   696  C CA  . ALA A 1 168 ? -2.567  3.095   12.018  1.00 16.12 ? 111  ALA A CA  1 
ATOM   697  C C   . ALA A 1 168 ? -3.027  4.049   10.913  1.00 17.52 ? 111  ALA A C   1 
ATOM   698  O O   . ALA A 1 168 ? -3.589  5.105   11.197  1.00 19.25 ? 111  ALA A O   1 
ATOM   699  C CB  . ALA A 1 168 ? -1.296  3.632   12.680  1.00 15.11 ? 111  ALA A CB  1 
ATOM   700  N N   . ARG A 1 169 ? -2.803  3.669   9.658   1.00 17.32 ? 112  ARG A N   1 
ATOM   701  C CA  . ARG A 1 169 ? -3.162  4.510   8.513   1.00 18.37 ? 112  ARG A CA  1 
ATOM   702  C C   . ARG A 1 169 ? -4.582  4.353   7.979   1.00 16.82 ? 112  ARG A C   1 
ATOM   703  O O   . ARG A 1 169 ? -5.116  5.267   7.348   1.00 16.63 ? 112  ARG A O   1 
ATOM   704  C CB  . ARG A 1 169 ? -2.170  4.264   7.368   1.00 22.11 ? 112  ARG A CB  1 
ATOM   705  C CG  . ARG A 1 169 ? -2.635  4.746   5.999   1.00 26.81 ? 112  ARG A CG  1 
ATOM   706  C CD  . ARG A 1 169 ? -2.466  6.230   5.770   1.00 31.95 ? 112  ARG A CD  1 
ATOM   707  N NE  . ARG A 1 169 ? -3.106  7.125   6.747   1.00 36.41 ? 112  ARG A NE  1 
ATOM   708  C CZ  . ARG A 1 169 ? -3.982  8.044   6.416   1.00 37.75 ? 112  ARG A CZ  1 
ATOM   709  N NH1 . ARG A 1 169 ? -4.434  8.173   5.147   1.00 37.30 ? 112  ARG A NH1 1 
ATOM   710  N NH2 . ARG A 1 169 ? -4.345  8.971   7.286   1.00 37.45 ? 112  ARG A NH2 1 
ATOM   711  N N   . HIS A 1 170 ? -5.203  3.207   8.218   1.00 14.12 ? 113  HIS A N   1 
ATOM   712  C CA  . HIS A 1 170 ? -6.545  3.006   7.694   1.00 12.88 ? 113  HIS A CA  1 
ATOM   713  C C   . HIS A 1 170 ? -7.428  2.147   8.584   1.00 13.33 ? 113  HIS A C   1 
ATOM   714  O O   . HIS A 1 170 ? -6.988  1.622   9.605   1.00 12.45 ? 113  HIS A O   1 
ATOM   715  C CB  . HIS A 1 170 ? -6.471  2.356   6.308   1.00 13.29 ? 113  HIS A CB  1 
ATOM   716  C CG  . HIS A 1 170 ? -6.146  0.894   6.343   1.00 12.08 ? 113  HIS A CG  1 
ATOM   717  N ND1 . HIS A 1 170 ? -6.797  -0.032  5.556   1.00 12.84 ? 113  HIS A ND1 1 
ATOM   718  C CD2 . HIS A 1 170 ? -5.248  0.197   7.078   1.00 9.49  ? 113  HIS A CD2 1 
ATOM   719  C CE1 . HIS A 1 170 ? -6.315  -1.237  5.808   1.00 8.31  ? 113  HIS A CE1 1 
ATOM   720  N NE2 . HIS A 1 170 ? -5.375  -1.126  6.727   1.00 13.82 ? 113  HIS A NE2 1 
ATOM   721  N N   . ASP A 1 171 ? -8.683  2.017   8.169   1.00 12.45 ? 114  ASP A N   1 
ATOM   722  C CA  . ASP A 1 171 ? -9.668  1.205   8.868   1.00 13.14 ? 114  ASP A CA  1 
ATOM   723  C C   . ASP A 1 171 ? -9.668  -0.111  8.095   1.00 12.23 ? 114  ASP A C   1 
ATOM   724  O O   . ASP A 1 171 ? -10.174 -0.184  6.976   1.00 13.50 ? 114  ASP A O   1 
ATOM   725  C CB  . ASP A 1 171 ? -11.048 1.862   8.788   1.00 13.14 ? 114  ASP A CB  1 
ATOM   726  C CG  . ASP A 1 171 ? -12.118 1.069   9.509   1.00 14.43 ? 114  ASP A CG  1 
ATOM   727  O OD1 . ASP A 1 171 ? -11.844 -0.088  9.900   1.00 15.01 ? 114  ASP A OD1 1 
ATOM   728  O OD2 . ASP A 1 171 ? -13.239 1.599   9.676   1.00 14.10 ? 114  ASP A OD2 1 
ATOM   729  N N   . PRO A 1 172 ? -9.093  -1.171  8.682   1.00 13.18 ? 115  PRO A N   1 
ATOM   730  C CA  . PRO A 1 172 ? -9.030  -2.475  8.016   1.00 13.66 ? 115  PRO A CA  1 
ATOM   731  C C   . PRO A 1 172 ? -10.287 -3.330  8.129   1.00 13.60 ? 115  PRO A C   1 
ATOM   732  O O   . PRO A 1 172 ? -10.242 -4.525  7.838   1.00 13.85 ? 115  PRO A O   1 
ATOM   733  C CB  . PRO A 1 172 ? -7.837  -3.130  8.693   1.00 13.30 ? 115  PRO A CB  1 
ATOM   734  C CG  . PRO A 1 172 ? -8.020  -2.691  10.117  1.00 13.33 ? 115  PRO A CG  1 
ATOM   735  C CD  . PRO A 1 172 ? -8.422  -1.219  9.996   1.00 13.29 ? 115  PRO A CD  1 
ATOM   736  N N   . THR A 1 173 ? -11.403 -2.729  8.532   1.00 14.76 ? 116  THR A N   1 
ATOM   737  C CA  . THR A 1 173 ? -12.641 -3.485  8.690   1.00 15.76 ? 116  THR A CA  1 
ATOM   738  C C   . THR A 1 173 ? -13.713 -3.186  7.645   1.00 16.36 ? 116  THR A C   1 
ATOM   739  O O   . THR A 1 173 ? -14.789 -3.781  7.672   1.00 17.22 ? 116  THR A O   1 
ATOM   740  C CB  . THR A 1 173 ? -13.245 -3.264  10.094  1.00 15.78 ? 116  THR A CB  1 
ATOM   741  O OG1 . THR A 1 173 ? -13.727 -1.920  10.205  1.00 15.69 ? 116  THR A OG1 1 
ATOM   742  C CG2 . THR A 1 173 ? -12.189 -3.501  11.164  1.00 17.75 ? 116  THR A CG2 1 
ATOM   743  N N   . THR A 1 174 ? -13.432 -2.265  6.729   1.00 14.97 ? 117  THR A N   1 
ATOM   744  C CA  . THR A 1 174 ? -14.401 -1.941  5.687   1.00 14.42 ? 117  THR A CA  1 
ATOM   745  C C   . THR A 1 174 ? -14.030 -2.662  4.395   1.00 14.85 ? 117  THR A C   1 
ATOM   746  O O   . THR A 1 174 ? -12.928 -2.496  3.869   1.00 14.27 ? 117  THR A O   1 
ATOM   747  C CB  . THR A 1 174 ? -14.485 -0.414  5.440   1.00 15.63 ? 117  THR A CB  1 
ATOM   748  O OG1 . THR A 1 174 ? -13.182 0.109   5.145   1.00 13.88 ? 117  THR A OG1 1 
ATOM   749  C CG2 . THR A 1 174 ? -15.047 0.287   6.672   1.00 15.16 ? 117  THR A CG2 1 
ATOM   750  N N   . LEU A 1 175 ? -14.958 -3.468  3.891   1.00 12.63 ? 118  LEU A N   1 
ATOM   751  C CA  . LEU A 1 175 ? -14.730 -4.242  2.675   1.00 13.06 ? 118  LEU A CA  1 
ATOM   752  C C   . LEU A 1 175 ? -14.895 -3.439  1.388   1.00 12.84 ? 118  LEU A C   1 
ATOM   753  O O   . LEU A 1 175 ? -15.932 -2.820  1.160   1.00 13.15 ? 118  LEU A O   1 
ATOM   754  C CB  . LEU A 1 175 ? -15.675 -5.448  2.645   1.00 14.17 ? 118  LEU A CB  1 
ATOM   755  C CG  . LEU A 1 175 ? -15.491 -6.452  1.504   1.00 15.51 ? 118  LEU A CG  1 
ATOM   756  C CD1 . LEU A 1 175 ? -14.148 -7.169  1.647   1.00 16.33 ? 118  LEU A CD1 1 
ATOM   757  C CD2 . LEU A 1 175 ? -16.633 -7.460  1.534   1.00 18.45 ? 118  LEU A CD2 1 
ATOM   758  N N   . ASN A 1 176 ? -13.859 -3.465  0.553   1.00 11.49 ? 119  ASN A N   1 
ATOM   759  C CA  . ASN A 1 176 ? -13.857 -2.768  -0.732  1.00 11.09 ? 119  ASN A CA  1 
ATOM   760  C C   . ASN A 1 176 ? -14.196 -1.287  -0.656  1.00 11.72 ? 119  ASN A C   1 
ATOM   761  O O   . ASN A 1 176 ? -14.929 -0.758  -1.498  1.00 11.62 ? 119  ASN A O   1 
ATOM   762  C CB  . ASN A 1 176 ? -14.809 -3.456  -1.712  1.00 12.91 ? 119  ASN A CB  1 
ATOM   763  C CG  . ASN A 1 176 ? -14.369 -4.863  -2.055  1.00 13.69 ? 119  ASN A CG  1 
ATOM   764  O OD1 . ASN A 1 176 ? -13.174 -5.141  -2.160  1.00 13.68 ? 119  ASN A OD1 1 
ATOM   765  N ND2 . ASN A 1 176 ? -15.333 -5.755  -2.248  1.00 13.81 ? 119  ASN A ND2 1 
ATOM   766  N N   . ARG A 1 177 ? -13.657 -0.623  0.355   1.00 12.24 ? 120  ARG A N   1 
ATOM   767  C CA  . ARG A 1 177 ? -13.872 0.803   0.529   1.00 12.40 ? 120  ARG A CA  1 
ATOM   768  C C   . ARG A 1 177 ? -12.985 1.322   1.639   1.00 11.77 ? 120  ARG A C   1 
ATOM   769  O O   . ARG A 1 177 ? -12.600 0.582   2.546   1.00 11.24 ? 120  ARG A O   1 
ATOM   770  C CB  . ARG A 1 177 ? -15.338 1.102   0.864   1.00 15.25 ? 120  ARG A CB  1 
ATOM   771  C CG  . ARG A 1 177 ? -15.812 0.589   2.217   1.00 18.52 ? 120  ARG A CG  1 
ATOM   772  C CD  . ARG A 1 177 ? -17.197 1.142   2.522   1.00 22.51 ? 120  ARG A CD  1 
ATOM   773  N NE  . ARG A 1 177 ? -17.170 2.599   2.598   1.00 23.69 ? 120  ARG A NE  1 
ATOM   774  C CZ  . ARG A 1 177 ? -18.193 3.391   2.295   1.00 24.65 ? 120  ARG A CZ  1 
ATOM   775  N NH1 . ARG A 1 177 ? -19.344 2.871   1.885   1.00 25.40 ? 120  ARG A NH1 1 
ATOM   776  N NH2 . ARG A 1 177 ? -18.065 4.706   2.398   1.00 22.83 ? 120  ARG A NH2 1 
ATOM   777  N N   . GLN A 1 178 ? -12.641 2.598   1.547   1.00 9.76  ? 121  GLN A N   1 
ATOM   778  C CA  . GLN A 1 178 ? -11.828 3.246   2.561   1.00 9.34  ? 121  GLN A CA  1 
ATOM   779  C C   . GLN A 1 178 ? -12.283 4.695   2.549   1.00 8.87  ? 121  GLN A C   1 
ATOM   780  O O   . GLN A 1 178 ? -12.128 5.398   1.548   1.00 8.69  ? 121  GLN A O   1 
ATOM   781  C CB  . GLN A 1 178 ? -10.338 3.117   2.233   1.00 9.87  ? 121  GLN A CB  1 
ATOM   782  C CG  . GLN A 1 178 ? -9.407  3.490   3.387   1.00 10.60 ? 121  GLN A CG  1 
ATOM   783  C CD  . GLN A 1 178 ? -9.750  2.768   4.686   1.00 10.85 ? 121  GLN A CD  1 
ATOM   784  O OE1 . GLN A 1 178 ? -9.976  1.556   4.702   1.00 13.23 ? 121  GLN A OE1 1 
ATOM   785  N NE2 . GLN A 1 178 ? -9.776  3.513   5.783   1.00 8.92  ? 121  GLN A NE2 1 
ATOM   786  N N   . GLY A 1 179 ? -12.869 5.133   3.656   1.00 9.02  ? 122  GLY A N   1 
ATOM   787  C CA  . GLY A 1 179 ? -13.377 6.487   3.714   1.00 9.50  ? 122  GLY A CA  1 
ATOM   788  C C   . GLY A 1 179 ? -14.528 6.551   2.732   1.00 9.67  ? 122  GLY A C   1 
ATOM   789  O O   . GLY A 1 179 ? -15.396 5.675   2.736   1.00 11.13 ? 122  GLY A O   1 
ATOM   790  N N   . ASN A 1 180 ? -14.541 7.568   1.876   1.00 9.08  ? 123  ASN A N   1 
ATOM   791  C CA  . ASN A 1 180 ? -15.606 7.702   0.893   1.00 9.80  ? 123  ASN A CA  1 
ATOM   792  C C   . ASN A 1 180 ? -15.197 7.190   -0.486  1.00 9.49  ? 123  ASN A C   1 
ATOM   793  O O   . ASN A 1 180 ? -15.872 7.444   -1.482  1.00 9.53  ? 123  ASN A O   1 
ATOM   794  C CB  . ASN A 1 180 ? -16.077 9.156   0.822   1.00 9.81  ? 123  ASN A CB  1 
ATOM   795  C CG  . ASN A 1 180 ? -17.033 9.504   1.952   1.00 10.90 ? 123  ASN A CG  1 
ATOM   796  O OD1 . ASN A 1 180 ? -17.074 10.641  2.427   1.00 12.60 ? 123  ASN A OD1 1 
ATOM   797  N ND2 . ASN A 1 180 ? -17.818 8.522   2.381   1.00 7.13  ? 123  ASN A ND2 1 
ATOM   798  N N   . ASP A 1 181 ? -14.077 6.474   -0.533  1.00 9.32  ? 124  ASP A N   1 
ATOM   799  C CA  . ASP A 1 181 ? -13.603 5.878   -1.778  1.00 8.73  ? 124  ASP A CA  1 
ATOM   800  C C   . ASP A 1 181 ? -14.146 4.460   -1.778  1.00 9.67  ? 124  ASP A C   1 
ATOM   801  O O   . ASP A 1 181 ? -13.679 3.608   -1.022  1.00 10.46 ? 124  ASP A O   1 
ATOM   802  C CB  . ASP A 1 181 ? -12.074 5.848   -1.832  1.00 9.40  ? 124  ASP A CB  1 
ATOM   803  C CG  . ASP A 1 181 ? -11.481 7.215   -2.064  1.00 13.14 ? 124  ASP A CG  1 
ATOM   804  O OD1 . ASP A 1 181 ? -11.941 7.894   -3.008  1.00 12.94 ? 124  ASP A OD1 1 
ATOM   805  O OD2 . ASP A 1 181 ? -10.559 7.606   -1.316  1.00 11.88 ? 124  ASP A OD2 1 
ATOM   806  N N   . VAL A 1 182 ? -15.138 4.216   -2.627  1.00 8.85  ? 125  VAL A N   1 
ATOM   807  C CA  . VAL A 1 182 ? -15.780 2.912   -2.711  1.00 9.27  ? 125  VAL A CA  1 
ATOM   808  C C   . VAL A 1 182 ? -15.402 2.167   -3.983  1.00 9.20  ? 125  VAL A C   1 
ATOM   809  O O   . VAL A 1 182 ? -15.521 2.699   -5.088  1.00 9.78  ? 125  VAL A O   1 
ATOM   810  C CB  . VAL A 1 182 ? -17.313 3.074   -2.661  1.00 9.14  ? 125  VAL A CB  1 
ATOM   811  C CG1 . VAL A 1 182 ? -17.993 1.706   -2.649  1.00 9.60  ? 125  VAL A CG1 1 
ATOM   812  C CG2 . VAL A 1 182 ? -17.697 3.884   -1.437  1.00 10.67 ? 125  VAL A CG2 1 
ATOM   813  N N   . GLY A 1 183 ? -14.939 0.933   -3.814  1.00 9.35  ? 126  GLY A N   1 
ATOM   814  C CA  . GLY A 1 183 ? -14.549 0.123   -4.956  1.00 9.10  ? 126  GLY A CA  1 
ATOM   815  C C   . GLY A 1 183 ? -13.503 -0.912  -4.595  1.00 8.94  ? 126  GLY A C   1 
ATOM   816  O O   . GLY A 1 183 ? -12.782 -0.763  -3.607  1.00 9.09  ? 126  GLY A O   1 
ATOM   817  N N   . THR A 1 184 ? -13.420 -1.971  -5.392  1.00 9.70  ? 127  THR A N   1 
ATOM   818  C CA  . THR A 1 184 ? -12.449 -3.021  -5.129  1.00 10.86 ? 127  THR A CA  1 
ATOM   819  C C   . THR A 1 184 ? -11.012 -2.507  -5.227  1.00 10.76 ? 127  THR A C   1 
ATOM   820  O O   . THR A 1 184 ? -10.096 -3.134  -4.691  1.00 10.31 ? 127  THR A O   1 
ATOM   821  C CB  . THR A 1 184 ? -12.629 -4.205  -6.103  1.00 11.66 ? 127  THR A CB  1 
ATOM   822  O OG1 . THR A 1 184 ? -12.483 -3.746  -7.452  1.00 13.85 ? 127  THR A OG1 1 
ATOM   823  C CG2 . THR A 1 184 ? -14.014 -4.827  -5.932  1.00 14.11 ? 127  THR A CG2 1 
ATOM   824  N N   . GLN A 1 185 ? -10.803 -1.375  -5.896  1.00 9.96  ? 128  GLN A N   1 
ATOM   825  C CA  . GLN A 1 185 ? -9.445  -0.847  -6.020  1.00 9.08  ? 128  GLN A CA  1 
ATOM   826  C C   . GLN A 1 185 ? -8.998  -0.085  -4.769  1.00 9.11  ? 128  GLN A C   1 
ATOM   827  O O   . GLN A 1 185 ? -7.916  0.504   -4.749  1.00 8.60  ? 128  GLN A O   1 
ATOM   828  C CB  . GLN A 1 185 ? -9.301  0.053   -7.264  1.00 9.52  ? 128  GLN A CB  1 
ATOM   829  C CG  . GLN A 1 185 ? -9.823  1.489   -7.139  1.00 10.39 ? 128  GLN A CG  1 
ATOM   830  C CD  . GLN A 1 185 ? -11.228 1.668   -7.685  1.00 12.28 ? 128  GLN A CD  1 
ATOM   831  O OE1 . GLN A 1 185 ? -11.563 2.720   -8.240  1.00 14.77 ? 128  GLN A OE1 1 
ATOM   832  N NE2 . GLN A 1 185 ? -12.062 0.645   -7.524  1.00 10.30 ? 128  GLN A NE2 1 
ATOM   833  N N   . TYR A 1 186 ? -9.827  -0.113  -3.727  1.00 8.51  ? 129  TYR A N   1 
ATOM   834  C CA  . TYR A 1 186 ? -9.511  0.563   -2.470  1.00 9.42  ? 129  TYR A CA  1 
ATOM   835  C C   . TYR A 1 186 ? -9.513  -0.425  -1.306  1.00 9.59  ? 129  TYR A C   1 
ATOM   836  O O   . TYR A 1 186 ? -9.543  -0.019  -0.144  1.00 10.37 ? 129  TYR A O   1 
ATOM   837  C CB  . TYR A 1 186 ? -10.534 1.666   -2.181  1.00 7.71  ? 129  TYR A CB  1 
ATOM   838  C CG  . TYR A 1 186 ? -10.672 2.690   -3.282  1.00 8.85  ? 129  TYR A CG  1 
ATOM   839  C CD1 . TYR A 1 186 ? -9.612  3.531   -3.620  1.00 9.29  ? 129  TYR A CD1 1 
ATOM   840  C CD2 . TYR A 1 186 ? -11.865 2.818   -3.991  1.00 9.99  ? 129  TYR A CD2 1 
ATOM   841  C CE1 . TYR A 1 186 ? -9.741  4.478   -4.638  1.00 9.57  ? 129  TYR A CE1 1 
ATOM   842  C CE2 . TYR A 1 186 ? -12.005 3.755   -5.010  1.00 10.11 ? 129  TYR A CE2 1 
ATOM   843  C CZ  . TYR A 1 186 ? -10.940 4.583   -5.330  1.00 10.96 ? 129  TYR A CZ  1 
ATOM   844  O OH  . TYR A 1 186 ? -11.082 5.515   -6.336  1.00 10.76 ? 129  TYR A OH  1 
ATOM   845  N N   . ARG A 1 187 ? -9.476  -1.716  -1.618  1.00 9.66  ? 130  ARG A N   1 
ATOM   846  C CA  . ARG A 1 187 ? -9.503  -2.748  -0.588  1.00 9.58  ? 130  ARG A CA  1 
ATOM   847  C C   . ARG A 1 187 ? -8.214  -2.875  0.221   1.00 10.62 ? 130  ARG A C   1 
ATOM   848  O O   . ARG A 1 187 ? -7.124  -2.552  -0.255  1.00 11.83 ? 130  ARG A O   1 
ATOM   849  C CB  . ARG A 1 187 ? -9.863  -4.104  -1.210  1.00 10.42 ? 130  ARG A CB  1 
ATOM   850  C CG  . ARG A 1 187 ? -8.874  -4.635  -2.248  1.00 9.91  ? 130  ARG A CG  1 
ATOM   851  C CD  . ARG A 1 187 ? -9.417  -5.929  -2.854  1.00 10.16 ? 130  ARG A CD  1 
ATOM   852  N NE  . ARG A 1 187 ? -8.460  -6.659  -3.691  1.00 9.70  ? 130  ARG A NE  1 
ATOM   853  C CZ  . ARG A 1 187 ? -8.236  -6.423  -4.981  1.00 9.89  ? 130  ARG A CZ  1 
ATOM   854  N NH1 . ARG A 1 187 ? -8.891  -5.459  -5.616  1.00 10.07 ? 130  ARG A NH1 1 
ATOM   855  N NH2 . ARG A 1 187 ? -7.372  -7.177  -5.649  1.00 10.30 ? 130  ARG A NH2 1 
ATOM   856  N N   . SER A 1 188 ? -8.360  -3.348  1.455   1.00 10.48 ? 131  SER A N   1 
ATOM   857  C CA  . SER A 1 188 ? -7.238  -3.528  2.369   1.00 11.09 ? 131  SER A CA  1 
ATOM   858  C C   . SER A 1 188 ? -6.503  -4.828  2.070   1.00 11.19 ? 131  SER A C   1 
ATOM   859  O O   . SER A 1 188 ? -7.123  -5.883  1.925   1.00 11.58 ? 131  SER A O   1 
ATOM   860  C CB  . SER A 1 188 ? -7.745  -3.548  3.812   1.00 11.42 ? 131  SER A CB  1 
ATOM   861  O OG  . SER A 1 188 ? -6.695  -3.804  4.729   1.00 11.03 ? 131  SER A OG  1 
ATOM   862  N N   . GLY A 1 189 ? -5.181  -4.753  1.983   1.00 10.36 ? 132  GLY A N   1 
ATOM   863  C CA  . GLY A 1 189 ? -4.416  -5.948  1.699   1.00 9.90  ? 132  GLY A CA  1 
ATOM   864  C C   . GLY A 1 189 ? -2.933  -5.823  1.959   1.00 11.98 ? 132  GLY A C   1 
ATOM   865  O O   . GLY A 1 189 ? -2.358  -4.735  1.900   1.00 10.97 ? 132  GLY A O   1 
ATOM   866  N N   . ILE A 1 190 ? -2.324  -6.959  2.273   1.00 11.47 ? 133  ILE A N   1 
ATOM   867  C CA  . ILE A 1 190 ? -0.892  -7.051  2.518   1.00 11.29 ? 133  ILE A CA  1 
ATOM   868  C C   . ILE A 1 190 ? -0.457  -8.135  1.547   1.00 11.36 ? 133  ILE A C   1 
ATOM   869  O O   . ILE A 1 190 ? -0.907  -9.275  1.644   1.00 11.96 ? 133  ILE A O   1 
ATOM   870  C CB  . ILE A 1 190 ? -0.582  -7.503  3.962   1.00 11.68 ? 133  ILE A CB  1 
ATOM   871  C CG1 . ILE A 1 190 ? -1.103  -6.461  4.957   1.00 11.47 ? 133  ILE A CG1 1 
ATOM   872  C CG2 . ILE A 1 190 ? 0.921   -7.698  4.134   1.00 9.86  ? 133  ILE A CG2 1 
ATOM   873  C CD1 . ILE A 1 190 ? -0.930  -6.855  6.413   1.00 14.42 ? 133  ILE A CD1 1 
ATOM   874  N N   . TYR A 1 191 ? 0.396   -7.776  0.596   1.00 10.84 ? 134  TYR A N   1 
ATOM   875  C CA  . TYR A 1 191 ? 0.853   -8.725  -0.409  1.00 10.56 ? 134  TYR A CA  1 
ATOM   876  C C   . TYR A 1 191 ? 2.309   -9.070  -0.134  1.00 10.58 ? 134  TYR A C   1 
ATOM   877  O O   . TYR A 1 191 ? 3.212   -8.271  -0.371  1.00 10.87 ? 134  TYR A O   1 
ATOM   878  C CB  . TYR A 1 191 ? 0.628   -8.098  -1.788  1.00 9.96  ? 134  TYR A CB  1 
ATOM   879  C CG  . TYR A 1 191 ? -0.816  -7.643  -1.931  1.00 9.92  ? 134  TYR A CG  1 
ATOM   880  C CD1 . TYR A 1 191 ? -1.851  -8.577  -2.001  1.00 10.05 ? 134  TYR A CD1 1 
ATOM   881  C CD2 . TYR A 1 191 ? -1.156  -6.290  -1.882  1.00 9.48  ? 134  TYR A CD2 1 
ATOM   882  C CE1 . TYR A 1 191 ? -3.191  -8.180  -2.010  1.00 10.80 ? 134  TYR A CE1 1 
ATOM   883  C CE2 . TYR A 1 191 ? -2.498  -5.880  -1.891  1.00 10.95 ? 134  TYR A CE2 1 
ATOM   884  C CZ  . TYR A 1 191 ? -3.508  -6.834  -1.951  1.00 10.49 ? 134  TYR A CZ  1 
ATOM   885  O OH  . TYR A 1 191 ? -4.833  -6.452  -1.926  1.00 10.99 ? 134  TYR A OH  1 
ATOM   886  N N   . TYR A 1 192 ? 2.515   -10.276 0.390   1.00 11.74 ? 135  TYR A N   1 
ATOM   887  C CA  . TYR A 1 192 ? 3.837   -10.743 0.787   1.00 12.69 ? 135  TYR A CA  1 
ATOM   888  C C   . TYR A 1 192 ? 4.773   -11.296 -0.279  1.00 12.42 ? 135  TYR A C   1 
ATOM   889  O O   . TYR A 1 192 ? 4.348   -11.906 -1.262  1.00 13.41 ? 135  TYR A O   1 
ATOM   890  C CB  . TYR A 1 192 ? 3.684   -11.767 1.916   1.00 11.85 ? 135  TYR A CB  1 
ATOM   891  C CG  . TYR A 1 192 ? 2.898   -13.003 1.543   1.00 12.49 ? 135  TYR A CG  1 
ATOM   892  C CD1 . TYR A 1 192 ? 3.511   -14.070 0.889   1.00 13.86 ? 135  TYR A CD1 1 
ATOM   893  C CD2 . TYR A 1 192 ? 1.543   -13.114 1.858   1.00 12.92 ? 135  TYR A CD2 1 
ATOM   894  C CE1 . TYR A 1 192 ? 2.798   -15.223 0.563   1.00 14.33 ? 135  TYR A CE1 1 
ATOM   895  C CE2 . TYR A 1 192 ? 0.818   -14.263 1.535   1.00 15.40 ? 135  TYR A CE2 1 
ATOM   896  C CZ  . TYR A 1 192 ? 1.454   -15.313 0.890   1.00 15.30 ? 135  TYR A CZ  1 
ATOM   897  O OH  . TYR A 1 192 ? 0.759   -16.460 0.581   1.00 17.02 ? 135  TYR A OH  1 
ATOM   898  N N   . TYR A 1 193 ? 6.065   -11.075 -0.050  1.00 12.65 ? 136  TYR A N   1 
ATOM   899  C CA  . TYR A 1 193 ? 7.119   -11.529 -0.950  1.00 12.76 ? 136  TYR A CA  1 
ATOM   900  C C   . TYR A 1 193 ? 7.829   -12.766 -0.414  1.00 13.84 ? 136  TYR A C   1 
ATOM   901  O O   . TYR A 1 193 ? 8.556   -13.440 -1.148  1.00 13.93 ? 136  TYR A O   1 
ATOM   902  C CB  . TYR A 1 193 ? 8.152   -10.422 -1.155  1.00 12.27 ? 136  TYR A CB  1 
ATOM   903  C CG  . TYR A 1 193 ? 7.690   -9.305  -2.055  1.00 13.81 ? 136  TYR A CG  1 
ATOM   904  C CD1 . TYR A 1 193 ? 6.773   -8.352  -1.608  1.00 13.84 ? 136  TYR A CD1 1 
ATOM   905  C CD2 . TYR A 1 193 ? 8.168   -9.202  -3.358  1.00 12.79 ? 136  TYR A CD2 1 
ATOM   906  C CE1 . TYR A 1 193 ? 6.347   -7.321  -2.442  1.00 14.71 ? 136  TYR A CE1 1 
ATOM   907  C CE2 . TYR A 1 193 ? 7.747   -8.180  -4.200  1.00 14.86 ? 136  TYR A CE2 1 
ATOM   908  C CZ  . TYR A 1 193 ? 6.839   -7.244  -3.737  1.00 13.18 ? 136  TYR A CZ  1 
ATOM   909  O OH  . TYR A 1 193 ? 6.430   -6.229  -4.566  1.00 12.79 ? 136  TYR A OH  1 
ATOM   910  N N   . THR A 1 194 ? 7.625   -13.052 0.867   1.00 14.67 ? 137  THR A N   1 
ATOM   911  C CA  . THR A 1 194 ? 8.249   -14.204 1.509   1.00 14.35 ? 137  THR A CA  1 
ATOM   912  C C   . THR A 1 194 ? 7.314   -14.800 2.552   1.00 14.98 ? 137  THR A C   1 
ATOM   913  O O   . THR A 1 194 ? 6.385   -14.139 3.019   1.00 14.57 ? 137  THR A O   1 
ATOM   914  C CB  . THR A 1 194 ? 9.535   -13.812 2.253   1.00 14.56 ? 137  THR A CB  1 
ATOM   915  O OG1 . THR A 1 194 ? 9.188   -13.014 3.391   1.00 13.33 ? 137  THR A OG1 1 
ATOM   916  C CG2 . THR A 1 194 ? 10.472  -13.025 1.349   1.00 15.48 ? 137  THR A CG2 1 
ATOM   917  N N   . PRO A 1 195 ? 7.547   -16.067 2.925   1.00 13.80 ? 138  PRO A N   1 
ATOM   918  C CA  . PRO A 1 195 ? 6.720   -16.740 3.928   1.00 14.33 ? 138  PRO A CA  1 
ATOM   919  C C   . PRO A 1 195 ? 6.883   -16.029 5.266   1.00 14.08 ? 138  PRO A C   1 
ATOM   920  O O   . PRO A 1 195 ? 5.984   -16.049 6.106   1.00 15.00 ? 138  PRO A O   1 
ATOM   921  C CB  . PRO A 1 195 ? 7.292   -18.156 3.951   1.00 14.68 ? 138  PRO A CB  1 
ATOM   922  C CG  . PRO A 1 195 ? 7.732   -18.350 2.539   1.00 16.57 ? 138  PRO A CG  1 
ATOM   923  C CD  . PRO A 1 195 ? 8.414   -17.035 2.231   1.00 14.78 ? 138  PRO A CD  1 
ATOM   924  N N   . GLU A 1 196 ? 8.041   -15.399 5.457   1.00 14.74 ? 139  GLU A N   1 
ATOM   925  C CA  . GLU A 1 196 ? 8.313   -14.673 6.690   1.00 15.54 ? 139  GLU A CA  1 
ATOM   926  C C   . GLU A 1 196 ? 7.370   -13.479 6.787   1.00 14.54 ? 139  GLU A C   1 
ATOM   927  O O   . GLU A 1 196 ? 6.862   -13.170 7.863   1.00 14.97 ? 139  GLU A O   1 
ATOM   928  C CB  . GLU A 1 196 ? 9.769   -14.200 6.730   1.00 17.60 ? 139  GLU A CB  1 
ATOM   929  C CG  . GLU A 1 196 ? 10.100  -13.349 7.950   1.00 22.41 ? 139  GLU A CG  1 
ATOM   930  C CD  . GLU A 1 196 ? 11.579  -13.020 8.059   1.00 25.18 ? 139  GLU A CD  1 
ATOM   931  O OE1 . GLU A 1 196 ? 12.189  -12.653 7.032   1.00 27.12 ? 139  GLU A OE1 1 
ATOM   932  O OE2 . GLU A 1 196 ? 12.128  -13.118 9.177   1.00 27.33 ? 139  GLU A OE2 1 
ATOM   933  N N   . GLN A 1 197 ? 7.139   -12.808 5.663   1.00 13.35 ? 140  GLN A N   1 
ATOM   934  C CA  . GLN A 1 197 ? 6.233   -11.668 5.653   1.00 13.12 ? 140  GLN A CA  1 
ATOM   935  C C   . GLN A 1 197 ? 4.803   -12.155 5.839   1.00 13.19 ? 140  GLN A C   1 
ATOM   936  O O   . GLN A 1 197 ? 4.017   -11.533 6.552   1.00 12.27 ? 140  GLN A O   1 
ATOM   937  C CB  . GLN A 1 197 ? 6.351   -10.887 4.344   1.00 12.47 ? 140  GLN A CB  1 
ATOM   938  C CG  . GLN A 1 197 ? 7.600   -10.029 4.258   1.00 11.88 ? 140  GLN A CG  1 
ATOM   939  C CD  . GLN A 1 197 ? 7.618   -9.131  3.036   1.00 12.56 ? 140  GLN A CD  1 
ATOM   940  O OE1 . GLN A 1 197 ? 8.481   -8.258  2.905   1.00 13.04 ? 140  GLN A OE1 1 
ATOM   941  N NE2 . GLN A 1 197 ? 6.671   -9.342  2.130   1.00 8.65  ? 140  GLN A NE2 1 
ATOM   942  N N   . GLU A 1 198 ? 4.462   -13.270 5.201   1.00 12.17 ? 141  GLU A N   1 
ATOM   943  C CA  . GLU A 1 198 ? 3.117   -13.810 5.337   1.00 14.47 ? 141  GLU A CA  1 
ATOM   944  C C   . GLU A 1 198 ? 2.812   -14.113 6.796   1.00 14.37 ? 141  GLU A C   1 
ATOM   945  O O   . GLU A 1 198 ? 1.763   -13.733 7.312   1.00 13.41 ? 141  GLU A O   1 
ATOM   946  C CB  . GLU A 1 198 ? 2.947   -15.090 4.515   1.00 16.98 ? 141  GLU A CB  1 
ATOM   947  C CG  . GLU A 1 198 ? 1.708   -15.880 4.921   1.00 20.23 ? 141  GLU A CG  1 
ATOM   948  C CD  . GLU A 1 198 ? 1.453   -17.099 4.062   1.00 23.27 ? 141  GLU A CD  1 
ATOM   949  O OE1 . GLU A 1 198 ? 2.419   -17.810 3.714   1.00 24.77 ? 141  GLU A OE1 1 
ATOM   950  O OE2 . GLU A 1 198 ? 0.272   -17.357 3.751   1.00 26.00 ? 141  GLU A OE2 1 
ATOM   951  N N   . LYS A 1 199 ? 3.735   -14.798 7.462   1.00 14.55 ? 142  LYS A N   1 
ATOM   952  C CA  . LYS A 1 199 ? 3.537   -15.155 8.860   1.00 15.64 ? 142  LYS A CA  1 
ATOM   953  C C   . LYS A 1 199 ? 3.436   -13.917 9.735   1.00 15.05 ? 142  LYS A C   1 
ATOM   954  O O   . LYS A 1 199 ? 2.570   -13.833 10.607  1.00 15.11 ? 142  LYS A O   1 
ATOM   955  C CB  . LYS A 1 199 ? 4.683   -16.038 9.356   1.00 17.33 ? 142  LYS A CB  1 
ATOM   956  C CG  . LYS A 1 199 ? 4.541   -16.448 10.813  1.00 21.65 ? 142  LYS A CG  1 
ATOM   957  C CD  . LYS A 1 199 ? 5.705   -17.314 11.264  1.00 24.64 ? 142  LYS A CD  1 
ATOM   958  C CE  . LYS A 1 199 ? 5.532   -17.757 12.708  1.00 26.42 ? 142  LYS A CE  1 
ATOM   959  N NZ  . LYS A 1 199 ? 6.650   -18.635 13.155  1.00 29.81 ? 142  LYS A NZ  1 
ATOM   960  N N   . ALA A 1 200 ? 4.325   -12.959 9.501   1.00 14.30 ? 143  ALA A N   1 
ATOM   961  C CA  . ALA A 1 200 ? 4.324   -11.727 10.275  1.00 13.39 ? 143  ALA A CA  1 
ATOM   962  C C   . ALA A 1 200 ? 2.992   -11.003 10.114  1.00 13.22 ? 143  ALA A C   1 
ATOM   963  O O   . ALA A 1 200 ? 2.407   -10.542 11.092  1.00 13.97 ? 143  ALA A O   1 
ATOM   964  C CB  . ALA A 1 200 ? 5.470   -10.828 9.825   1.00 14.38 ? 143  ALA A CB  1 
ATOM   965  N N   . ALA A 1 201 ? 2.509   -10.911 8.879   1.00 13.89 ? 144  ALA A N   1 
ATOM   966  C CA  . ALA A 1 201 ? 1.245   -10.240 8.602   1.00 13.97 ? 144  ALA A CA  1 
ATOM   967  C C   . ALA A 1 201 ? 0.074   -10.902 9.324   1.00 15.58 ? 144  ALA A C   1 
ATOM   968  O O   . ALA A 1 201 ? -0.745  -10.227 9.951   1.00 14.79 ? 144  ALA A O   1 
ATOM   969  C CB  . ALA A 1 201 ? 0.986   -10.217 7.104   1.00 13.80 ? 144  ALA A CB  1 
ATOM   970  N N   . LYS A 1 202 ? 0.001   -12.226 9.243   1.00 16.22 ? 145  LYS A N   1 
ATOM   971  C CA  . LYS A 1 202 ? -1.081  -12.961 9.885   1.00 17.36 ? 145  LYS A CA  1 
ATOM   972  C C   . LYS A 1 202 ? -1.066  -12.829 11.402  1.00 17.58 ? 145  LYS A C   1 
ATOM   973  O O   . LYS A 1 202 ? -2.117  -12.677 12.024  1.00 17.99 ? 145  LYS A O   1 
ATOM   974  C CB  . LYS A 1 202 ? -1.030  -14.435 9.474   1.00 19.67 ? 145  LYS A CB  1 
ATOM   975  C CG  . LYS A 1 202 ? -1.346  -14.653 8.001   1.00 20.49 ? 145  LYS A CG  1 
ATOM   976  C CD  . LYS A 1 202 ? -1.385  -16.125 7.635   1.00 25.10 ? 145  LYS A CD  1 
ATOM   977  C CE  . LYS A 1 202 ? -1.801  -16.308 6.183   1.00 26.56 ? 145  LYS A CE  1 
ATOM   978  N NZ  . LYS A 1 202 ? -1.892  -17.744 5.801   1.00 29.68 ? 145  LYS A NZ  1 
ATOM   979  N N   . GLU A 1 203 ? 0.120   -12.881 11.997  1.00 17.15 ? 146  GLU A N   1 
ATOM   980  C CA  . GLU A 1 203 ? 0.233   -12.748 13.442  1.00 18.53 ? 146  GLU A CA  1 
ATOM   981  C C   . GLU A 1 203 ? -0.082  -11.325 13.889  1.00 17.56 ? 146  GLU A C   1 
ATOM   982  O O   . GLU A 1 203 ? -0.684  -11.115 14.940  1.00 17.61 ? 146  GLU A O   1 
ATOM   983  C CB  . GLU A 1 203 ? 1.634   -13.154 13.912  1.00 19.66 ? 146  GLU A CB  1 
ATOM   984  C CG  . GLU A 1 203 ? 1.914   -14.641 13.756  1.00 23.52 ? 146  GLU A CG  1 
ATOM   985  C CD  . GLU A 1 203 ? 3.185   -15.076 14.454  1.00 25.80 ? 146  GLU A CD  1 
ATOM   986  O OE1 . GLU A 1 203 ? 3.934   -14.202 14.943  1.00 27.75 ? 146  GLU A OE1 1 
ATOM   987  O OE2 . GLU A 1 203 ? 3.435   -16.299 14.514  1.00 29.06 ? 146  GLU A OE2 1 
ATOM   988  N N   . SER A 1 204 ? 0.318   -10.347 13.085  1.00 16.50 ? 147  SER A N   1 
ATOM   989  C CA  . SER A 1 204 ? 0.057   -8.952  13.419  1.00 15.28 ? 147  SER A CA  1 
ATOM   990  C C   . SER A 1 204 ? -1.440  -8.665  13.354  1.00 15.11 ? 147  SER A C   1 
ATOM   991  O O   . SER A 1 204 ? -1.971  -7.906  14.165  1.00 15.54 ? 147  SER A O   1 
ATOM   992  C CB  . SER A 1 204 ? 0.798   -8.025  12.455  1.00 15.39 ? 147  SER A CB  1 
ATOM   993  O OG  . SER A 1 204 ? 0.612   -6.670  12.831  1.00 15.96 ? 147  SER A OG  1 
ATOM   994  N N   . LEU A 1 205 ? -2.114  -9.272  12.382  1.00 14.62 ? 148  LEU A N   1 
ATOM   995  C CA  . LEU A 1 205 ? -3.549  -9.084  12.222  1.00 15.69 ? 148  LEU A CA  1 
ATOM   996  C C   . LEU A 1 205 ? -4.268  -9.612  13.461  1.00 16.79 ? 148  LEU A C   1 
ATOM   997  O O   . LEU A 1 205 ? -5.220  -8.998  13.947  1.00 16.97 ? 148  LEU A O   1 
ATOM   998  C CB  . LEU A 1 205 ? -4.038  -9.807  10.961  1.00 15.51 ? 148  LEU A CB  1 
ATOM   999  C CG  . LEU A 1 205 ? -5.510  -9.639  10.557  1.00 16.40 ? 148  LEU A CG  1 
ATOM   1000 C CD1 . LEU A 1 205 ? -5.677  -9.938  9.074   1.00 15.71 ? 148  LEU A CD1 1 
ATOM   1001 C CD2 . LEU A 1 205 ? -6.387  -10.553 11.395  1.00 17.15 ? 148  LEU A CD2 1 
ATOM   1002 N N   . GLU A 1 206 ? -3.801  -10.742 13.983  1.00 17.76 ? 149  GLU A N   1 
ATOM   1003 C CA  . GLU A 1 206 ? -4.410  -11.330 15.173  1.00 18.23 ? 149  GLU A CA  1 
ATOM   1004 C C   . GLU A 1 206 ? -4.295  -10.383 16.361  1.00 18.50 ? 149  GLU A C   1 
ATOM   1005 O O   . GLU A 1 206 ? -5.251  -10.203 17.114  1.00 19.73 ? 149  GLU A O   1 
ATOM   1006 C CB  . GLU A 1 206 ? -3.746  -12.667 15.513  1.00 19.98 ? 149  GLU A CB  1 
ATOM   1007 C CG  . GLU A 1 206 ? -3.926  -13.734 14.448  1.00 23.80 ? 149  GLU A CG  1 
ATOM   1008 C CD  . GLU A 1 206 ? -3.323  -15.065 14.853  1.00 27.41 ? 149  GLU A CD  1 
ATOM   1009 O OE1 . GLU A 1 206 ? -2.107  -15.111 15.141  1.00 28.44 ? 149  GLU A OE1 1 
ATOM   1010 O OE2 . GLU A 1 206 ? -4.068  -16.070 14.881  1.00 30.14 ? 149  GLU A OE2 1 
ATOM   1011 N N   . ARG A 1 207 ? -3.122  -9.781  16.530  1.00 18.40 ? 150  ARG A N   1 
ATOM   1012 C CA  . ARG A 1 207 ? -2.915  -8.847  17.628  1.00 18.50 ? 150  ARG A CA  1 
ATOM   1013 C C   . ARG A 1 207 ? -3.808  -7.621  17.451  1.00 19.83 ? 150  ARG A C   1 
ATOM   1014 O O   . ARG A 1 207 ? -4.456  -7.169  18.398  1.00 18.18 ? 150  ARG A O   1 
ATOM   1015 C CB  . ARG A 1 207 ? -1.452  -8.403  17.694  1.00 20.07 ? 150  ARG A CB  1 
ATOM   1016 C CG  . ARG A 1 207 ? -0.461  -9.510  18.026  1.00 20.35 ? 150  ARG A CG  1 
ATOM   1017 C CD  . ARG A 1 207 ? 0.871   -8.920  18.475  1.00 21.91 ? 150  ARG A CD  1 
ATOM   1018 N NE  . ARG A 1 207 ? 1.553   -8.189  17.410  1.00 21.74 ? 150  ARG A NE  1 
ATOM   1019 C CZ  . ARG A 1 207 ? 2.208   -8.767  16.408  1.00 22.50 ? 150  ARG A CZ  1 
ATOM   1020 N NH1 . ARG A 1 207 ? 2.271   -10.090 16.332  1.00 24.23 ? 150  ARG A NH1 1 
ATOM   1021 N NH2 . ARG A 1 207 ? 2.802   -8.023  15.484  1.00 23.25 ? 150  ARG A NH2 1 
ATOM   1022 N N   . GLN A 1 208 ? -3.840  -7.086  16.233  1.00 18.90 ? 151  GLN A N   1 
ATOM   1023 C CA  . GLN A 1 208 ? -4.650  -5.905  15.939  1.00 19.50 ? 151  GLN A CA  1 
ATOM   1024 C C   . GLN A 1 208 ? -6.143  -6.165  16.110  1.00 20.52 ? 151  GLN A C   1 
ATOM   1025 O O   . GLN A 1 208 ? -6.873  -5.315  16.624  1.00 20.42 ? 151  GLN A O   1 
ATOM   1026 C CB  . GLN A 1 208 ? -4.382  -5.421  14.512  1.00 19.10 ? 151  GLN A CB  1 
ATOM   1027 C CG  . GLN A 1 208 ? -5.186  -4.189  14.110  1.00 19.42 ? 151  GLN A CG  1 
ATOM   1028 C CD  . GLN A 1 208 ? -4.752  -2.927  14.839  1.00 20.38 ? 151  GLN A CD  1 
ATOM   1029 O OE1 . GLN A 1 208 ? -5.390  -1.880  14.722  1.00 22.65 ? 151  GLN A OE1 1 
ATOM   1030 N NE2 . GLN A 1 208 ? -3.662  -3.017  15.589  1.00 21.56 ? 151  GLN A NE2 1 
ATOM   1031 N N   . GLN A 1 209 ? -6.594  -7.338  15.677  1.00 21.48 ? 152  GLN A N   1 
ATOM   1032 C CA  . GLN A 1 209 ? -8.001  -7.705  15.773  1.00 24.74 ? 152  GLN A CA  1 
ATOM   1033 C C   . GLN A 1 209 ? -8.543  -7.619  17.198  1.00 26.56 ? 152  GLN A C   1 
ATOM   1034 O O   . GLN A 1 209 ? -9.676  -7.191  17.417  1.00 26.92 ? 152  GLN A O   1 
ATOM   1035 C CB  . GLN A 1 209 ? -8.212  -9.125  15.241  1.00 24.01 ? 152  GLN A CB  1 
ATOM   1036 C CG  . GLN A 1 209 ? -9.656  -9.593  15.314  1.00 25.14 ? 152  GLN A CG  1 
ATOM   1037 C CD  . GLN A 1 209 ? -10.552 -8.851  14.347  1.00 23.70 ? 152  GLN A CD  1 
ATOM   1038 O OE1 . GLN A 1 209 ? -10.572 -9.145  13.153  1.00 24.40 ? 152  GLN A OE1 1 
ATOM   1039 N NE2 . GLN A 1 209 ? -11.291 -7.872  14.855  1.00 24.92 ? 152  GLN A NE2 1 
ATOM   1040 N N   . LYS A 1 210 ? -7.731  -8.031  18.166  1.00 29.12 ? 153  LYS A N   1 
ATOM   1041 C CA  . LYS A 1 210 ? -8.154  -8.002  19.559  1.00 31.70 ? 153  LYS A CA  1 
ATOM   1042 C C   . LYS A 1 210 ? -8.389  -6.575  20.045  1.00 32.28 ? 153  LYS A C   1 
ATOM   1043 O O   . LYS A 1 210 ? -8.927  -6.361  21.131  1.00 33.02 ? 153  LYS A O   1 
ATOM   1044 C CB  . LYS A 1 210 ? -7.106  -8.689  20.439  1.00 32.29 ? 153  LYS A CB  1 
ATOM   1045 C CG  . LYS A 1 210 ? -7.570  -8.945  21.862  1.00 34.78 ? 153  LYS A CG  1 
ATOM   1046 C CD  . LYS A 1 210 ? -6.545  -9.752  22.636  1.00 35.69 ? 153  LYS A CD  1 
ATOM   1047 C CE  . LYS A 1 210 ? -7.051  -10.095 24.024  1.00 35.93 ? 153  LYS A CE  1 
ATOM   1048 N NZ  . LYS A 1 210 ? -6.045  -10.886 24.783  1.00 36.92 ? 153  LYS A NZ  1 
ATOM   1049 N N   . LEU A 1 211 ? -7.994  -5.600  19.232  1.00 32.81 ? 154  LEU A N   1 
ATOM   1050 C CA  . LEU A 1 211 ? -8.161  -4.195  19.593  1.00 32.97 ? 154  LEU A CA  1 
ATOM   1051 C C   . LEU A 1 211 ? -9.361  -3.548  18.910  1.00 33.44 ? 154  LEU A C   1 
ATOM   1052 O O   . LEU A 1 211 ? -9.828  -2.491  19.336  1.00 33.61 ? 154  LEU A O   1 
ATOM   1053 C CB  . LEU A 1 211 ? -6.901  -3.405  19.235  1.00 33.10 ? 154  LEU A CB  1 
ATOM   1054 C CG  . LEU A 1 211 ? -5.574  -3.919  19.796  1.00 33.02 ? 154  LEU A CG  1 
ATOM   1055 C CD1 . LEU A 1 211 ? -4.475  -2.920  19.468  1.00 33.36 ? 154  LEU A CD1 1 
ATOM   1056 C CD2 . LEU A 1 211 ? -5.688  -4.109  21.302  1.00 33.16 ? 154  LEU A CD2 1 
ATOM   1057 N N   . LEU A 1 212 ? -9.859  -4.181  17.854  1.00 33.72 ? 155  LEU A N   1 
ATOM   1058 C CA  . LEU A 1 212 ? -10.992 -3.638  17.112  1.00 34.42 ? 155  LEU A CA  1 
ATOM   1059 C C   . LEU A 1 212 ? -12.274 -4.429  17.352  1.00 35.20 ? 155  LEU A C   1 
ATOM   1060 O O   . LEU A 1 212 ? -12.235 -5.629  17.622  1.00 35.30 ? 155  LEU A O   1 
ATOM   1061 C CB  . LEU A 1 212 ? -10.668 -3.621  15.616  1.00 32.60 ? 155  LEU A CB  1 
ATOM   1062 C CG  . LEU A 1 212 ? -9.334  -2.988  15.207  1.00 31.50 ? 155  LEU A CG  1 
ATOM   1063 C CD1 . LEU A 1 212 ? -9.171  -3.084  13.698  1.00 30.11 ? 155  LEU A CD1 1 
ATOM   1064 C CD2 . LEU A 1 212 ? -9.277  -1.538  15.663  1.00 30.59 ? 155  LEU A CD2 1 
ATOM   1065 N N   . ASN A 1 213 ? -13.411 -3.745  17.248  1.00 36.16 ? 156  ASN A N   1 
ATOM   1066 C CA  . ASN A 1 213 ? -14.710 -4.376  17.452  1.00 36.36 ? 156  ASN A CA  1 
ATOM   1067 C C   . ASN A 1 213 ? -15.157 -5.073  16.170  1.00 35.28 ? 156  ASN A C   1 
ATOM   1068 O O   . ASN A 1 213 ? -15.681 -6.187  16.206  1.00 36.15 ? 156  ASN A O   1 
ATOM   1069 C CB  . ASN A 1 213 ? -15.752 -3.332  17.862  1.00 38.31 ? 156  ASN A CB  1 
ATOM   1070 C CG  . ASN A 1 213 ? -15.237 -2.383  18.928  1.00 40.07 ? 156  ASN A CG  1 
ATOM   1071 O OD1 . ASN A 1 213 ? -14.232 -2.656  19.587  1.00 41.60 ? 156  ASN A OD1 1 
ATOM   1072 N ND2 . ASN A 1 213 ? -15.929 -1.263  19.108  1.00 41.36 ? 156  ASN A ND2 1 
ATOM   1073 N N   . ARG A 1 214 ? -14.948 -4.409  15.038  1.00 32.85 ? 157  ARG A N   1 
ATOM   1074 C CA  . ARG A 1 214 ? -15.319 -4.971  13.745  1.00 30.89 ? 157  ARG A CA  1 
ATOM   1075 C C   . ARG A 1 214 ? -14.246 -5.957  13.290  1.00 28.75 ? 157  ARG A C   1 
ATOM   1076 O O   . ARG A 1 214 ? -13.082 -5.838  13.676  1.00 28.65 ? 157  ARG A O   1 
ATOM   1077 C CB  . ARG A 1 214 ? -15.472 -3.855  12.706  1.00 31.90 ? 157  ARG A CB  1 
ATOM   1078 C CG  . ARG A 1 214 ? -16.666 -2.936  12.939  1.00 32.77 ? 157  ARG A CG  1 
ATOM   1079 C CD  . ARG A 1 214 ? -16.611 -1.703  12.039  1.00 32.91 ? 157  ARG A CD  1 
ATOM   1080 N NE  . ARG A 1 214 ? -16.553 -2.038  10.617  1.00 33.48 ? 157  ARG A NE  1 
ATOM   1081 C CZ  . ARG A 1 214 ? -17.538 -2.618  9.939   1.00 34.94 ? 157  ARG A CZ  1 
ATOM   1082 N NH1 . ARG A 1 214 ? -18.674 -2.933  10.546  1.00 34.88 ? 157  ARG A NH1 1 
ATOM   1083 N NH2 . ARG A 1 214 ? -17.387 -2.885  8.647   1.00 35.40 ? 157  ARG A NH2 1 
ATOM   1084 N N   . LYS A 1 215 ? -14.643 -6.929  12.477  1.00 26.64 ? 158  LYS A N   1 
ATOM   1085 C CA  . LYS A 1 215 ? -13.706 -7.925  11.973  1.00 25.21 ? 158  LYS A CA  1 
ATOM   1086 C C   . LYS A 1 215 ? -12.801 -7.319  10.912  1.00 22.75 ? 158  LYS A C   1 
ATOM   1087 O O   . LYS A 1 215 ? -13.258 -6.575  10.048  1.00 20.87 ? 158  LYS A O   1 
ATOM   1088 C CB  . LYS A 1 215 ? -14.450 -9.106  11.353  1.00 26.60 ? 158  LYS A CB  1 
ATOM   1089 C CG  . LYS A 1 215 ? -13.523 -10.102 10.665  1.00 29.95 ? 158  LYS A CG  1 
ATOM   1090 C CD  . LYS A 1 215 ? -14.258 -10.950 9.643   1.00 31.91 ? 158  LYS A CD  1 
ATOM   1091 C CE  . LYS A 1 215 ? -13.688 -12.359 9.612   1.00 33.73 ? 158  LYS A CE  1 
ATOM   1092 N NZ  . LYS A 1 215 ? -13.219 -12.764 8.261   1.00 35.40 ? 158  LYS A NZ  1 
ATOM   1093 N N   . ILE A 1 216 ? -11.514 -7.645  10.979  1.00 20.43 ? 159  ILE A N   1 
ATOM   1094 C CA  . ILE A 1 216 ? -10.562 -7.141  10.002  1.00 17.97 ? 159  ILE A CA  1 
ATOM   1095 C C   . ILE A 1 216 ? -10.760 -7.931  8.711   1.00 17.84 ? 159  ILE A C   1 
ATOM   1096 O O   . ILE A 1 216 ? -10.769 -9.162  8.724   1.00 18.66 ? 159  ILE A O   1 
ATOM   1097 C CB  . ILE A 1 216 ? -9.112  -7.302  10.511  1.00 16.93 ? 159  ILE A CB  1 
ATOM   1098 C CG1 . ILE A 1 216 ? -8.905  -6.408  11.737  1.00 16.73 ? 159  ILE A CG1 1 
ATOM   1099 C CG2 . ILE A 1 216 ? -8.122  -6.952  9.407   1.00 17.76 ? 159  ILE A CG2 1 
ATOM   1100 C CD1 . ILE A 1 216 ? -7.550  -6.549  12.401  1.00 16.05 ? 159  ILE A CD1 1 
ATOM   1101 N N   . VAL A 1 217 ? -10.936 -7.220  7.600   1.00 15.96 ? 160  VAL A N   1 
ATOM   1102 C CA  . VAL A 1 217 ? -11.152 -7.862  6.306   1.00 15.56 ? 160  VAL A CA  1 
ATOM   1103 C C   . VAL A 1 217 ? -9.924  -7.836  5.399   1.00 15.36 ? 160  VAL A C   1 
ATOM   1104 O O   . VAL A 1 217 ? -9.984  -8.264  4.244   1.00 14.73 ? 160  VAL A O   1 
ATOM   1105 C CB  . VAL A 1 217 ? -12.329 -7.211  5.545   1.00 17.63 ? 160  VAL A CB  1 
ATOM   1106 C CG1 . VAL A 1 217 ? -13.603 -7.314  6.371   1.00 19.40 ? 160  VAL A CG1 1 
ATOM   1107 C CG2 . VAL A 1 217 ? -12.006 -5.756  5.227   1.00 17.46 ? 160  VAL A CG2 1 
ATOM   1108 N N   . THR A 1 218 ? -8.815  -7.329  5.927   1.00 14.69 ? 161  THR A N   1 
ATOM   1109 C CA  . THR A 1 218 ? -7.566  -7.249  5.177   1.00 14.45 ? 161  THR A CA  1 
ATOM   1110 C C   . THR A 1 218 ? -7.200  -8.600  4.569   1.00 14.59 ? 161  THR A C   1 
ATOM   1111 O O   . THR A 1 218 ? -7.219  -9.622  5.259   1.00 14.00 ? 161  THR A O   1 
ATOM   1112 C CB  . THR A 1 218 ? -6.399  -6.808  6.092   1.00 13.97 ? 161  THR A CB  1 
ATOM   1113 O OG1 . THR A 1 218 ? -6.704  -5.541  6.685   1.00 12.32 ? 161  THR A OG1 1 
ATOM   1114 C CG2 . THR A 1 218 ? -5.105  -6.701  5.296   1.00 13.02 ? 161  THR A CG2 1 
ATOM   1115 N N   . GLU A 1 219 ? -6.876  -8.613  3.279   1.00 13.76 ? 162  GLU A N   1 
ATOM   1116 C CA  . GLU A 1 219 ? -6.479  -9.854  2.626   1.00 14.35 ? 162  GLU A CA  1 
ATOM   1117 C C   . GLU A 1 219 ? -4.957  -9.970  2.633   1.00 14.88 ? 162  GLU A C   1 
ATOM   1118 O O   . GLU A 1 219 ? -4.251  -8.999  2.374   1.00 14.16 ? 162  GLU A O   1 
ATOM   1119 C CB  . GLU A 1 219 ? -7.012  -9.920  1.183   1.00 14.81 ? 162  GLU A CB  1 
ATOM   1120 C CG  . GLU A 1 219 ? -6.694  -8.717  0.297   1.00 15.06 ? 162  GLU A CG  1 
ATOM   1121 C CD  . GLU A 1 219 ? -7.247  -8.868  -1.118  1.00 15.99 ? 162  GLU A CD  1 
ATOM   1122 O OE1 . GLU A 1 219 ? -8.349  -9.440  -1.275  1.00 15.43 ? 162  GLU A OE1 1 
ATOM   1123 O OE2 . GLU A 1 219 ? -6.586  -8.404  -2.073  1.00 12.75 ? 162  GLU A OE2 1 
ATOM   1124 N N   . ILE A 1 220 ? -4.457  -11.159 2.966   1.00 15.51 ? 163  ILE A N   1 
ATOM   1125 C CA  . ILE A 1 220 ? -3.016  -11.419 2.993   1.00 15.04 ? 163  ILE A CA  1 
ATOM   1126 C C   . ILE A 1 220 ? -2.752  -12.443 1.900   1.00 15.55 ? 163  ILE A C   1 
ATOM   1127 O O   . ILE A 1 220 ? -2.999  -13.639 2.074   1.00 15.57 ? 163  ILE A O   1 
ATOM   1128 C CB  . ILE A 1 220 ? -2.563  -11.978 4.370   1.00 15.30 ? 163  ILE A CB  1 
ATOM   1129 C CG1 . ILE A 1 220 ? -2.660  -10.879 5.433   1.00 15.15 ? 163  ILE A CG1 1 
ATOM   1130 C CG2 . ILE A 1 220 ? -1.124  -12.474 4.283   1.00 15.46 ? 163  ILE A CG2 1 
ATOM   1131 C CD1 . ILE A 1 220 ? -2.765  -11.404 6.853   1.00 16.81 ? 163  ILE A CD1 1 
ATOM   1132 N N   . LEU A 1 221 ? -2.252  -11.961 0.769   1.00 14.58 ? 164  LEU A N   1 
ATOM   1133 C CA  . LEU A 1 221 ? -1.997  -12.814 -0.381  1.00 15.43 ? 164  LEU A CA  1 
ATOM   1134 C C   . LEU A 1 221 ? -0.604  -12.610 -0.961  1.00 14.56 ? 164  LEU A C   1 
ATOM   1135 O O   . LEU A 1 221 ? 0.049   -11.603 -0.698  1.00 14.61 ? 164  LEU A O   1 
ATOM   1136 C CB  . LEU A 1 221 ? -3.049  -12.521 -1.452  1.00 15.58 ? 164  LEU A CB  1 
ATOM   1137 C CG  . LEU A 1 221 ? -4.501  -12.676 -0.987  1.00 15.81 ? 164  LEU A CG  1 
ATOM   1138 C CD1 . LEU A 1 221 ? -5.438  -12.001 -1.972  1.00 14.66 ? 164  LEU A CD1 1 
ATOM   1139 C CD2 . LEU A 1 221 ? -4.831  -14.153 -0.843  1.00 16.81 ? 164  LEU A CD2 1 
ATOM   1140 N N   . PRO A 1 222 ? -0.128  -13.575 -1.764  1.00 15.61 ? 165  PRO A N   1 
ATOM   1141 C CA  . PRO A 1 222 ? 1.201   -13.460 -2.367  1.00 15.27 ? 165  PRO A CA  1 
ATOM   1142 C C   . PRO A 1 222 ? 1.261   -12.254 -3.298  1.00 14.31 ? 165  PRO A C   1 
ATOM   1143 O O   . PRO A 1 222 ? 0.292   -11.952 -3.992  1.00 13.74 ? 165  PRO A O   1 
ATOM   1144 C CB  . PRO A 1 222 ? 1.349   -14.772 -3.134  1.00 15.95 ? 165  PRO A CB  1 
ATOM   1145 C CG  . PRO A 1 222 ? 0.496   -15.725 -2.352  1.00 19.34 ? 165  PRO A CG  1 
ATOM   1146 C CD  . PRO A 1 222 ? -0.725  -14.889 -2.062  1.00 16.71 ? 165  PRO A CD  1 
ATOM   1147 N N   . ALA A 1 223 ? 2.398   -11.569 -3.303  1.00 14.04 ? 166  ALA A N   1 
ATOM   1148 C CA  . ALA A 1 223 ? 2.582   -10.407 -4.157  1.00 14.30 ? 166  ALA A CA  1 
ATOM   1149 C C   . ALA A 1 223 ? 2.593   -10.832 -5.621  1.00 15.33 ? 166  ALA A C   1 
ATOM   1150 O O   . ALA A 1 223 ? 3.106   -11.896 -5.964  1.00 16.22 ? 166  ALA A O   1 
ATOM   1151 C CB  . ALA A 1 223 ? 3.889   -9.707  -3.809  1.00 13.38 ? 166  ALA A CB  1 
ATOM   1152 N N   . LYS A 1 224 ? 2.017   -9.996  -6.479  1.00 14.04 ? 167  LYS A N   1 
ATOM   1153 C CA  . LYS A 1 224 ? 1.974   -10.275 -7.908  1.00 14.77 ? 167  LYS A CA  1 
ATOM   1154 C C   . LYS A 1 224 ? 2.515   -9.092  -8.698  1.00 14.46 ? 167  LYS A C   1 
ATOM   1155 O O   . LYS A 1 224 ? 2.908   -8.076  -8.123  1.00 13.92 ? 167  LYS A O   1 
ATOM   1156 C CB  . LYS A 1 224 ? 0.541   -10.589 -8.350  1.00 17.01 ? 167  LYS A CB  1 
ATOM   1157 C CG  . LYS A 1 224 ? -0.001  -11.878 -7.761  1.00 20.17 ? 167  LYS A CG  1 
ATOM   1158 C CD  . LYS A 1 224 ? -1.399  -12.194 -8.259  1.00 23.46 ? 167  LYS A CD  1 
ATOM   1159 C CE  . LYS A 1 224 ? -1.882  -13.518 -7.685  1.00 24.60 ? 167  LYS A CE  1 
ATOM   1160 N NZ  . LYS A 1 224 ? -3.265  -13.860 -8.117  1.00 28.18 ? 167  LYS A NZ  1 
ATOM   1161 N N   . LYS A 1 225 ? 2.540   -9.243  -10.018 1.00 13.24 ? 168  LYS A N   1 
ATOM   1162 C CA  . LYS A 1 225 ? 3.025   -8.208  -10.925 1.00 13.86 ? 168  LYS A CA  1 
ATOM   1163 C C   . LYS A 1 225 ? 2.568   -6.815  -10.489 1.00 12.43 ? 168  LYS A C   1 
ATOM   1164 O O   . LYS A 1 225 ? 1.376   -6.584  -10.272 1.00 11.06 ? 168  LYS A O   1 
ATOM   1165 C CB  . LYS A 1 225 ? 2.517   -8.497  -12.338 1.00 15.22 ? 168  LYS A CB  1 
ATOM   1166 C CG  . LYS A 1 225 ? 2.951   -7.501  -13.396 1.00 19.23 ? 168  LYS A CG  1 
ATOM   1167 C CD  . LYS A 1 225 ? 4.425   -7.637  -13.730 1.00 21.86 ? 168  LYS A CD  1 
ATOM   1168 C CE  . LYS A 1 225 ? 4.803   -6.729  -14.894 1.00 25.55 ? 168  LYS A CE  1 
ATOM   1169 N NZ  . LYS A 1 225 ? 6.194   -6.974  -15.364 1.00 26.88 ? 168  LYS A NZ  1 
ATOM   1170 N N   . PHE A 1 226 ? 3.519   -5.894  -10.367 1.00 12.18 ? 169  PHE A N   1 
ATOM   1171 C CA  . PHE A 1 226 ? 3.229   -4.525  -9.953  1.00 12.05 ? 169  PHE A CA  1 
ATOM   1172 C C   . PHE A 1 226 ? 3.345   -3.561  -11.129 1.00 11.83 ? 169  PHE A C   1 
ATOM   1173 O O   . PHE A 1 226 ? 4.393   -3.470  -11.765 1.00 12.63 ? 169  PHE A O   1 
ATOM   1174 C CB  . PHE A 1 226 ? 4.205   -4.092  -8.855  1.00 12.48 ? 169  PHE A CB  1 
ATOM   1175 C CG  . PHE A 1 226 ? 4.016   -2.671  -8.393  1.00 11.97 ? 169  PHE A CG  1 
ATOM   1176 C CD1 . PHE A 1 226 ? 2.993   -2.342  -7.508  1.00 12.90 ? 169  PHE A CD1 1 
ATOM   1177 C CD2 . PHE A 1 226 ? 4.864   -1.663  -8.842  1.00 12.40 ? 169  PHE A CD2 1 
ATOM   1178 C CE1 . PHE A 1 226 ? 2.819   -1.026  -7.076  1.00 12.27 ? 169  PHE A CE1 1 
ATOM   1179 C CE2 . PHE A 1 226 ? 4.699   -0.343  -8.417  1.00 11.07 ? 169  PHE A CE2 1 
ATOM   1180 C CZ  . PHE A 1 226 ? 3.675   -0.026  -7.532  1.00 12.52 ? 169  PHE A CZ  1 
ATOM   1181 N N   . TYR A 1 227 ? 2.264   -2.839  -11.408 1.00 10.90 ? 170  TYR A N   1 
ATOM   1182 C CA  . TYR A 1 227 ? 2.247   -1.867  -12.496 1.00 11.36 ? 170  TYR A CA  1 
ATOM   1183 C C   . TYR A 1 227 ? 2.348   -0.469  -11.900 1.00 10.43 ? 170  TYR A C   1 
ATOM   1184 O O   . TYR A 1 227 ? 1.381   0.042   -11.343 1.00 11.81 ? 170  TYR A O   1 
ATOM   1185 C CB  . TYR A 1 227 ? 0.952   -2.001  -13.297 1.00 11.12 ? 170  TYR A CB  1 
ATOM   1186 C CG  . TYR A 1 227 ? 0.817   -3.331  -14.000 1.00 13.50 ? 170  TYR A CG  1 
ATOM   1187 C CD1 . TYR A 1 227 ? 1.468   -3.571  -15.210 1.00 14.82 ? 170  TYR A CD1 1 
ATOM   1188 C CD2 . TYR A 1 227 ? 0.063   -4.362  -13.444 1.00 12.91 ? 170  TYR A CD2 1 
ATOM   1189 C CE1 . TYR A 1 227 ? 1.371   -4.806  -15.847 1.00 15.60 ? 170  TYR A CE1 1 
ATOM   1190 C CE2 . TYR A 1 227 ? -0.042  -5.601  -14.072 1.00 14.81 ? 170  TYR A CE2 1 
ATOM   1191 C CZ  . TYR A 1 227 ? 0.614   -5.816  -15.273 1.00 15.33 ? 170  TYR A CZ  1 
ATOM   1192 O OH  . TYR A 1 227 ? 0.505   -7.036  -15.899 1.00 16.49 ? 170  TYR A OH  1 
ATOM   1193 N N   . ARG A 1 228 ? 3.523   0.143   -12.014 1.00 10.75 ? 171  ARG A N   1 
ATOM   1194 C CA  . ARG A 1 228 ? 3.746   1.479   -11.469 1.00 11.16 ? 171  ARG A CA  1 
ATOM   1195 C C   . ARG A 1 228 ? 2.762   2.481   -12.077 1.00 11.47 ? 171  ARG A C   1 
ATOM   1196 O O   . ARG A 1 228 ? 2.550   2.505   -13.290 1.00 10.99 ? 171  ARG A O   1 
ATOM   1197 C CB  . ARG A 1 228 ? 5.190   1.917   -11.740 1.00 13.48 ? 171  ARG A CB  1 
ATOM   1198 C CG  . ARG A 1 228 ? 5.560   3.284   -11.183 1.00 15.60 ? 171  ARG A CG  1 
ATOM   1199 C CD  . ARG A 1 228 ? 6.971   3.683   -11.611 1.00 17.77 ? 171  ARG A CD  1 
ATOM   1200 N NE  . ARG A 1 228 ? 7.251   5.091   -11.340 1.00 18.64 ? 171  ARG A NE  1 
ATOM   1201 C CZ  . ARG A 1 228 ? 7.649   5.570   -10.168 1.00 18.78 ? 171  ARG A CZ  1 
ATOM   1202 N NH1 . ARG A 1 228 ? 7.828   4.753   -9.139  1.00 18.31 ? 171  ARG A NH1 1 
ATOM   1203 N NH2 . ARG A 1 228 ? 7.856   6.870   -10.021 1.00 19.95 ? 171  ARG A NH2 1 
ATOM   1204 N N   . ALA A 1 229 ? 2.153   3.303   -11.229 1.00 10.33 ? 172  ALA A N   1 
ATOM   1205 C CA  . ALA A 1 229 ? 1.189   4.286   -11.703 1.00 10.49 ? 172  ALA A CA  1 
ATOM   1206 C C   . ALA A 1 229 ? 1.863   5.462   -12.395 1.00 10.07 ? 172  ALA A C   1 
ATOM   1207 O O   . ALA A 1 229 ? 3.075   5.669   -12.286 1.00 9.52  ? 172  ALA A O   1 
ATOM   1208 C CB  . ALA A 1 229 ? 0.335   4.789   -10.540 1.00 9.87  ? 172  ALA A CB  1 
ATOM   1209 N N   . GLU A 1 230 ? 1.049   6.225   -13.115 1.00 11.14 ? 173  GLU A N   1 
ATOM   1210 C CA  . GLU A 1 230 ? 1.497   7.404   -13.837 1.00 11.58 ? 173  GLU A CA  1 
ATOM   1211 C C   . GLU A 1 230 ? 2.248   8.342   -12.888 1.00 11.37 ? 173  GLU A C   1 
ATOM   1212 O O   . GLU A 1 230 ? 1.923   8.424   -11.702 1.00 10.53 ? 173  GLU A O   1 
ATOM   1213 C CB  . GLU A 1 230 ? 0.275   8.098   -14.448 1.00 14.12 ? 173  GLU A CB  1 
ATOM   1214 C CG  . GLU A 1 230 ? -0.460  7.236   -15.495 1.00 15.22 ? 173  GLU A CG  1 
ATOM   1215 C CD  . GLU A 1 230 ? -1.626  6.403   -14.946 1.00 17.24 ? 173  GLU A CD  1 
ATOM   1216 O OE1 . GLU A 1 230 ? -1.585  5.962   -13.770 1.00 11.05 ? 173  GLU A OE1 1 
ATOM   1217 O OE2 . GLU A 1 230 ? -2.586  6.169   -15.718 1.00 17.51 ? 173  GLU A OE2 1 
ATOM   1218 N N   . GLU A 1 231 ? 3.247   9.053   -13.406 1.00 11.59 ? 174  GLU A N   1 
ATOM   1219 C CA  . GLU A 1 231 ? 4.035   9.951   -12.569 1.00 12.00 ? 174  GLU A CA  1 
ATOM   1220 C C   . GLU A 1 231 ? 3.225   10.987  -11.788 1.00 10.94 ? 174  GLU A C   1 
ATOM   1221 O O   . GLU A 1 231 ? 3.609   11.361  -10.677 1.00 10.67 ? 174  GLU A O   1 
ATOM   1222 C CB  . GLU A 1 231 ? 5.092   10.674  -13.405 1.00 14.78 ? 174  GLU A CB  1 
ATOM   1223 C CG  . GLU A 1 231 ? 6.121   11.375  -12.551 1.00 20.49 ? 174  GLU A CG  1 
ATOM   1224 C CD  . GLU A 1 231 ? 6.892   10.395  -11.673 1.00 23.56 ? 174  GLU A CD  1 
ATOM   1225 O OE1 . GLU A 1 231 ? 7.513   10.803  -10.680 1.00 26.92 ? 174  GLU A OE1 1 
ATOM   1226 O OE2 . GLU A 1 231 ? 6.900   9.193   -11.978 1.00 26.91 ? 174  GLU A OE2 1 
ATOM   1227 N N   . TYR A 1 232 ? 2.114   11.458  -12.351 1.00 9.69  ? 175  TYR A N   1 
ATOM   1228 C CA  . TYR A 1 232 ? 1.321   12.460  -11.646 1.00 9.57  ? 175  TYR A CA  1 
ATOM   1229 C C   . TYR A 1 232 ? 0.709   11.926  -10.350 1.00 8.98  ? 175  TYR A C   1 
ATOM   1230 O O   . TYR A 1 232 ? 0.260   12.702  -9.506  1.00 9.11  ? 175  TYR A O   1 
ATOM   1231 C CB  . TYR A 1 232 ? 0.225   13.054  -12.553 1.00 10.06 ? 175  TYR A CB  1 
ATOM   1232 C CG  . TYR A 1 232 ? -0.907  12.128  -12.941 1.00 9.06  ? 175  TYR A CG  1 
ATOM   1233 C CD1 . TYR A 1 232 ? -0.884  11.428  -14.148 1.00 10.31 ? 175  TYR A CD1 1 
ATOM   1234 C CD2 . TYR A 1 232 ? -2.023  11.982  -12.118 1.00 9.94  ? 175  TYR A CD2 1 
ATOM   1235 C CE1 . TYR A 1 232 ? -1.951  10.606  -14.526 1.00 10.96 ? 175  TYR A CE1 1 
ATOM   1236 C CE2 . TYR A 1 232 ? -3.092  11.165  -12.485 1.00 9.86  ? 175  TYR A CE2 1 
ATOM   1237 C CZ  . TYR A 1 232 ? -3.050  10.482  -13.687 1.00 11.73 ? 175  TYR A CZ  1 
ATOM   1238 O OH  . TYR A 1 232 ? -4.100  9.673   -14.045 1.00 13.95 ? 175  TYR A OH  1 
ATOM   1239 N N   . HIS A 1 233 ? 0.703   10.605  -10.188 1.00 8.49  ? 176  HIS A N   1 
ATOM   1240 C CA  . HIS A 1 233 ? 0.167   9.985   -8.976  1.00 8.65  ? 176  HIS A CA  1 
ATOM   1241 C C   . HIS A 1 233 ? 1.242   9.769   -7.913  1.00 8.83  ? 176  HIS A C   1 
ATOM   1242 O O   . HIS A 1 233 ? 0.923   9.576   -6.741  1.00 8.35  ? 176  HIS A O   1 
ATOM   1243 C CB  . HIS A 1 233 ? -0.459  8.623   -9.287  1.00 8.07  ? 176  HIS A CB  1 
ATOM   1244 C CG  . HIS A 1 233 ? -1.874  8.695   -9.760  1.00 8.82  ? 176  HIS A CG  1 
ATOM   1245 N ND1 . HIS A 1 233 ? -2.855  9.375   -9.071  1.00 8.22  ? 176  HIS A ND1 1 
ATOM   1246 C CD2 . HIS A 1 233 ? -2.484  8.142   -10.833 1.00 7.38  ? 176  HIS A CD2 1 
ATOM   1247 C CE1 . HIS A 1 233 ? -4.007  9.236   -9.698  1.00 8.15  ? 176  HIS A CE1 1 
ATOM   1248 N NE2 . HIS A 1 233 ? -3.811  8.491   -10.773 1.00 8.60  ? 176  HIS A NE2 1 
ATOM   1249 N N   . GLN A 1 234 ? 2.508   9.797   -8.322  1.00 8.87  ? 177  GLN A N   1 
ATOM   1250 C CA  . GLN A 1 234 ? 3.625   9.558   -7.406  1.00 6.92  ? 177  GLN A CA  1 
ATOM   1251 C C   . GLN A 1 234 ? 3.919   10.699  -6.431  1.00 7.83  ? 177  GLN A C   1 
ATOM   1252 O O   . GLN A 1 234 ? 4.051   11.851  -6.837  1.00 7.76  ? 177  GLN A O   1 
ATOM   1253 C CB  . GLN A 1 234 ? 4.889   9.233   -8.206  1.00 6.87  ? 177  GLN A CB  1 
ATOM   1254 C CG  . GLN A 1 234 ? 4.728   8.097   -9.211  1.00 7.41  ? 177  GLN A CG  1 
ATOM   1255 C CD  . GLN A 1 234 ? 4.368   6.771   -8.557  1.00 6.90  ? 177  GLN A CD  1 
ATOM   1256 O OE1 . GLN A 1 234 ? 4.613   6.566   -7.371  1.00 7.73  ? 177  GLN A OE1 1 
ATOM   1257 N NE2 . GLN A 1 234 ? 3.798   5.856   -9.339  1.00 7.26  ? 177  GLN A NE2 1 
ATOM   1258 N N   . GLN A 1 235 ? 4.039   10.354  -5.147  1.00 7.58  ? 178  GLN A N   1 
ATOM   1259 C CA  . GLN A 1 235 ? 4.310   11.321  -4.085  1.00 8.52  ? 178  GLN A CA  1 
ATOM   1260 C C   . GLN A 1 235 ? 3.412   12.547  -4.261  1.00 8.59  ? 178  GLN A C   1 
ATOM   1261 O O   . GLN A 1 235 ? 3.844   13.687  -4.086  1.00 9.22  ? 178  GLN A O   1 
ATOM   1262 C CB  . GLN A 1 235 ? 5.787   11.739  -4.107  1.00 9.70  ? 178  GLN A CB  1 
ATOM   1263 C CG  . GLN A 1 235 ? 6.781   10.584  -3.921  1.00 9.76  ? 178  GLN A CG  1 
ATOM   1264 C CD  . GLN A 1 235 ? 7.076   9.818   -5.208  1.00 12.05 ? 178  GLN A CD  1 
ATOM   1265 O OE1 . GLN A 1 235 ? 6.902   8.597   -5.278  1.00 12.07 ? 178  GLN A OE1 1 
ATOM   1266 N NE2 . GLN A 1 235 ? 7.539   10.533  -6.227  1.00 10.16 ? 178  GLN A NE2 1 
ATOM   1267 N N   . TYR A 1 236 ? 2.151   12.292  -4.589  1.00 6.89  ? 179  TYR A N   1 
ATOM   1268 C CA  . TYR A 1 236 ? 1.181   13.352  -4.836  1.00 7.75  ? 179  TYR A CA  1 
ATOM   1269 C C   . TYR A 1 236 ? 0.938   14.327  -3.686  1.00 6.93  ? 179  TYR A C   1 
ATOM   1270 O O   . TYR A 1 236 ? 0.921   15.539  -3.898  1.00 7.55  ? 179  TYR A O   1 
ATOM   1271 C CB  . TYR A 1 236 ? -0.155  12.741  -5.272  1.00 7.96  ? 179  TYR A CB  1 
ATOM   1272 C CG  . TYR A 1 236 ? -1.183  13.762  -5.705  1.00 7.97  ? 179  TYR A CG  1 
ATOM   1273 C CD1 . TYR A 1 236 ? -0.922  14.644  -6.753  1.00 8.72  ? 179  TYR A CD1 1 
ATOM   1274 C CD2 . TYR A 1 236 ? -2.417  13.850  -5.062  1.00 9.06  ? 179  TYR A CD2 1 
ATOM   1275 C CE1 . TYR A 1 236 ? -1.870  15.590  -7.151  1.00 9.29  ? 179  TYR A CE1 1 
ATOM   1276 C CE2 . TYR A 1 236 ? -3.370  14.790  -5.452  1.00 8.33  ? 179  TYR A CE2 1 
ATOM   1277 C CZ  . TYR A 1 236 ? -3.089  15.656  -6.496  1.00 9.01  ? 179  TYR A CZ  1 
ATOM   1278 O OH  . TYR A 1 236 ? -4.031  16.579  -6.890  1.00 7.34  ? 179  TYR A OH  1 
ATOM   1279 N N   . LEU A 1 237 ? 0.744   13.816  -2.475  1.00 7.08  ? 180  LEU A N   1 
ATOM   1280 C CA  . LEU A 1 237 ? 0.490   14.699  -1.344  1.00 6.84  ? 180  LEU A CA  1 
ATOM   1281 C C   . LEU A 1 237 ? 1.704   15.555  -0.991  1.00 8.26  ? 180  LEU A C   1 
ATOM   1282 O O   . LEU A 1 237 ? 1.562   16.724  -0.631  1.00 8.16  ? 180  LEU A O   1 
ATOM   1283 C CB  . LEU A 1 237 ? 0.029   13.889  -0.126  1.00 7.05  ? 180  LEU A CB  1 
ATOM   1284 C CG  . LEU A 1 237 ? -1.258  13.075  -0.335  1.00 6.28  ? 180  LEU A CG  1 
ATOM   1285 C CD1 . LEU A 1 237 ? -1.690  12.451  0.984   1.00 5.53  ? 180  LEU A CD1 1 
ATOM   1286 C CD2 . LEU A 1 237 ? -2.366  13.982  -0.878  1.00 7.23  ? 180  LEU A CD2 1 
ATOM   1287 N N   . ALA A 1 238 ? 2.897   14.980  -1.104  1.00 7.81  ? 181  ALA A N   1 
ATOM   1288 C CA  . ALA A 1 238 ? 4.119   15.717  -0.798  1.00 8.29  ? 181  ALA A CA  1 
ATOM   1289 C C   . ALA A 1 238 ? 4.336   16.829  -1.826  1.00 9.39  ? 181  ALA A C   1 
ATOM   1290 O O   . ALA A 1 238 ? 4.939   17.863  -1.524  1.00 9.98  ? 181  ALA A O   1 
ATOM   1291 C CB  . ALA A 1 238 ? 5.313   14.770  -0.785  1.00 8.95  ? 181  ALA A CB  1 
ATOM   1292 N N   . LYS A 1 239 ? 3.845   16.600  -3.041  1.00 7.61  ? 182  LYS A N   1 
ATOM   1293 C CA  . LYS A 1 239 ? 3.965   17.569  -4.129  1.00 7.12  ? 182  LYS A CA  1 
ATOM   1294 C C   . LYS A 1 239 ? 2.973   18.719  -3.983  1.00 8.96  ? 182  LYS A C   1 
ATOM   1295 O O   . LYS A 1 239 ? 3.086   19.730  -4.682  1.00 9.13  ? 182  LYS A O   1 
ATOM   1296 C CB  . LYS A 1 239 ? 3.716   16.901  -5.481  1.00 8.67  ? 182  LYS A CB  1 
ATOM   1297 C CG  . LYS A 1 239 ? 4.809   15.978  -5.990  1.00 10.28 ? 182  LYS A CG  1 
ATOM   1298 C CD  . LYS A 1 239 ? 4.305   15.254  -7.238  1.00 10.16 ? 182  LYS A CD  1 
ATOM   1299 C CE  . LYS A 1 239 ? 5.355   14.337  -7.844  1.00 11.12 ? 182  LYS A CE  1 
ATOM   1300 N NZ  . LYS A 1 239 ? 4.802   13.529  -8.971  1.00 12.38 ? 182  LYS A NZ  1 
ATOM   1301 N N   . GLY A 1 240 ? 1.983   18.560  -3.106  1.00 8.31  ? 183  GLY A N   1 
ATOM   1302 C CA  . GLY A 1 240 ? 1.002   19.621  -2.936  1.00 8.11  ? 183  GLY A CA  1 
ATOM   1303 C C   . GLY A 1 240 ? -0.455  19.173  -2.860  1.00 8.90  ? 183  GLY A C   1 
ATOM   1304 O O   . GLY A 1 240 ? -1.315  19.959  -2.470  1.00 7.96  ? 183  GLY A O   1 
ATOM   1305 N N   . GLY A 1 241 ? -0.746  17.940  -3.251  1.00 8.39  ? 184  GLY A N   1 
ATOM   1306 C CA  . GLY A 1 241 ? -2.115  17.500  -3.198  1.00 9.22  ? 184  GLY A CA  1 
ATOM   1307 C C   . GLY A 1 241 ? -3.073  18.239  -4.091  1.00 9.09  ? 184  GLY A C   1 
ATOM   1308 O O   . GLY A 1 241 ? -2.641  18.955  -4.993  1.00 9.61  ? 184  GLY A O   1 
ATOM   1309 N N   . ARG A 1 242 ? -4.375  18.066  -3.848  1.00 8.77  ? 185  ARG A N   1 
ATOM   1310 C CA  . ARG A 1 242 ? -5.443  18.707  -4.623  1.00 9.43  ? 185  ARG A CA  1 
ATOM   1311 C C   . ARG A 1 242 ? -5.561  20.214  -4.437  1.00 9.29  ? 185  ARG A C   1 
ATOM   1312 O O   . ARG A 1 242 ? -5.953  20.919  -5.363  1.00 10.78 ? 185  ARG A O   1 
ATOM   1313 C CB  . ARG A 1 242 ? -6.803  18.054  -4.299  1.00 9.79  ? 185  ARG A CB  1 
ATOM   1314 C CG  . ARG A 1 242 ? -7.227  16.882  -5.204  1.00 17.07 ? 185  ARG A CG  1 
ATOM   1315 C CD  . ARG A 1 242 ? -8.631  16.287  -4.838  1.00 16.07 ? 185  ARG A CD  1 
ATOM   1316 N NE  . ARG A 1 242 ? -8.861  14.898  -5.315  1.00 20.04 ? 185  ARG A NE  1 
ATOM   1317 C CZ  . ARG A 1 242 ? -9.884  14.112  -4.982  1.00 21.84 ? 185  ARG A CZ  1 
ATOM   1318 N NH1 . ARG A 1 242 ? -9.933  12.873  -5.426  1.00 23.40 ? 185  ARG A NH1 1 
ATOM   1319 N NH2 . ARG A 1 242 ? -10.809 14.559  -4.150  1.00 22.90 ? 185  ARG A NH2 1 
ATOM   1320 N N   . PHE A 1 243 ? -5.228  20.688  -3.241  1.00 10.34 ? 186  PHE A N   1 
ATOM   1321 C CA  . PHE A 1 243 ? -5.327  22.098  -2.912  1.00 10.76 ? 186  PHE A CA  1 
ATOM   1322 C C   . PHE A 1 243 ? -4.032  22.946  -2.884  1.00 11.51 ? 186  PHE A C   1 
ATOM   1323 O O   . PHE A 1 243 ? -4.108  24.123  -2.598  1.00 12.99 ? 186  PHE A O   1 
ATOM   1324 C CB  . PHE A 1 243 ? -6.103  22.203  -1.592  1.00 10.63 ? 186  PHE A CB  1 
ATOM   1325 C CG  . PHE A 1 243 ? -7.090  21.120  -1.377  1.00 11.95 ? 186  PHE A CG  1 
ATOM   1326 C CD1 . PHE A 1 243 ? -8.124  20.921  -2.278  1.00 12.06 ? 186  PHE A CD1 1 
ATOM   1327 C CD2 . PHE A 1 243 ? -6.986  20.262  -0.284  1.00 11.23 ? 186  PHE A CD2 1 
ATOM   1328 C CE1 . PHE A 1 243 ? -9.034  19.885  -2.123  1.00 12.98 ? 186  PHE A CE1 1 
ATOM   1329 C CE2 . PHE A 1 243 ? -7.890  19.214  -0.108  1.00 13.48 ? 186  PHE A CE2 1 
ATOM   1330 C CZ  . PHE A 1 243 ? -8.918  19.025  -1.031  1.00 12.03 ? 186  PHE A CZ  1 
ATOM   1331 N N   . GLY A 1 244 ? -2.891  22.281  -3.101  1.00 10.36 ? 187  GLY A N   1 
ATOM   1332 C CA  . GLY A 1 244 ? -1.690  23.099  -3.050  1.00 10.69 ? 187  GLY A CA  1 
ATOM   1333 C C   . GLY A 1 244 ? -0.944  23.074  -1.728  1.00 11.12 ? 187  GLY A C   1 
ATOM   1334 O O   . GLY A 1 244 ? 0.216   23.486  -1.659  1.00 10.37 ? 187  GLY A O   1 
ATOM   1335 N N   . PHE A 1 245 ? -1.606  22.599  -0.679  1.00 11.04 ? 188  PHE A N   1 
ATOM   1336 C CA  . PHE A 1 245 ? -0.958  22.512  0.624   1.00 10.27 ? 188  PHE A CA  1 
ATOM   1337 C C   . PHE A 1 245 ? -0.151  21.221  0.723   1.00 11.19 ? 188  PHE A C   1 
ATOM   1338 O O   . PHE A 1 245 ? -0.698  20.147  0.971   1.00 11.13 ? 188  PHE A O   1 
ATOM   1339 C CB  . PHE A 1 245 ? -1.986  22.575  1.762   1.00 10.93 ? 188  PHE A CB  1 
ATOM   1340 C CG  . PHE A 1 245 ? -2.645  23.916  1.904   1.00 10.90 ? 188  PHE A CG  1 
ATOM   1341 C CD1 . PHE A 1 245 ? -3.738  24.257  1.115   1.00 11.27 ? 188  PHE A CD1 1 
ATOM   1342 C CD2 . PHE A 1 245 ? -2.134  24.861  2.788   1.00 10.56 ? 188  PHE A CD2 1 
ATOM   1343 C CE1 . PHE A 1 245 ? -4.314  25.523  1.202   1.00 12.47 ? 188  PHE A CE1 1 
ATOM   1344 C CE2 . PHE A 1 245 ? -2.698  26.132  2.884   1.00 13.14 ? 188  PHE A CE2 1 
ATOM   1345 C CZ  . PHE A 1 245 ? -3.791  26.465  2.088   1.00 12.62 ? 188  PHE A CZ  1 
ATOM   1346 N N   . MET A 1 246 ? 1.154   21.344  0.508   1.00 10.80 ? 189  MET A N   1 
ATOM   1347 C CA  . MET A 1 246 ? 2.070   20.208  0.574   1.00 10.77 ? 189  MET A CA  1 
ATOM   1348 C C   . MET A 1 246 ? 2.090   19.604  1.970   1.00 11.56 ? 189  MET A C   1 
ATOM   1349 O O   . MET A 1 246 ? 2.047   20.324  2.963   1.00 12.07 ? 189  MET A O   1 
ATOM   1350 C CB  . MET A 1 246 ? 3.497   20.652  0.238   1.00 10.97 ? 189  MET A CB  1 
ATOM   1351 C CG  . MET A 1 246 ? 3.716   21.145  -1.176  1.00 13.88 ? 189  MET A CG  1 
ATOM   1352 S SD  . MET A 1 246 ? 5.339   21.932  -1.341  1.00 18.59 ? 189  MET A SD  1 
ATOM   1353 C CE  . MET A 1 246 ? 4.866   23.606  -1.595  1.00 20.84 ? 189  MET A CE  1 
ATOM   1354 N N   . GLN A 1 247 ? 2.149   18.280  2.045   1.00 10.87 ? 190  GLN A N   1 
ATOM   1355 C CA  . GLN A 1 247 ? 2.235   17.615  3.337   1.00 9.03  ? 190  GLN A CA  1 
ATOM   1356 C C   . GLN A 1 247 ? 3.642   17.037  3.382   1.00 10.29 ? 190  GLN A C   1 
ATOM   1357 O O   . GLN A 1 247 ? 4.108   16.441  2.414   1.00 10.96 ? 190  GLN A O   1 
ATOM   1358 C CB  . GLN A 1 247 ? 1.161   16.531  3.463   1.00 9.23  ? 190  GLN A CB  1 
ATOM   1359 C CG  . GLN A 1 247 ? -0.243  17.116  3.518   1.00 9.03  ? 190  GLN A CG  1 
ATOM   1360 C CD  . GLN A 1 247 ? -1.321  16.063  3.647   1.00 8.97  ? 190  GLN A CD  1 
ATOM   1361 O OE1 . GLN A 1 247 ? -1.459  15.421  4.690   1.00 11.20 ? 190  GLN A OE1 1 
ATOM   1362 N NE2 . GLN A 1 247 ? -2.089  15.874  2.581   1.00 8.54  ? 190  GLN A NE2 1 
ATOM   1363 N N   . SER A 1 248 ? 4.330   17.240  4.500   1.00 11.66 ? 191  SER A N   1 
ATOM   1364 C CA  . SER A 1 248 ? 5.708   16.783  4.639   1.00 12.06 ? 191  SER A CA  1 
ATOM   1365 C C   . SER A 1 248 ? 5.899   15.273  4.644   1.00 12.27 ? 191  SER A C   1 
ATOM   1366 O O   . SER A 1 248 ? 5.125   14.537  5.257   1.00 11.79 ? 191  SER A O   1 
ATOM   1367 C CB  . SER A 1 248 ? 6.319   17.372  5.912   1.00 13.43 ? 191  SER A CB  1 
ATOM   1368 O OG  . SER A 1 248 ? 7.696   17.051  6.012   1.00 15.78 ? 191  SER A OG  1 
ATOM   1369 N N   . ALA A 1 249 ? 6.947   14.826  3.960   1.00 13.25 ? 192  ALA A N   1 
ATOM   1370 C CA  . ALA A 1 249 ? 7.281   13.408  3.884   1.00 12.72 ? 192  ALA A CA  1 
ATOM   1371 C C   . ALA A 1 249 ? 8.551   13.141  4.687   1.00 14.15 ? 192  ALA A C   1 
ATOM   1372 O O   . ALA A 1 249 ? 9.129   12.057  4.604   1.00 13.14 ? 192  ALA A O   1 
ATOM   1373 C CB  . ALA A 1 249 ? 7.490   12.995  2.433   1.00 14.39 ? 192  ALA A CB  1 
ATOM   1374 N N   . GLU A 1 250 ? 8.983   14.131  5.465   1.00 14.96 ? 193  GLU A N   1 
ATOM   1375 C CA  . GLU A 1 250 ? 10.193  13.980  6.269   1.00 16.74 ? 193  GLU A CA  1 
ATOM   1376 C C   . GLU A 1 250 ? 10.065  12.825  7.248   1.00 15.49 ? 193  GLU A C   1 
ATOM   1377 O O   . GLU A 1 250 ? 9.002   12.607  7.829   1.00 15.17 ? 193  GLU A O   1 
ATOM   1378 C CB  . GLU A 1 250 ? 10.506  15.270  7.031   1.00 19.44 ? 193  GLU A CB  1 
ATOM   1379 C CG  . GLU A 1 250 ? 10.857  16.448  6.138   1.00 23.93 ? 193  GLU A CG  1 
ATOM   1380 C CD  . GLU A 1 250 ? 11.514  17.585  6.898   1.00 27.13 ? 193  GLU A CD  1 
ATOM   1381 O OE1 . GLU A 1 250 ? 11.389  17.624  8.139   1.00 28.71 ? 193  GLU A OE1 1 
ATOM   1382 O OE2 . GLU A 1 250 ? 12.148  18.446  6.250   1.00 28.31 ? 193  GLU A OE2 1 
ATOM   1383 N N   . LYS A 1 251 ? 11.154  12.088  7.429   1.00 16.05 ? 194  LYS A N   1 
ATOM   1384 C CA  . LYS A 1 251 ? 11.153  10.944  8.332   1.00 15.80 ? 194  LYS A CA  1 
ATOM   1385 C C   . LYS A 1 251 ? 10.727  11.315  9.749   1.00 16.99 ? 194  LYS A C   1 
ATOM   1386 O O   . LYS A 1 251 ? 11.180  12.318  10.306  1.00 17.34 ? 194  LYS A O   1 
ATOM   1387 C CB  . LYS A 1 251 ? 12.541  10.298  8.357   1.00 15.51 ? 194  LYS A CB  1 
ATOM   1388 C CG  . LYS A 1 251 ? 13.003  9.758   7.010   1.00 15.47 ? 194  LYS A CG  1 
ATOM   1389 C CD  . LYS A 1 251 ? 12.061  8.678   6.505   1.00 14.52 ? 194  LYS A CD  1 
ATOM   1390 C CE  . LYS A 1 251 ? 12.584  8.037   5.230   1.00 14.22 ? 194  LYS A CE  1 
ATOM   1391 N NZ  . LYS A 1 251 ? 11.673  6.953   4.770   1.00 12.86 ? 194  LYS A NZ  1 
ATOM   1392 N N   . GLY A 1 252 ? 9.843   10.502  10.321  1.00 17.52 ? 195  GLY A N   1 
ATOM   1393 C CA  . GLY A 1 252 ? 9.375   10.741  11.677  1.00 18.42 ? 195  GLY A CA  1 
ATOM   1394 C C   . GLY A 1 252 ? 8.260   11.762  11.821  1.00 19.12 ? 195  GLY A C   1 
ATOM   1395 O O   . GLY A 1 252 ? 7.815   12.037  12.934  1.00 18.58 ? 195  GLY A O   1 
ATOM   1396 N N   . CYS A 1 253 ? 7.800   12.324  10.709  1.00 19.21 ? 196  CYS A N   1 
ATOM   1397 C CA  . CYS A 1 253 ? 6.727   13.315  10.756  1.00 20.81 ? 196  CYS A CA  1 
ATOM   1398 C C   . CYS A 1 253 ? 5.424   12.690  11.231  1.00 21.12 ? 196  CYS A C   1 
ATOM   1399 O O   . CYS A 1 253 ? 4.986   11.678  10.693  1.00 20.75 ? 196  CYS A O   1 
ATOM   1400 C CB  . CYS A 1 253 ? 6.517   13.922  9.366   1.00 21.31 ? 196  CYS A CB  1 
ATOM   1401 S SG  . CYS A 1 253 ? 5.335   15.285  9.275   1.00 21.87 ? 196  CYS A SG  1 
ATOM   1402 N N   . ASN A 1 254 ? 4.802   13.300  12.235  1.00 22.68 ? 197  ASN A N   1 
ATOM   1403 C CA  . ASN A 1 254 ? 3.545   12.788  12.760  1.00 23.57 ? 197  ASN A CA  1 
ATOM   1404 C C   . ASN A 1 254 ? 2.374   13.738  12.540  1.00 23.13 ? 197  ASN A C   1 
ATOM   1405 O O   . ASN A 1 254 ? 1.352   13.641  13.220  1.00 23.16 ? 197  ASN A O   1 
ATOM   1406 C CB  . ASN A 1 254 ? 3.686   12.462  14.248  1.00 27.28 ? 197  ASN A CB  1 
ATOM   1407 C CG  . ASN A 1 254 ? 4.529   11.227  14.493  1.00 29.38 ? 197  ASN A CG  1 
ATOM   1408 O OD1 . ASN A 1 254 ? 4.191   10.133  14.036  1.00 33.33 ? 197  ASN A OD1 1 
ATOM   1409 N ND2 . ASN A 1 254 ? 5.630   11.392  15.218  1.00 32.83 ? 197  ASN A ND2 1 
ATOM   1410 N N   . ASP A 1 255 ? 2.522   14.659  11.594  1.00 21.22 ? 198  ASP A N   1 
ATOM   1411 C CA  . ASP A 1 255 ? 1.443   15.594  11.293  1.00 20.19 ? 198  ASP A CA  1 
ATOM   1412 C C   . ASP A 1 255 ? 0.331   14.757  10.665  1.00 18.13 ? 198  ASP A C   1 
ATOM   1413 O O   . ASP A 1 255 ? 0.584   13.962  9.760   1.00 17.84 ? 198  ASP A O   1 
ATOM   1414 C CB  . ASP A 1 255 ? 1.931   16.666  10.313  1.00 22.54 ? 198  ASP A CB  1 
ATOM   1415 C CG  . ASP A 1 255 ? 0.884   17.731  10.042  1.00 26.07 ? 198  ASP A CG  1 
ATOM   1416 O OD1 . ASP A 1 255 ? 0.353   18.307  11.014  1.00 27.92 ? 198  ASP A OD1 1 
ATOM   1417 O OD2 . ASP A 1 255 ? 0.597   17.997  8.856   1.00 29.63 ? 198  ASP A OD2 1 
ATOM   1418 N N   . PRO A 1 256 ? -0.915  14.914  11.141  1.00 16.60 ? 199  PRO A N   1 
ATOM   1419 C CA  . PRO A 1 256 ? -2.049  14.150  10.606  1.00 14.85 ? 199  PRO A CA  1 
ATOM   1420 C C   . PRO A 1 256 ? -2.096  14.173  9.083   1.00 14.17 ? 199  PRO A C   1 
ATOM   1421 O O   . PRO A 1 256 ? -2.054  15.239  8.473   1.00 14.49 ? 199  PRO A O   1 
ATOM   1422 C CB  . PRO A 1 256 ? -3.257  14.847  11.228  1.00 16.48 ? 199  PRO A CB  1 
ATOM   1423 C CG  . PRO A 1 256 ? -2.722  15.318  12.542  1.00 16.74 ? 199  PRO A CG  1 
ATOM   1424 C CD  . PRO A 1 256 ? -1.369  15.873  12.163  1.00 17.53 ? 199  PRO A CD  1 
ATOM   1425 N N   . ILE A 1 257 ? -2.175  12.996  8.472   1.00 13.00 ? 200  ILE A N   1 
ATOM   1426 C CA  . ILE A 1 257 ? -2.238  12.915  7.020   1.00 11.15 ? 200  ILE A CA  1 
ATOM   1427 C C   . ILE A 1 257 ? -3.660  13.186  6.554   1.00 12.15 ? 200  ILE A C   1 
ATOM   1428 O O   . ILE A 1 257 ? -4.618  12.614  7.078   1.00 11.50 ? 200  ILE A O   1 
ATOM   1429 C CB  . ILE A 1 257 ? -1.782  11.525  6.510   1.00 11.59 ? 200  ILE A CB  1 
ATOM   1430 C CG1 . ILE A 1 257 ? -0.289  11.346  6.790   1.00 10.39 ? 200  ILE A CG1 1 
ATOM   1431 C CG2 . ILE A 1 257 ? -2.042  11.396  5.005   1.00 11.26 ? 200  ILE A CG2 1 
ATOM   1432 C CD1 . ILE A 1 257 ? 0.256   9.982   6.409   1.00 11.32 ? 200  ILE A CD1 1 
ATOM   1433 N N   . ARG A 1 258 ? -3.787  14.084  5.581   1.00 10.42 ? 201  ARG A N   1 
ATOM   1434 C CA  . ARG A 1 258 ? -5.081  14.438  5.023   1.00 10.25 ? 201  ARG A CA  1 
ATOM   1435 C C   . ARG A 1 258 ? -5.213  13.712  3.692   1.00 9.71  ? 201  ARG A C   1 
ATOM   1436 O O   . ARG A 1 258 ? -4.326  13.776  2.844   1.00 10.75 ? 201  ARG A O   1 
ATOM   1437 C CB  . ARG A 1 258 ? -5.178  15.951  4.827   1.00 9.36  ? 201  ARG A CB  1 
ATOM   1438 C CG  . ARG A 1 258 ? -4.980  16.744  6.113   1.00 10.39 ? 201  ARG A CG  1 
ATOM   1439 C CD  . ARG A 1 258 ? -5.252  18.219  5.883   1.00 11.62 ? 201  ARG A CD  1 
ATOM   1440 N NE  . ARG A 1 258 ? -4.400  18.793  4.842   1.00 10.58 ? 201  ARG A NE  1 
ATOM   1441 C CZ  . ARG A 1 258 ? -3.149  19.203  5.029   1.00 11.42 ? 201  ARG A CZ  1 
ATOM   1442 N NH1 . ARG A 1 258 ? -2.586  19.108  6.227   1.00 12.35 ? 201  ARG A NH1 1 
ATOM   1443 N NH2 . ARG A 1 258 ? -2.465  19.721  4.018   1.00 10.90 ? 201  ARG A NH2 1 
ATOM   1444 N N   . CYS A 1 259 ? -6.331  13.019  3.522   1.00 10.73 ? 202  CYS A N   1 
ATOM   1445 C CA  . CYS A 1 259 ? -6.592  12.224  2.332   1.00 10.60 ? 202  CYS A CA  1 
ATOM   1446 C C   . CYS A 1 259 ? -6.182  12.724  0.957   1.00 10.23 ? 202  CYS A C   1 
ATOM   1447 O O   . CYS A 1 259 ? -5.412  12.071  0.256   1.00 10.77 ? 202  CYS A O   1 
ATOM   1448 C CB  . CYS A 1 259 ? -8.068  11.899  2.256   1.00 13.10 ? 202  CYS A CB  1 
ATOM   1449 S SG  . CYS A 1 259 ? -8.716  10.861  3.597   1.00 16.71 ? 202  CYS A SG  1 
ATOM   1450 N N   . TYR A 1 260 ? -6.715  13.872  0.565   1.00 8.84  ? 203  TYR A N   1 
ATOM   1451 C CA  . TYR A 1 260 ? -6.462  14.382  -0.774  1.00 9.14  ? 203  TYR A CA  1 
ATOM   1452 C C   . TYR A 1 260 ? -5.645  15.660  -0.882  1.00 8.55  ? 203  TYR A C   1 
ATOM   1453 O O   . TYR A 1 260 ? -5.287  16.075  -1.982  1.00 9.13  ? 203  TYR A O   1 
ATOM   1454 C CB  . TYR A 1 260 ? -7.810  14.551  -1.481  1.00 9.71  ? 203  TYR A CB  1 
ATOM   1455 C CG  . TYR A 1 260 ? -8.720  13.345  -1.301  1.00 10.89 ? 203  TYR A CG  1 
ATOM   1456 C CD1 . TYR A 1 260 ? -8.303  12.069  -1.686  1.00 10.01 ? 203  TYR A CD1 1 
ATOM   1457 C CD2 . TYR A 1 260 ? -9.978  13.475  -0.713  1.00 10.32 ? 203  TYR A CD2 1 
ATOM   1458 C CE1 . TYR A 1 260 ? -9.117  10.947  -1.483  1.00 10.06 ? 203  TYR A CE1 1 
ATOM   1459 C CE2 . TYR A 1 260 ? -10.799 12.362  -0.507  1.00 10.83 ? 203  TYR A CE2 1 
ATOM   1460 C CZ  . TYR A 1 260 ? -10.361 11.102  -0.893  1.00 11.28 ? 203  TYR A CZ  1 
ATOM   1461 O OH  . TYR A 1 260 ? -11.157 9.997   -0.678  1.00 12.12 ? 203  TYR A OH  1 
ATOM   1462 N N   . GLY A 1 261 ? -5.348  16.280  0.255   1.00 8.60  ? 204  GLY A N   1 
ATOM   1463 C CA  . GLY A 1 261 ? -4.572  17.504  0.235   1.00 10.65 ? 204  GLY A CA  1 
ATOM   1464 C C   . GLY A 1 261 ? -4.743  18.307  1.506   1.00 11.17 ? 204  GLY A C   1 
ATOM   1465 O O   . GLY A 1 261 ? -5.470  17.838  2.409   1.00 10.52 ? 204  GLY A O   1 
ATOM   1466 O OXT . GLY A 1 261 ? -4.145  19.401  1.605   1.00 11.13 ? 204  GLY A OXT 1 
HETATM 1467 C C1  . BME B 2 .   ? -10.275 7.923   2.845   1.00 27.52 ? 205  BME A C1  1 
HETATM 1468 C C2  . BME B 2 .   ? -9.093  8.488   2.110   1.00 24.14 ? 205  BME A C2  1 
HETATM 1469 O O1  . BME B 2 .   ? -10.533 8.293   3.969   1.00 31.27 ? 205  BME A O1  1 
HETATM 1470 S S2  . BME B 2 .   ? -7.767  9.133   3.132   1.00 19.43 ? 205  BME A S2  1 
HETATM 1471 C C1  . BME C 2 .   ? 7.595   18.197  9.988   1.00 36.36 ? 206  BME A C1  1 
HETATM 1472 C C2  . BME C 2 .   ? 6.145   17.797  10.238  1.00 33.66 ? 206  BME A C2  1 
HETATM 1473 O O1  . BME C 2 .   ? 8.526   17.383  10.119  1.00 39.73 ? 206  BME A O1  1 
HETATM 1474 S S2  . BME C 2 .   ? 5.976   16.229  11.013  1.00 32.31 ? 206  BME A S2  1 
HETATM 1475 C C1  . BME D 2 .   ? -9.577  8.999   -4.676  1.00 25.20 ? 207  BME A C1  1 
HETATM 1476 C C2  . BME D 2 .   ? -8.099  9.287   -4.978  1.00 23.01 ? 207  BME A C2  1 
HETATM 1477 O O1  . BME D 2 .   ? -10.421 9.908   -4.627  1.00 27.50 ? 207  BME A O1  1 
HETATM 1478 S S2  . BME D 2 .   ? -6.985  7.945   -4.523  1.00 21.77 ? 207  BME A S2  1 
HETATM 1479 O O   . HOH E 3 .   ? -1.139  -7.686  -10.956 1.00 11.84 ? 2001 HOH A O   1 
HETATM 1480 O O   . HOH E 3 .   ? 6.358   -6.348  -11.056 1.00 17.98 ? 2002 HOH A O   1 
HETATM 1481 O O   . HOH E 3 .   ? 7.717   -8.292  -12.806 1.00 33.87 ? 2003 HOH A O   1 
HETATM 1482 O O   . HOH E 3 .   ? 7.134   -3.508  -12.400 1.00 29.47 ? 2004 HOH A O   1 
HETATM 1483 O O   . HOH E 3 .   ? 18.567  2.096   -1.420  1.00 37.87 ? 2005 HOH A O   1 
HETATM 1484 O O   . HOH E 3 .   ? 20.960  -0.322  -1.293  1.00 28.31 ? 2006 HOH A O   1 
HETATM 1485 O O   . HOH E 3 .   ? 20.012  -4.434  4.440   1.00 26.74 ? 2007 HOH A O   1 
HETATM 1486 O O   . HOH E 3 .   ? 20.254  -7.624  -1.712  1.00 18.39 ? 2008 HOH A O   1 
HETATM 1487 O O   . HOH E 3 .   ? 17.983  -6.874  -2.601  1.00 37.16 ? 2009 HOH A O   1 
HETATM 1488 O O   . HOH E 3 .   ? 13.916  -9.303  4.244   1.00 37.86 ? 2010 HOH A O   1 
HETATM 1489 O O   . HOH E 3 .   ? 10.725  -8.925  0.428   1.00 23.95 ? 2011 HOH A O   1 
HETATM 1490 O O   . HOH E 3 .   ? 12.489  -8.334  -2.127  1.00 18.01 ? 2012 HOH A O   1 
HETATM 1491 O O   . HOH E 3 .   ? 0.641   -7.703  -5.620  1.00 10.70 ? 2013 HOH A O   1 
HETATM 1492 O O   . HOH E 3 .   ? -5.840  5.121   3.864   1.00 14.86 ? 2014 HOH A O   1 
HETATM 1493 O O   . HOH E 3 .   ? -6.229  -0.030  -1.499  1.00 9.06  ? 2015 HOH A O   1 
HETATM 1494 O O   . HOH E 3 .   ? -3.473  1.786   -1.099  1.00 9.13  ? 2016 HOH A O   1 
HETATM 1495 O O   . HOH E 3 .   ? -5.348  6.972   1.857   1.00 18.00 ? 2017 HOH A O   1 
HETATM 1496 O O   . HOH E 3 .   ? 8.207   0.031   -12.541 1.00 35.17 ? 2018 HOH A O   1 
HETATM 1497 O O   . HOH E 3 .   ? 1.073   10.886  -1.814  1.00 8.09  ? 2019 HOH A O   1 
HETATM 1498 O O   . HOH E 3 .   ? -5.224  9.296   0.314   1.00 9.52  ? 2020 HOH A O   1 
HETATM 1499 O O   . HOH E 3 .   ? 1.120   9.178   -4.061  1.00 9.30  ? 2021 HOH A O   1 
HETATM 1500 O O   . HOH E 3 .   ? 4.069   7.462   9.082   1.00 22.02 ? 2022 HOH A O   1 
HETATM 1501 O O   . HOH E 3 .   ? 8.366   13.302  -1.924  1.00 13.68 ? 2023 HOH A O   1 
HETATM 1502 O O   . HOH E 3 .   ? 3.271   12.125  -1.037  1.00 9.22  ? 2024 HOH A O   1 
HETATM 1503 O O   . HOH E 3 .   ? 2.580   9.764   9.477   1.00 20.79 ? 2025 HOH A O   1 
HETATM 1504 O O   . HOH E 3 .   ? 0.352   15.723  6.841   1.00 11.38 ? 2026 HOH A O   1 
HETATM 1505 O O   . HOH E 3 .   ? 11.553  2.506   11.528  1.00 20.67 ? 2027 HOH A O   1 
HETATM 1506 O O   . HOH E 3 .   ? 15.630  6.982   7.557   1.00 21.34 ? 2028 HOH A O   1 
HETATM 1507 O O   . HOH E 3 .   ? 15.751  5.516   5.109   1.00 29.23 ? 2029 HOH A O   1 
HETATM 1508 O O   . HOH E 3 .   ? 16.743  5.896   -0.800  1.00 34.62 ? 2030 HOH A O   1 
HETATM 1509 O O   . HOH E 3 .   ? 12.381  -3.152  15.379  1.00 31.65 ? 2031 HOH A O   1 
HETATM 1510 O O   . HOH E 3 .   ? -3.228  1.412   15.349  1.00 36.05 ? 2032 HOH A O   1 
HETATM 1511 O O   . HOH E 3 .   ? 8.887   6.415   -6.824  1.00 13.57 ? 2033 HOH A O   1 
HETATM 1512 O O   . HOH E 3 .   ? 11.020  7.237   -3.250  1.00 22.37 ? 2034 HOH A O   1 
HETATM 1513 O O   . HOH E 3 .   ? 9.546   8.027   -1.216  1.00 25.68 ? 2035 HOH A O   1 
HETATM 1514 O O   . HOH E 3 .   ? 9.595   0.759   -10.312 1.00 23.84 ? 2036 HOH A O   1 
HETATM 1515 O O   . HOH E 3 .   ? 9.410   0.673   -4.250  1.00 16.16 ? 2037 HOH A O   1 
HETATM 1516 O O   . HOH E 3 .   ? 11.164  -0.227  -7.170  1.00 17.78 ? 2038 HOH A O   1 
HETATM 1517 O O   . HOH E 3 .   ? -8.579  11.608  7.509   1.00 43.61 ? 2039 HOH A O   1 
HETATM 1518 O O   . HOH E 3 .   ? -8.728  1.018   13.152  1.00 26.48 ? 2040 HOH A O   1 
HETATM 1519 O O   . HOH E 3 .   ? -13.142 -1.042  14.694  1.00 34.04 ? 2041 HOH A O   1 
HETATM 1520 O O   . HOH E 3 .   ? -2.618  -12.968 -4.746  1.00 28.23 ? 2042 HOH A O   1 
HETATM 1521 O O   . HOH E 3 .   ? -17.884 -2.439  -8.311  1.00 56.69 ? 2043 HOH A O   1 
HETATM 1522 O O   . HOH E 3 .   ? -4.688  -8.210  -20.159 1.00 24.18 ? 2044 HOH A O   1 
HETATM 1523 O O   . HOH E 3 .   ? 6.136   -16.170 -0.464  1.00 18.90 ? 2045 HOH A O   1 
HETATM 1524 O O   . HOH E 3 .   ? 2.124   -18.132 7.710   1.00 39.16 ? 2046 HOH A O   1 
HETATM 1525 O O   . HOH E 3 .   ? 0.540   -0.047  -16.688 1.00 19.37 ? 2047 HOH A O   1 
HETATM 1526 O O   . HOH E 3 .   ? -12.673 5.290   -15.975 1.00 24.54 ? 2048 HOH A O   1 
HETATM 1527 O O   . HOH E 3 .   ? -17.039 4.871   -13.080 1.00 39.04 ? 2049 HOH A O   1 
HETATM 1528 O O   . HOH E 3 .   ? -13.192 -5.175  -9.572  1.00 28.43 ? 2050 HOH A O   1 
HETATM 1529 O O   . HOH E 3 .   ? 4.832   -0.918  -15.506 1.00 39.34 ? 2051 HOH A O   1 
HETATM 1530 O O   . HOH E 3 .   ? -10.079 -6.412  -17.201 1.00 39.17 ? 2052 HOH A O   1 
HETATM 1531 O O   . HOH E 3 .   ? -10.480 -1.860  -11.584 1.00 14.13 ? 2053 HOH A O   1 
HETATM 1532 O O   . HOH E 3 .   ? -8.062  -10.520 -10.398 1.00 30.45 ? 2054 HOH A O   1 
HETATM 1533 O O   . HOH E 3 .   ? -11.604 -8.367  -4.812  1.00 34.26 ? 2055 HOH A O   1 
HETATM 1534 O O   . HOH E 3 .   ? 4.280   14.071  -15.334 1.00 46.11 ? 2056 HOH A O   1 
HETATM 1535 O O   . HOH E 3 .   ? -10.413 -2.953  -9.084  1.00 12.14 ? 2057 HOH A O   1 
HETATM 1536 O O   . HOH E 3 .   ? 6.702   20.010  2.716   1.00 39.22 ? 2058 HOH A O   1 
HETATM 1537 O O   . HOH E 3 .   ? -8.281  24.453  -3.879  1.00 25.50 ? 2059 HOH A O   1 
HETATM 1538 O O   . HOH E 3 .   ? -8.136  6.594   -7.031  1.00 19.04 ? 2060 HOH A O   1 
HETATM 1539 O O   . HOH E 3 .   ? -1.034  23.320  5.938   1.00 55.44 ? 2061 HOH A O   1 
HETATM 1540 O O   . HOH E 3 .   ? 15.727  1.361   -2.170  1.00 17.63 ? 2062 HOH A O   1 
HETATM 1541 O O   . HOH E 3 .   ? 15.310  -0.204  -7.252  1.00 25.59 ? 2063 HOH A O   1 
HETATM 1542 O O   . HOH E 3 .   ? -8.667  16.637  6.070   1.00 25.57 ? 2064 HOH A O   1 
HETATM 1543 O O   . HOH E 3 .   ? -4.381  23.087  5.410   1.00 34.39 ? 2065 HOH A O   1 
HETATM 1544 O O   . HOH E 3 .   ? 11.725  -8.267  6.298   1.00 19.19 ? 2066 HOH A O   1 
HETATM 1545 O O   . HOH E 3 .   ? 21.869  -0.604  6.468   1.00 32.70 ? 2067 HOH A O   1 
HETATM 1546 O O   . HOH E 3 .   ? 19.464  1.855   3.744   1.00 28.92 ? 2068 HOH A O   1 
HETATM 1547 O O   . HOH E 3 .   ? 14.168  -6.804  9.966   1.00 21.78 ? 2069 HOH A O   1 
HETATM 1548 O O   . HOH E 3 .   ? 20.663  -0.795  11.639  1.00 26.88 ? 2070 HOH A O   1 
HETATM 1549 O O   . HOH E 3 .   ? 16.900  1.475   12.866  1.00 30.79 ? 2071 HOH A O   1 
HETATM 1550 O O   . HOH E 3 .   ? 16.916  4.668   9.505   1.00 27.32 ? 2072 HOH A O   1 
HETATM 1551 O O   . HOH E 3 .   ? 12.688  0.890   12.771  1.00 30.54 ? 2073 HOH A O   1 
HETATM 1552 O O   . HOH E 3 .   ? 11.634  -7.593  9.055   1.00 18.31 ? 2074 HOH A O   1 
HETATM 1553 O O   . HOH E 3 .   ? 3.989   -10.044 13.330  1.00 19.27 ? 2075 HOH A O   1 
HETATM 1554 O O   . HOH E 3 .   ? 7.246   -11.127 13.467  1.00 32.46 ? 2076 HOH A O   1 
HETATM 1555 O O   . HOH E 3 .   ? 9.336   -8.014  11.289  1.00 20.64 ? 2077 HOH A O   1 
HETATM 1556 O O   . HOH E 3 .   ? 11.665  -1.254  12.828  1.00 20.47 ? 2078 HOH A O   1 
HETATM 1557 O O   . HOH E 3 .   ? 8.580   -0.065  15.366  1.00 37.63 ? 2079 HOH A O   1 
HETATM 1558 O O   . HOH E 3 .   ? -0.588  0.484   14.595  1.00 16.92 ? 2080 HOH A O   1 
HETATM 1559 O O   . HOH E 3 .   ? 2.816   3.137   13.682  1.00 30.23 ? 2081 HOH A O   1 
HETATM 1560 O O   . HOH E 3 .   ? -0.134  5.310   9.488   1.00 30.41 ? 2082 HOH A O   1 
HETATM 1561 O O   . HOH E 3 .   ? -7.714  5.864   5.807   1.00 25.87 ? 2083 HOH A O   1 
HETATM 1562 O O   . HOH E 3 .   ? -6.208  10.331  6.210   1.00 22.83 ? 2084 HOH A O   1 
HETATM 1563 O O   . HOH E 3 .   ? -1.257  7.471   9.117   1.00 27.48 ? 2085 HOH A O   1 
HETATM 1564 O O   . HOH E 3 .   ? -13.684 4.033   8.476   1.00 19.09 ? 2086 HOH A O   1 
HETATM 1565 O O   . HOH E 3 .   ? -11.240 0.095   12.707  1.00 24.02 ? 2087 HOH A O   1 
HETATM 1566 O O   . HOH E 3 .   ? -11.244 -4.024  1.924   1.00 10.96 ? 2088 HOH A O   1 
HETATM 1567 O O   . HOH E 3 .   ? -10.523 -1.675  4.693   1.00 17.36 ? 2089 HOH A O   1 
HETATM 1568 O O   . HOH E 3 .   ? -17.699 -3.877  5.386   1.00 35.45 ? 2090 HOH A O   1 
HETATM 1569 O O   . HOH E 3 .   ? -12.455 -7.656  -2.156  1.00 20.17 ? 2091 HOH A O   1 
HETATM 1570 O O   . HOH E 3 .   ? -18.031 -5.324  -1.656  1.00 23.89 ? 2092 HOH A O   1 
HETATM 1571 O O   . HOH E 3 .   ? -16.058 3.856   5.210   1.00 26.07 ? 2093 HOH A O   1 
HETATM 1572 O O   . HOH E 3 .   ? -11.140 5.707   6.819   1.00 32.23 ? 2094 HOH A O   1 
HETATM 1573 O O   . HOH E 3 .   ? -13.396 3.070   5.699   1.00 16.12 ? 2095 HOH A O   1 
HETATM 1574 O O   . HOH E 3 .   ? -18.391 7.488   -2.101  1.00 40.21 ? 2096 HOH A O   1 
HETATM 1575 O O   . HOH E 3 .   ? -18.364 7.591   -2.061  1.00 41.87 ? 2097 HOH A O   1 
HETATM 1576 O O   . HOH E 3 .   ? -19.799 6.926   1.708   1.00 29.42 ? 2098 HOH A O   1 
HETATM 1577 O O   . HOH E 3 .   ? -9.529  5.884   0.082   1.00 14.98 ? 2099 HOH A O   1 
HETATM 1578 O O   . HOH E 3 .   ? -15.708 6.245   -4.632  1.00 19.09 ? 2100 HOH A O   1 
HETATM 1579 O O   . HOH E 3 .   ? -17.207 3.031   -7.203  1.00 14.41 ? 2101 HOH A O   1 
HETATM 1580 O O   . HOH E 3 .   ? -15.312 -2.017  -7.707  1.00 17.88 ? 2102 HOH A O   1 
HETATM 1581 O O   . HOH E 3 .   ? -14.522 0.761   -8.623  1.00 14.81 ? 2103 HOH A O   1 
HETATM 1582 O O   . HOH E 3 .   ? -13.835 5.794   -7.239  1.00 23.88 ? 2104 HOH A O   1 
HETATM 1583 O O   . HOH E 3 .   ? -9.056  -0.276  2.609   1.00 15.10 ? 2105 HOH A O   1 
HETATM 1584 O O   . HOH E 3 .   ? -9.784  -6.505  2.011   1.00 16.03 ? 2106 HOH A O   1 
HETATM 1585 O O   . HOH E 3 .   ? 4.683   -7.142  1.781   1.00 14.66 ? 2107 HOH A O   1 
HETATM 1586 O O   . HOH E 3 .   ? 5.192   -14.411 -2.218  1.00 17.45 ? 2108 HOH A O   1 
HETATM 1587 O O   . HOH E 3 .   ? -2.038  -16.383 1.128   1.00 29.76 ? 2109 HOH A O   1 
HETATM 1588 O O   . HOH E 3 .   ? 7.993   -13.318 -4.689  1.00 45.10 ? 2110 HOH A O   1 
HETATM 1589 O O   . HOH E 3 .   ? 11.072  -11.627 4.561   1.00 20.46 ? 2111 HOH A O   1 
HETATM 1590 O O   . HOH E 3 .   ? 4.572   -18.434 6.190   1.00 19.30 ? 2112 HOH A O   1 
HETATM 1591 O O   . HOH E 3 .   ? 9.931   -10.262 6.999   1.00 31.34 ? 2113 HOH A O   1 
HETATM 1592 O O   . HOH E 3 .   ? 7.465   -14.111 10.515  1.00 23.14 ? 2114 HOH A O   1 
HETATM 1593 O O   . HOH E 3 .   ? 0.058   -19.995 1.991   1.00 43.99 ? 2115 HOH A O   1 
HETATM 1594 O O   . HOH E 3 .   ? -0.181  -19.608 6.697   1.00 44.57 ? 2116 HOH A O   1 
HETATM 1595 O O   . HOH E 3 .   ? -4.329  -14.000 10.947  1.00 23.45 ? 2117 HOH A O   1 
HETATM 1596 O O   . HOH E 3 .   ? 6.372   -13.256 12.947  1.00 35.33 ? 2118 HOH A O   1 
HETATM 1597 O O   . HOH E 3 .   ? 3.040   -5.707  13.339  1.00 20.70 ? 2119 HOH A O   1 
HETATM 1598 O O   . HOH E 3 .   ? -0.370  -17.514 15.704  1.00 26.97 ? 2120 HOH A O   1 
HETATM 1599 O O   . HOH E 3 .   ? -0.316  -13.433 17.530  1.00 39.31 ? 2121 HOH A O   1 
HETATM 1600 O O   . HOH E 3 .   ? -6.708  -0.546  12.584  1.00 22.22 ? 2122 HOH A O   1 
HETATM 1601 O O   . HOH E 3 .   ? -15.739 -6.066  9.188   1.00 20.07 ? 2123 HOH A O   1 
HETATM 1602 O O   . HOH E 3 .   ? -9.999  -11.431 9.954   1.00 34.97 ? 2124 HOH A O   1 
HETATM 1603 O O   . HOH E 3 .   ? -6.242  -9.696  -4.425  1.00 15.83 ? 2125 HOH A O   1 
HETATM 1604 O O   . HOH E 3 .   ? -10.666 -8.219  0.104   1.00 19.99 ? 2126 HOH A O   1 
HETATM 1605 O O   . HOH E 3 .   ? -9.262  -12.048 -0.454  1.00 31.05 ? 2127 HOH A O   1 
HETATM 1606 O O   . HOH E 3 .   ? -6.464  -13.442 2.940   1.00 25.71 ? 2128 HOH A O   1 
HETATM 1607 O O   . HOH E 3 .   ? 5.921   -11.944 -6.141  1.00 27.51 ? 2129 HOH A O   1 
HETATM 1608 O O   . HOH E 3 .   ? 2.275   -14.549 -6.886  1.00 30.91 ? 2130 HOH A O   1 
HETATM 1609 O O   . HOH E 3 .   ? 2.751   0.616   -15.304 1.00 21.77 ? 2131 HOH A O   1 
HETATM 1610 O O   . HOH E 3 .   ? 1.785   3.818   -15.475 1.00 36.35 ? 2132 HOH A O   1 
HETATM 1611 O O   . HOH E 3 .   ? 5.920   -1.233  -13.120 1.00 28.48 ? 2133 HOH A O   1 
HETATM 1612 O O   . HOH E 3 .   ? 5.516   5.938   -13.607 1.00 26.54 ? 2134 HOH A O   1 
HETATM 1613 O O   . HOH E 3 .   ? 8.312   9.350   -8.622  1.00 18.19 ? 2135 HOH A O   1 
HETATM 1614 O O   . HOH E 3 .   ? 4.040   8.924   -16.202 1.00 26.58 ? 2136 HOH A O   1 
HETATM 1615 O O   . HOH E 3 .   ? 6.947   12.466  -10.193 1.00 21.60 ? 2137 HOH A O   1 
HETATM 1616 O O   . HOH E 3 .   ? 2.400   11.808  -15.465 1.00 12.04 ? 2138 HOH A O   1 
HETATM 1617 O O   . HOH E 3 .   ? -4.055  8.478   -16.419 1.00 21.23 ? 2139 HOH A O   1 
HETATM 1618 O O   . HOH E 3 .   ? 0.432   15.336  -9.844  1.00 11.48 ? 2140 HOH A O   1 
HETATM 1619 O O   . HOH E 3 .   ? -3.034  18.523  -8.571  1.00 17.53 ? 2141 HOH A O   1 
HETATM 1620 O O   . HOH E 3 .   ? 1.050   16.875  -6.682  1.00 26.93 ? 2142 HOH A O   1 
HETATM 1621 O O   . HOH E 3 .   ? 6.342   18.206  0.852   1.00 15.13 ? 2143 HOH A O   1 
HETATM 1622 O O   . HOH E 3 .   ? 8.372   17.295  -3.566  1.00 34.91 ? 2144 HOH A O   1 
HETATM 1623 O O   . HOH E 3 .   ? 3.311   15.512  -10.816 1.00 5.70  ? 2145 HOH A O   1 
HETATM 1624 O O   . HOH E 3 .   ? -0.594  19.167  -6.587  1.00 18.60 ? 2146 HOH A O   1 
HETATM 1625 O O   . HOH E 3 .   ? -2.617  21.212  -6.660  1.00 30.95 ? 2147 HOH A O   1 
HETATM 1626 O O   . HOH E 3 .   ? -7.182  23.187  -6.594  1.00 38.29 ? 2148 HOH A O   1 
HETATM 1627 O O   . HOH E 3 .   ? -9.205  13.131  -8.045  1.00 32.81 ? 2149 HOH A O   1 
HETATM 1628 O O   . HOH E 3 .   ? -6.026  20.066  -8.269  1.00 25.32 ? 2150 HOH A O   1 
HETATM 1629 O O   . HOH E 3 .   ? -6.486  25.477  -2.261  1.00 26.09 ? 2151 HOH A O   1 
HETATM 1630 O O   . HOH E 3 .   ? 1.966   24.763  -3.437  1.00 15.45 ? 2152 HOH A O   1 
HETATM 1631 O O   . HOH E 3 .   ? -1.057  17.514  0.204   1.00 7.30  ? 2153 HOH A O   1 
HETATM 1632 O O   . HOH E 3 .   ? -0.006  21.064  4.673   1.00 15.49 ? 2154 HOH A O   1 
HETATM 1633 O O   . HOH E 3 .   ? 4.633   20.438  4.118   1.00 19.47 ? 2155 HOH A O   1 
HETATM 1634 O O   . HOH E 3 .   ? 8.550   19.238  4.321   1.00 21.41 ? 2156 HOH A O   1 
HETATM 1635 O O   . HOH E 3 .   ? 3.346   18.560  6.734   1.00 30.65 ? 2157 HOH A O   1 
HETATM 1636 O O   . HOH E 3 .   ? 8.281   16.491  1.855   1.00 17.69 ? 2158 HOH A O   1 
HETATM 1637 O O   . HOH E 3 .   ? 11.266  16.745  10.374  1.00 40.39 ? 2159 HOH A O   1 
HETATM 1638 O O   . HOH E 3 .   ? 13.615  13.068  5.932   1.00 19.56 ? 2160 HOH A O   1 
HETATM 1639 O O   . HOH E 3 .   ? 11.116  7.746   1.245   1.00 33.38 ? 2161 HOH A O   1 
HETATM 1640 O O   . HOH E 3 .   ? -3.089  17.712  8.921   1.00 18.84 ? 2162 HOH A O   1 
HETATM 1641 O O   . HOH E 3 .   ? -2.129  10.364  10.153  1.00 24.04 ? 2163 HOH A O   1 
HETATM 1642 O O   . HOH E 3 .   ? -8.450  13.737  5.608   1.00 15.63 ? 2164 HOH A O   1 
HETATM 1643 O O   . HOH E 3 .   ? -8.807  15.548  2.035   1.00 13.16 ? 2165 HOH A O   1 
HETATM 1644 O O   . HOH E 3 .   ? -12.687 9.673   1.608   1.00 12.08 ? 2166 HOH A O   1 
HETATM 1645 O O   . HOH E 3 .   ? -3.481  20.307  -0.768  1.00 8.66  ? 2167 HOH A O   1 
HETATM 1646 O O   . HOH E 3 .   ? -8.086  17.844  3.313   1.00 15.73 ? 2168 HOH A O   1 
HETATM 1647 O O   . HOH E 3 .   ? -5.679  21.512  3.018   1.00 20.74 ? 2169 HOH A O   1 
HETATM 1648 O O   . HOH E 3 .   ? -10.076 7.734   5.955   1.00 51.78 ? 2170 HOH A O   1 
HETATM 1649 O O   . HOH E 3 .   ? -10.174 8.058   6.313   1.00 51.04 ? 2171 HOH A O   1 
# 
